data_4MJL
#
_entry.id   4MJL
#
_cell.length_a   106.758
_cell.length_b   110.575
_cell.length_c   127.194
_cell.angle_alpha   90.000
_cell.angle_beta   90.000
_cell.angle_gamma   90.000
#
_symmetry.space_group_name_H-M   'P 21 21 21'
#
loop_
_entity.id
_entity.type
_entity.pdbx_description
1 polymer 'Inositol 2-dehydrogenase/D-chiro-inositol 3-dehydrogenase'
2 non-polymer NICOTINAMIDE-ADENINE-DINUCLEOTIDE
3 non-polymer GLYCEROL
4 non-polymer 'SULFATE ION'
5 non-polymer (1R,2R,3S,4S,5S,6S)-CYCLOHEXANE-1,2,3,4,5,6-HEXOL
6 water water
#
_entity_poly.entity_id   1
_entity_poly.type   'polypeptide(L)'
_entity_poly.pdbx_seq_one_letter_code
;MRGSHHHHHHGSMVVKVGVIGTGAMGRAHIDRLTNVLTGAEVVAVTDIDHEAAEAAVRDFHLNAKVYPDDTSLLQDPDID
AVFVVSFGGAHEATVLKALDTDKFIFTEKPLATTLEGAKRIVDKELTKSKKVIQVGFMRRYDQGIRALKEKLDTGIIGAP
LVVRASHINPNVASNYSNEMAITDTLIHEIDEMHWLLDDEYTSIQITYPRQSAEVRNEGLHDPQLATLTTKKGTVIQVLV
HVTAQYGYEVKLEVIGETGELQLPNYGLGPILRSNANQQTAVEMSWINRFIQAYNTEVQEFIDEVAKSEPPVGPSAWDGY
IAAITAAAANRSQKDQETVLINVAGTPTFYQ
;
_entity_poly.pdbx_strand_id   A,B,C,D
#
loop_
_chem_comp.id
_chem_comp.type
_chem_comp.name
_chem_comp.formula
CBU non-polymer (1R,2R,3S,4S,5S,6S)-CYCLOHEXANE-1,2,3,4,5,6-HEXOL 'C6 H12 O6'
GOL non-polymer GLYCEROL 'C3 H8 O3'
NAD non-polymer NICOTINAMIDE-ADENINE-DINUCLEOTIDE 'C21 H27 N7 O14 P2'
SO4 non-polymer 'SULFATE ION' 'O4 S -2'
#
# COMPACT_ATOMS: atom_id res chain seq x y z
N MET A 13 31.48 30.03 14.11
CA MET A 13 32.19 29.53 15.31
C MET A 13 31.52 28.30 16.02
N VAL A 14 32.37 27.42 16.56
CA VAL A 14 31.91 26.10 17.03
C VAL A 14 31.26 26.19 18.42
N VAL A 15 30.12 25.52 18.62
CA VAL A 15 29.45 25.52 19.92
C VAL A 15 30.18 24.52 20.82
N LYS A 16 30.69 24.98 21.97
CA LYS A 16 31.40 24.10 22.91
C LYS A 16 30.42 23.59 23.94
N VAL A 17 30.35 22.27 24.03
CA VAL A 17 29.31 21.59 24.78
C VAL A 17 29.91 20.80 25.98
N GLY A 18 29.21 20.84 27.11
CA GLY A 18 29.51 19.90 28.16
C GLY A 18 28.38 18.87 28.29
N VAL A 19 28.74 17.62 28.56
CA VAL A 19 27.77 16.51 28.68
C VAL A 19 27.83 15.93 30.10
N ILE A 20 26.71 16.03 30.78
CA ILE A 20 26.45 15.53 32.14
C ILE A 20 25.65 14.20 32.09
N GLY A 21 26.32 13.08 32.29
CA GLY A 21 25.75 11.74 32.16
C GLY A 21 26.23 11.18 30.87
N THR A 22 27.18 10.29 30.92
CA THR A 22 27.77 9.65 29.76
C THR A 22 27.46 8.13 29.68
N GLY A 23 26.18 7.81 29.73
CA GLY A 23 25.66 6.45 29.63
C GLY A 23 25.24 6.18 28.20
N ALA A 24 24.21 5.37 27.99
CA ALA A 24 23.85 4.97 26.62
C ALA A 24 23.41 6.21 25.79
N MET A 25 22.45 6.98 26.27
CA MET A 25 21.96 8.13 25.48
C MET A 25 23.00 9.27 25.50
N GLY A 26 23.71 9.42 26.61
CA GLY A 26 24.75 10.44 26.67
C GLY A 26 25.80 10.18 25.62
N ARG A 27 26.27 8.94 25.52
CA ARG A 27 27.26 8.60 24.52
C ARG A 27 26.71 8.73 23.09
N ALA A 28 25.43 8.45 22.94
CA ALA A 28 24.83 8.60 21.61
C ALA A 28 24.73 10.08 21.23
N HIS A 29 24.41 10.96 22.18
CA HIS A 29 24.46 12.40 21.91
C HIS A 29 25.88 12.87 21.67
N ILE A 30 26.86 12.36 22.43
CA ILE A 30 28.28 12.67 22.11
C ILE A 30 28.69 12.28 20.69
N ASP A 31 28.28 11.08 20.27
CA ASP A 31 28.51 10.62 18.94
C ASP A 31 27.82 11.53 17.90
N ARG A 32 26.61 11.98 18.19
CA ARG A 32 25.94 12.92 17.30
C ARG A 32 26.77 14.19 17.16
N LEU A 33 27.19 14.73 18.29
CA LEU A 33 27.88 16.05 18.30
C LEU A 33 29.25 15.94 17.68
N THR A 34 29.85 14.77 17.75
CA THR A 34 31.25 14.56 17.33
C THR A 34 31.42 14.05 15.92
N ASN A 35 30.53 13.14 15.55
CA ASN A 35 30.68 12.38 14.32
C ASN A 35 29.59 12.69 13.27
N VAL A 36 28.37 12.98 13.72
CA VAL A 36 27.24 13.07 12.80
C VAL A 36 26.88 14.50 12.38
N LEU A 37 26.76 15.41 13.34
CA LEU A 37 26.24 16.75 13.12
C LEU A 37 27.37 17.77 12.98
N THR A 38 27.01 18.94 12.49
CA THR A 38 27.94 20.02 12.24
C THR A 38 27.84 21.17 13.26
N GLY A 39 28.99 21.73 13.64
CA GLY A 39 29.03 22.99 14.37
C GLY A 39 29.21 22.90 15.88
N ALA A 40 29.53 21.70 16.41
CA ALA A 40 29.71 21.56 17.86
C ALA A 40 30.95 20.75 18.19
N GLU A 41 31.44 20.88 19.42
CA GLU A 41 32.50 19.99 19.95
C GLU A 41 32.27 19.70 21.41
N VAL A 42 32.40 18.46 21.84
CA VAL A 42 32.23 18.18 23.27
C VAL A 42 33.60 18.45 23.93
N VAL A 43 33.63 19.45 24.80
CA VAL A 43 34.88 19.80 25.47
C VAL A 43 34.89 19.43 26.94
N ALA A 44 33.79 18.90 27.49
CA ALA A 44 33.74 18.55 28.93
C ALA A 44 32.72 17.46 29.10
N VAL A 45 32.97 16.55 30.05
CA VAL A 45 31.97 15.52 30.43
C VAL A 45 32.00 15.35 31.93
N THR A 46 30.93 14.82 32.50
CA THR A 46 30.95 14.40 33.88
C THR A 46 30.01 13.21 33.99
N ASP A 47 30.30 12.29 34.89
CA ASP A 47 29.40 11.17 35.18
C ASP A 47 29.65 10.79 36.67
N ILE A 48 28.61 10.42 37.43
CA ILE A 48 28.88 9.96 38.78
C ILE A 48 29.70 8.72 38.73
N ASP A 49 29.75 8.07 37.58
CA ASP A 49 30.64 6.98 37.34
C ASP A 49 31.88 7.42 36.59
N HIS A 50 32.87 7.84 37.37
CA HIS A 50 33.94 8.58 36.79
C HIS A 50 34.53 7.79 35.66
N GLU A 51 34.44 6.50 35.73
CA GLU A 51 35.00 5.67 34.67
C GLU A 51 34.16 5.65 33.36
N ALA A 52 32.88 5.93 33.49
CA ALA A 52 32.03 6.08 32.29
C ALA A 52 32.54 7.36 31.59
N ALA A 53 32.79 8.40 32.38
CA ALA A 53 33.20 9.68 31.79
C ALA A 53 34.51 9.53 31.09
N GLU A 54 35.50 8.90 31.73
CA GLU A 54 36.76 8.64 31.04
C GLU A 54 36.63 7.81 29.80
N ALA A 55 35.73 6.85 29.81
CA ALA A 55 35.56 6.01 28.62
C ALA A 55 34.99 6.83 27.42
N ALA A 56 34.11 7.78 27.74
CA ALA A 56 33.48 8.62 26.71
C ALA A 56 34.55 9.43 26.05
N VAL A 57 35.40 10.06 26.85
CA VAL A 57 36.50 10.82 26.31
C VAL A 57 37.37 9.98 25.44
N ARG A 58 37.70 8.76 25.88
CA ARG A 58 38.58 7.87 25.13
C ARG A 58 38.02 7.27 23.81
N ASP A 59 36.83 6.69 23.89
CA ASP A 59 36.18 6.08 22.75
C ASP A 59 35.88 7.07 21.62
N PHE A 60 35.50 8.30 22.00
CA PHE A 60 35.13 9.28 20.96
C PHE A 60 36.27 10.22 20.64
N HIS A 61 37.43 9.96 21.26
CA HIS A 61 38.67 10.72 20.92
C HIS A 61 38.48 12.17 21.15
N LEU A 62 37.85 12.48 22.25
CA LEU A 62 37.52 13.83 22.59
C LEU A 62 38.78 14.56 23.11
N ASN A 63 38.84 15.85 22.88
CA ASN A 63 39.78 16.73 23.58
C ASN A 63 38.92 17.41 24.60
N ALA A 64 38.69 16.72 25.71
CA ALA A 64 37.75 17.21 26.72
C ALA A 64 38.23 16.91 28.16
N LYS A 65 37.79 17.78 29.01
CA LYS A 65 38.10 17.69 30.43
C LYS A 65 37.08 16.75 31.07
N VAL A 66 37.53 15.87 31.96
CA VAL A 66 36.57 15.14 32.81
C VAL A 66 36.41 15.88 34.11
N TYR A 67 35.22 16.38 34.40
CA TYR A 67 34.94 17.07 35.64
C TYR A 67 34.40 16.11 36.73
N PRO A 68 34.78 16.33 38.00
CA PRO A 68 34.27 15.43 39.07
C PRO A 68 32.74 15.45 39.29
N ASP A 69 32.07 16.56 38.98
CA ASP A 69 30.63 16.70 39.19
C ASP A 69 30.03 17.76 38.26
N ASP A 70 28.71 17.89 38.27
CA ASP A 70 28.05 18.86 37.42
C ASP A 70 28.37 20.29 37.88
N THR A 71 28.56 20.46 39.19
CA THR A 71 28.79 21.79 39.71
C THR A 71 30.05 22.31 39.14
N SER A 72 31.10 21.51 39.15
CA SER A 72 32.36 22.00 38.64
C SER A 72 32.30 22.26 37.11
N LEU A 73 31.60 21.39 36.37
CA LEU A 73 31.53 21.51 34.89
C LEU A 73 30.91 22.80 34.49
N LEU A 74 29.89 23.16 35.23
CA LEU A 74 29.00 24.26 34.96
C LEU A 74 29.66 25.61 35.32
N GLN A 75 30.83 25.53 35.95
CA GLN A 75 31.57 26.76 36.28
C GLN A 75 32.61 27.06 35.21
N ASP A 76 32.70 26.23 34.16
CA ASP A 76 33.74 26.37 33.13
C ASP A 76 33.18 27.41 32.15
N PRO A 77 33.83 28.61 32.06
CA PRO A 77 33.10 29.69 31.37
C PRO A 77 33.22 29.52 29.84
N ASP A 78 33.99 28.55 29.38
CA ASP A 78 34.14 28.33 27.93
C ASP A 78 33.10 27.36 27.32
N ILE A 79 32.28 26.74 28.16
CA ILE A 79 31.18 25.87 27.72
C ILE A 79 29.97 26.74 27.38
N ASP A 80 29.49 26.58 26.13
CA ASP A 80 28.35 27.33 25.65
C ASP A 80 26.99 26.71 26.04
N ALA A 81 26.96 25.38 26.07
CA ALA A 81 25.75 24.63 26.25
C ALA A 81 26.04 23.34 26.98
N VAL A 82 25.11 22.94 27.82
CA VAL A 82 25.22 21.63 28.45
C VAL A 82 24.05 20.69 28.02
N PHE A 83 24.41 19.41 27.88
CA PHE A 83 23.47 18.31 27.62
C PHE A 83 23.33 17.54 28.92
N VAL A 84 22.10 17.42 29.42
CA VAL A 84 21.84 16.73 30.69
C VAL A 84 21.23 15.40 30.31
N VAL A 85 22.00 14.35 30.47
CA VAL A 85 21.65 13.01 30.04
C VAL A 85 21.86 11.96 31.14
N SER A 86 21.65 12.39 32.36
CA SER A 86 21.78 11.53 33.54
C SER A 86 20.46 10.77 33.79
N PHE A 87 20.38 9.97 34.85
CA PHE A 87 19.10 9.39 35.23
C PHE A 87 18.05 10.46 35.26
N GLY A 88 16.82 10.11 34.87
CA GLY A 88 15.73 11.07 34.92
C GLY A 88 15.57 11.80 36.25
N GLY A 89 15.63 11.05 37.36
CA GLY A 89 15.48 11.69 38.67
C GLY A 89 16.59 12.70 38.98
N ALA A 90 17.70 12.67 38.24
CA ALA A 90 18.84 13.57 38.46
C ALA A 90 18.75 14.87 37.63
N HIS A 91 17.72 15.02 36.76
CA HIS A 91 17.65 16.21 35.88
C HIS A 91 17.30 17.50 36.55
N GLU A 92 16.27 17.47 37.39
CA GLU A 92 15.78 18.63 38.06
C GLU A 92 16.89 19.44 38.75
N ALA A 93 17.67 18.81 39.63
CA ALA A 93 18.72 19.52 40.40
C ALA A 93 19.77 20.03 39.44
N THR A 94 20.14 19.20 38.46
CA THR A 94 21.18 19.60 37.52
C THR A 94 20.71 20.78 36.65
N VAL A 95 19.46 20.78 36.21
CA VAL A 95 18.89 21.88 35.44
C VAL A 95 18.81 23.16 36.25
N LEU A 96 18.37 23.03 37.52
CA LEU A 96 18.38 24.16 38.47
C LEU A 96 19.81 24.72 38.70
N LYS A 97 20.83 23.88 38.82
CA LYS A 97 22.22 24.37 38.92
C LYS A 97 22.63 25.11 37.64
N ALA A 98 22.26 24.56 36.48
CA ALA A 98 22.70 25.16 35.22
C ALA A 98 21.95 26.49 34.99
N LEU A 99 20.76 26.64 35.56
CA LEU A 99 20.09 27.92 35.48
C LEU A 99 20.71 29.11 36.30
N ASP A 100 21.73 28.83 37.11
CA ASP A 100 22.53 29.86 37.80
C ASP A 100 23.66 30.33 36.87
N THR A 101 23.91 29.63 35.75
CA THR A 101 24.83 30.09 34.69
C THR A 101 24.04 30.70 33.55
N ASP A 102 24.75 31.14 32.52
CA ASP A 102 24.16 31.74 31.34
C ASP A 102 24.12 30.69 30.20
N LYS A 103 24.43 29.45 30.53
CA LYS A 103 24.59 28.45 29.48
C LYS A 103 23.19 28.03 28.89
N PHE A 104 23.17 27.64 27.61
CA PHE A 104 21.98 27.00 27.05
C PHE A 104 21.95 25.56 27.60
N ILE A 105 20.76 24.98 27.68
CA ILE A 105 20.62 23.69 28.36
C ILE A 105 19.72 22.80 27.43
N PHE A 106 20.29 21.65 27.02
CA PHE A 106 19.50 20.62 26.39
C PHE A 106 19.34 19.50 27.41
N THR A 107 18.14 19.25 27.87
CA THR A 107 17.95 18.16 28.81
C THR A 107 17.13 17.07 28.13
N GLU A 108 17.56 15.84 28.28
CA GLU A 108 16.73 14.75 27.80
C GLU A 108 15.46 14.78 28.62
N LYS A 109 14.40 14.15 28.11
CA LYS A 109 13.22 13.94 28.91
C LYS A 109 13.58 13.01 30.06
N PRO A 110 12.87 13.15 31.20
CA PRO A 110 11.84 14.16 31.50
C PRO A 110 12.49 15.49 31.97
N LEU A 111 11.74 16.57 32.01
CA LEU A 111 12.34 17.79 32.55
C LEU A 111 12.66 17.52 34.05
N ALA A 112 11.81 16.72 34.67
CA ALA A 112 11.96 16.30 36.05
C ALA A 112 11.00 15.12 36.23
N THR A 113 11.22 14.37 37.29
CA THR A 113 10.40 13.18 37.56
C THR A 113 9.17 13.51 38.39
N THR A 114 9.04 14.72 38.89
CA THR A 114 7.79 15.09 39.53
C THR A 114 7.38 16.36 38.96
N LEU A 115 6.10 16.64 39.05
CA LEU A 115 5.60 17.85 38.47
C LEU A 115 6.00 19.05 39.32
N GLU A 116 6.34 18.79 40.58
CA GLU A 116 6.77 19.87 41.44
C GLU A 116 8.15 20.34 41.02
N GLY A 117 9.04 19.36 40.82
CA GLY A 117 10.35 19.57 40.22
C GLY A 117 10.27 20.36 38.94
N ALA A 118 9.38 19.94 38.05
CA ALA A 118 9.21 20.64 36.78
C ALA A 118 8.75 22.06 36.98
N LYS A 119 7.84 22.31 37.93
CA LYS A 119 7.42 23.70 38.26
C LYS A 119 8.61 24.56 38.81
N ARG A 120 9.51 23.96 39.60
CA ARG A 120 10.65 24.69 40.17
C ARG A 120 11.50 25.24 38.95
N ILE A 121 11.65 24.40 37.92
CA ILE A 121 12.47 24.73 36.75
C ILE A 121 11.82 25.82 35.97
N VAL A 122 10.53 25.69 35.67
CA VAL A 122 9.77 26.69 34.96
C VAL A 122 9.76 28.09 35.70
N ASP A 123 9.69 28.04 37.03
CA ASP A 123 9.80 29.26 37.82
C ASP A 123 11.23 29.85 37.78
N LYS A 124 12.31 29.09 37.96
CA LYS A 124 13.64 29.69 37.90
C LYS A 124 13.93 30.22 36.46
N GLU A 125 13.52 29.46 35.45
CA GLU A 125 13.73 29.91 34.07
C GLU A 125 13.00 31.20 33.71
N LEU A 126 11.77 31.35 34.18
CA LEU A 126 11.02 32.56 33.92
C LEU A 126 11.60 33.87 34.59
N THR A 127 12.62 33.72 35.44
CA THR A 127 13.30 34.87 36.05
C THR A 127 14.42 35.34 35.12
N LYS A 128 14.78 34.50 34.12
CA LYS A 128 15.92 34.77 33.27
C LYS A 128 15.49 35.71 32.14
N SER A 129 16.51 36.34 31.50
CA SER A 129 16.23 37.36 30.49
C SER A 129 15.74 36.70 29.19
N LYS A 130 16.11 35.41 29.03
CA LYS A 130 15.76 34.68 27.81
C LYS A 130 15.70 33.17 28.09
N LYS A 131 14.90 32.49 27.28
CA LYS A 131 14.80 31.03 27.35
C LYS A 131 16.11 30.34 26.97
N VAL A 132 16.52 29.31 27.71
CA VAL A 132 17.73 28.58 27.44
C VAL A 132 17.51 27.06 27.37
N ILE A 133 16.33 26.59 27.81
CA ILE A 133 16.12 25.11 27.95
C ILE A 133 15.36 24.52 26.74
N GLN A 134 15.92 23.47 26.18
CA GLN A 134 15.19 22.61 25.25
C GLN A 134 15.10 21.23 25.90
N VAL A 135 13.95 20.57 25.77
CA VAL A 135 13.78 19.24 26.35
C VAL A 135 13.74 18.23 25.17
N GLY A 136 14.36 17.07 25.33
CA GLY A 136 14.52 16.09 24.24
C GLY A 136 13.32 15.29 23.73
N PHE A 137 12.18 15.93 23.55
CA PHE A 137 11.04 15.28 22.91
C PHE A 137 11.18 15.24 21.37
N MET A 138 11.87 14.22 20.89
CA MET A 138 12.29 14.18 19.49
C MET A 138 11.16 13.91 18.49
N ARG A 139 10.02 13.40 18.95
CA ARG A 139 8.97 13.00 17.98
C ARG A 139 8.63 14.18 17.09
N ARG A 140 8.69 15.40 17.63
CA ARG A 140 8.27 16.58 16.90
C ARG A 140 9.16 16.79 15.68
N TYR A 141 10.33 16.16 15.67
CA TYR A 141 11.29 16.39 14.61
C TYR A 141 11.24 15.25 13.59
N ASP A 142 10.45 14.24 13.88
CA ASP A 142 10.35 13.13 12.96
C ASP A 142 9.71 13.61 11.69
N GLN A 143 10.32 13.31 10.55
CA GLN A 143 9.79 13.82 9.26
C GLN A 143 8.35 13.43 8.98
N GLY A 144 7.98 12.19 9.25
CA GLY A 144 6.63 11.76 8.93
C GLY A 144 5.62 12.42 9.87
N ILE A 145 5.94 12.47 11.15
CA ILE A 145 5.03 13.09 12.08
C ILE A 145 4.93 14.60 11.78
N ARG A 146 6.00 15.25 11.45
CA ARG A 146 5.89 16.64 11.20
C ARG A 146 5.04 16.91 9.97
N ALA A 147 5.19 16.07 8.99
CA ALA A 147 4.52 16.24 7.70
C ALA A 147 3.04 16.01 7.88
N LEU A 148 2.67 15.09 8.76
CA LEU A 148 1.26 14.91 9.03
C LEU A 148 0.72 16.14 9.73
N LYS A 149 1.43 16.64 10.75
CA LYS A 149 0.96 17.87 11.44
C LYS A 149 0.78 19.01 10.44
N GLU A 150 1.74 19.21 9.55
CA GLU A 150 1.61 20.29 8.57
C GLU A 150 0.44 20.13 7.66
N LYS A 151 0.15 18.92 7.21
CA LYS A 151 -1.02 18.68 6.37
C LYS A 151 -2.30 18.93 7.16
N LEU A 152 -2.36 18.51 8.42
CA LEU A 152 -3.53 18.73 9.25
C LEU A 152 -3.80 20.22 9.35
N ASP A 153 -2.73 20.99 9.51
CA ASP A 153 -2.85 22.43 9.73
C ASP A 153 -3.26 23.21 8.48
N THR A 154 -3.27 22.59 7.31
CA THR A 154 -3.85 23.24 6.13
C THR A 154 -5.37 23.32 6.15
N GLY A 155 -6.00 22.57 7.06
CA GLY A 155 -7.45 22.50 7.06
C GLY A 155 -8.12 21.49 6.14
N ILE A 156 -7.34 20.69 5.41
CA ILE A 156 -7.88 19.85 4.37
C ILE A 156 -8.86 18.81 4.88
N ILE A 157 -8.75 18.40 6.15
CA ILE A 157 -9.69 17.40 6.72
C ILE A 157 -10.60 18.04 7.76
N GLY A 158 -10.64 19.37 7.78
CA GLY A 158 -11.46 20.03 8.79
C GLY A 158 -10.86 19.90 10.17
N ALA A 159 -11.68 20.08 11.20
CA ALA A 159 -11.21 20.02 12.59
C ALA A 159 -10.93 18.58 13.01
N PRO A 160 -9.87 18.36 13.80
CA PRO A 160 -9.60 17.01 14.32
C PRO A 160 -10.58 16.60 15.42
N LEU A 161 -11.25 15.48 15.24
CA LEU A 161 -12.30 15.04 16.16
C LEU A 161 -11.81 13.96 17.10
N VAL A 162 -11.03 13.03 16.53
CA VAL A 162 -10.48 11.86 17.24
C VAL A 162 -9.07 11.62 16.72
N VAL A 163 -8.15 11.21 17.59
CA VAL A 163 -6.83 10.81 17.16
C VAL A 163 -6.66 9.35 17.63
N ARG A 164 -6.19 8.47 16.76
CA ARG A 164 -5.90 7.10 17.21
C ARG A 164 -4.47 6.83 17.01
N ALA A 165 -3.78 6.34 18.03
CA ALA A 165 -2.35 6.14 17.92
C ALA A 165 -1.95 4.82 18.55
N SER A 166 -0.80 4.30 18.13
CA SER A 166 -0.22 3.07 18.73
C SER A 166 1.23 3.31 18.98
N HIS A 167 1.70 2.83 20.12
CA HIS A 167 3.09 2.85 20.45
C HIS A 167 3.41 1.39 20.77
N ILE A 168 4.00 0.71 19.79
CA ILE A 168 4.20 -0.74 19.80
C ILE A 168 5.72 -1.03 19.92
N ASN A 169 6.08 -1.89 20.87
CA ASN A 169 7.49 -2.20 21.13
C ASN A 169 7.57 -3.72 21.29
N PRO A 170 8.67 -4.35 20.84
CA PRO A 170 8.62 -5.82 20.79
C PRO A 170 8.76 -6.52 22.15
N ASN A 171 9.60 -5.98 23.05
CA ASN A 171 9.90 -6.62 24.34
C ASN A 171 10.56 -5.61 25.25
N VAL A 172 10.49 -5.85 26.56
CA VAL A 172 11.10 -4.92 27.50
C VAL A 172 12.15 -5.61 28.37
N ALA A 173 13.09 -4.83 28.87
CA ALA A 173 14.10 -5.34 29.78
C ALA A 173 13.48 -5.70 31.13
N SER A 174 14.19 -6.46 31.96
CA SER A 174 13.69 -6.86 33.29
C SER A 174 13.42 -5.70 34.22
N ASN A 175 14.03 -4.55 34.01
CA ASN A 175 13.78 -3.44 34.89
C ASN A 175 12.57 -2.55 34.53
N TYR A 176 11.80 -2.95 33.50
CA TYR A 176 10.72 -2.08 33.03
C TYR A 176 9.47 -2.23 33.90
N SER A 177 8.96 -1.13 34.44
CA SER A 177 7.86 -1.18 35.43
C SER A 177 6.57 -0.66 34.85
N ASN A 178 5.47 -0.91 35.53
CA ASN A 178 4.20 -0.41 35.10
C ASN A 178 4.22 1.13 34.89
N GLU A 179 4.89 1.85 35.78
CA GLU A 179 5.01 3.30 35.72
C GLU A 179 5.78 3.75 34.47
N MET A 180 6.75 2.96 34.05
CA MET A 180 7.55 3.31 32.88
C MET A 180 6.74 3.21 31.58
N ALA A 181 5.66 2.46 31.59
CA ALA A 181 4.74 2.47 30.46
C ALA A 181 4.28 3.90 30.19
N ILE A 182 4.17 4.71 31.25
CA ILE A 182 3.86 6.16 31.09
C ILE A 182 5.15 6.95 30.90
N THR A 183 6.10 6.84 31.83
CA THR A 183 7.19 7.78 31.87
C THR A 183 8.25 7.56 30.77
N ASP A 184 8.39 6.33 30.28
CA ASP A 184 9.37 6.06 29.22
C ASP A 184 8.73 5.92 27.81
N THR A 185 7.47 5.51 27.79
CA THR A 185 6.85 5.10 26.56
C THR A 185 5.74 6.07 26.15
N LEU A 186 4.63 6.12 26.89
CA LEU A 186 3.52 7.01 26.53
C LEU A 186 3.97 8.48 26.54
N ILE A 187 5.04 8.80 27.27
CA ILE A 187 5.49 10.19 27.44
C ILE A 187 5.66 10.88 26.08
N HIS A 188 6.07 10.10 25.07
CA HIS A 188 6.24 10.64 23.72
C HIS A 188 4.94 11.08 23.10
N GLU A 189 3.88 10.27 23.27
CA GLU A 189 2.55 10.67 22.83
C GLU A 189 2.06 11.84 23.67
N ILE A 190 2.35 11.80 24.96
CA ILE A 190 1.94 12.88 25.86
C ILE A 190 2.47 14.25 25.37
N ASP A 191 3.74 14.31 25.02
CA ASP A 191 4.24 15.56 24.44
C ASP A 191 3.69 15.88 23.05
N GLU A 192 3.54 14.85 22.23
CA GLU A 192 3.22 15.00 20.82
C GLU A 192 1.84 15.47 20.57
N MET A 193 0.86 14.98 21.31
CA MET A 193 -0.54 15.26 20.92
C MET A 193 -0.98 16.69 21.08
N HIS A 194 -0.60 17.32 22.18
CA HIS A 194 -0.99 18.72 22.39
C HIS A 194 -0.34 19.62 21.39
N TRP A 195 0.85 19.26 20.96
CA TRP A 195 1.53 20.00 19.91
C TRP A 195 0.89 19.75 18.55
N LEU A 196 0.61 18.49 18.24
CA LEU A 196 -0.07 18.15 16.98
C LEU A 196 -1.36 18.93 16.78
N LEU A 197 -2.16 18.98 17.85
CA LEU A 197 -3.51 19.53 17.84
C LEU A 197 -3.57 21.03 18.22
N ASP A 198 -2.45 21.60 18.64
CA ASP A 198 -2.42 22.97 19.17
C ASP A 198 -3.54 23.15 20.18
N ASP A 199 -3.62 22.22 21.13
CA ASP A 199 -4.72 22.19 22.08
C ASP A 199 -4.17 21.81 23.46
N GLU A 200 -4.98 21.89 24.49
CA GLU A 200 -4.55 21.57 25.85
C GLU A 200 -5.36 20.37 26.37
N TYR A 201 -4.73 19.51 27.18
CA TYR A 201 -5.42 18.39 27.76
C TYR A 201 -6.34 18.78 28.89
N THR A 202 -7.45 18.06 29.02
CA THR A 202 -8.38 18.24 30.10
C THR A 202 -8.51 17.00 30.97
N SER A 203 -8.05 15.84 30.50
CA SER A 203 -8.13 14.60 31.30
C SER A 203 -7.33 13.48 30.65
N ILE A 204 -7.02 12.44 31.44
CA ILE A 204 -6.37 11.26 30.93
C ILE A 204 -6.92 10.07 31.70
N GLN A 205 -7.13 8.93 31.04
CA GLN A 205 -7.64 7.72 31.70
C GLN A 205 -6.88 6.55 31.15
N ILE A 206 -6.33 5.70 32.02
CA ILE A 206 -5.60 4.52 31.62
C ILE A 206 -6.45 3.34 31.96
N THR A 207 -6.72 2.48 30.99
CA THR A 207 -7.46 1.25 31.25
C THR A 207 -6.62 0.02 30.79
N TYR A 208 -6.91 -1.13 31.36
CA TYR A 208 -6.14 -2.32 31.14
C TYR A 208 -6.99 -3.39 30.50
N PRO A 209 -6.73 -3.70 29.22
CA PRO A 209 -7.36 -4.87 28.59
C PRO A 209 -6.80 -6.12 29.24
N ARG A 210 -7.15 -7.29 28.73
CA ARG A 210 -6.61 -8.49 29.32
C ARG A 210 -5.09 -8.49 29.21
N GLN A 211 -4.47 -9.09 30.21
CA GLN A 211 -3.03 -9.05 30.35
C GLN A 211 -2.39 -9.99 29.35
N SER A 212 -1.37 -9.54 28.63
CA SER A 212 -0.72 -10.43 27.71
C SER A 212 0.10 -11.51 28.43
N ALA A 213 0.09 -12.71 27.90
CA ALA A 213 0.96 -13.76 28.42
C ALA A 213 2.42 -13.52 28.21
N GLU A 214 2.78 -12.53 27.44
CA GLU A 214 4.17 -12.24 27.19
C GLU A 214 4.84 -11.42 28.25
N VAL A 215 4.08 -10.90 29.18
CA VAL A 215 4.67 -10.09 30.21
C VAL A 215 5.42 -10.95 31.19
N ARG A 216 6.57 -10.64 31.51
CA ARG A 216 7.47 -11.28 32.43
C ARG A 216 7.86 -10.36 33.58
N ASN A 217 7.33 -9.22 33.75
CA ASN A 217 7.75 -8.24 34.73
C ASN A 217 6.74 -7.99 35.82
N GLU A 218 7.17 -8.09 37.07
CA GLU A 218 6.21 -7.94 38.14
C GLU A 218 5.55 -6.58 38.02
N GLY A 219 4.25 -6.59 38.15
CA GLY A 219 3.56 -5.33 38.24
C GLY A 219 3.23 -4.69 36.90
N LEU A 220 3.86 -5.13 35.82
CA LEU A 220 3.62 -4.48 34.53
C LEU A 220 2.33 -4.95 33.91
N HIS A 221 1.40 -4.02 33.63
CA HIS A 221 0.20 -4.33 32.82
C HIS A 221 0.56 -4.02 31.37
N ASP A 222 0.27 -4.95 30.48
CA ASP A 222 0.51 -4.72 29.06
C ASP A 222 -0.46 -5.58 28.31
N PRO A 223 -1.19 -4.98 27.34
CA PRO A 223 -1.13 -3.60 26.88
C PRO A 223 -1.86 -2.62 27.81
N GLN A 224 -1.74 -1.33 27.52
CA GLN A 224 -2.50 -0.29 28.22
C GLN A 224 -3.16 0.55 27.17
N LEU A 225 -4.34 1.04 27.50
CA LEU A 225 -5.04 1.94 26.62
C LEU A 225 -5.10 3.27 27.32
N ALA A 226 -4.64 4.34 26.67
CA ALA A 226 -4.70 5.69 27.24
C ALA A 226 -5.71 6.49 26.49
N THR A 227 -6.63 7.13 27.19
CA THR A 227 -7.58 8.03 26.54
C THR A 227 -7.38 9.42 27.07
N LEU A 228 -7.15 10.40 26.20
CA LEU A 228 -6.92 11.77 26.64
C LEU A 228 -7.97 12.60 26.00
N THR A 229 -8.41 13.66 26.67
CA THR A 229 -9.39 14.58 26.08
C THR A 229 -8.76 15.96 26.09
N THR A 230 -9.17 16.82 25.14
CA THR A 230 -8.58 18.13 25.03
C THR A 230 -9.69 19.15 25.22
N LYS A 231 -9.29 20.42 25.35
CA LYS A 231 -10.22 21.49 25.59
C LYS A 231 -11.17 21.70 24.44
N LYS A 232 -10.75 21.49 23.19
CA LYS A 232 -11.70 21.56 22.08
C LYS A 232 -12.57 20.34 21.91
N GLY A 233 -12.30 19.29 22.69
CA GLY A 233 -13.15 18.11 22.71
C GLY A 233 -12.59 16.91 21.91
N THR A 234 -11.44 17.09 21.27
CA THR A 234 -10.81 15.97 20.57
C THR A 234 -10.55 14.86 21.59
N VAL A 235 -10.81 13.62 21.19
CA VAL A 235 -10.45 12.48 21.99
C VAL A 235 -9.28 11.72 21.36
N ILE A 236 -8.29 11.42 22.19
CA ILE A 236 -7.11 10.71 21.76
C ILE A 236 -7.11 9.32 22.35
N GLN A 237 -7.10 8.28 21.52
CA GLN A 237 -7.00 6.92 22.01
C GLN A 237 -5.63 6.34 21.65
N VAL A 238 -4.77 6.07 22.63
CA VAL A 238 -3.41 5.52 22.37
C VAL A 238 -3.38 4.08 22.89
N LEU A 239 -2.92 3.16 22.05
CA LEU A 239 -2.60 1.77 22.47
C LEU A 239 -1.12 1.72 22.77
N VAL A 240 -0.78 1.33 24.00
CA VAL A 240 0.60 1.15 24.40
C VAL A 240 0.76 -0.36 24.53
N HIS A 241 1.68 -0.95 23.79
CA HIS A 241 1.80 -2.40 23.78
C HIS A 241 3.27 -2.69 23.69
N VAL A 242 3.91 -3.05 24.81
CA VAL A 242 5.37 -3.08 24.89
C VAL A 242 6.01 -4.47 24.84
N THR A 243 5.18 -5.51 24.82
CA THR A 243 5.65 -6.88 24.65
C THR A 243 5.02 -7.48 23.38
N ALA A 244 4.86 -6.63 22.36
CA ALA A 244 4.13 -6.98 21.14
C ALA A 244 4.80 -8.03 20.24
N GLN A 245 6.10 -8.27 20.48
CA GLN A 245 6.93 -9.27 19.80
C GLN A 245 7.31 -8.94 18.36
N TYR A 246 6.34 -8.49 17.56
CA TYR A 246 6.59 -8.48 16.12
C TYR A 246 7.54 -7.36 15.63
N GLY A 247 7.61 -6.26 16.37
CA GLY A 247 8.38 -5.12 15.92
C GLY A 247 8.15 -3.90 16.77
N TYR A 248 8.88 -2.84 16.40
CA TYR A 248 8.72 -1.51 16.95
C TYR A 248 7.98 -0.66 15.93
N GLU A 249 6.86 -0.07 16.34
CA GLU A 249 6.05 0.72 15.42
C GLU A 249 5.28 1.86 16.08
N VAL A 250 5.29 3.02 15.44
CA VAL A 250 4.55 4.17 15.87
C VAL A 250 3.50 4.44 14.79
N LYS A 251 2.23 4.45 15.18
CA LYS A 251 1.09 4.64 14.25
C LYS A 251 0.31 5.85 14.72
N LEU A 252 -0.22 6.62 13.80
CA LEU A 252 -0.95 7.86 14.16
C LEU A 252 -1.97 8.12 13.07
N GLU A 253 -3.22 8.31 13.47
CA GLU A 253 -4.32 8.59 12.56
C GLU A 253 -5.13 9.72 13.17
N VAL A 254 -5.40 10.74 12.40
CA VAL A 254 -6.22 11.87 12.85
C VAL A 254 -7.53 11.80 12.07
N ILE A 255 -8.65 11.75 12.78
CA ILE A 255 -9.97 11.67 12.16
C ILE A 255 -10.50 13.10 12.15
N GLY A 256 -10.74 13.65 10.98
CA GLY A 256 -11.21 15.01 10.86
C GLY A 256 -12.67 15.03 10.46
N GLU A 257 -13.24 16.23 10.44
CA GLU A 257 -14.61 16.40 9.95
C GLU A 257 -14.87 15.92 8.54
N THR A 258 -13.91 16.14 7.64
CA THR A 258 -14.15 15.86 6.24
C THR A 258 -13.15 14.84 5.61
N GLY A 259 -12.27 14.29 6.43
CA GLY A 259 -11.34 13.31 5.92
C GLY A 259 -10.49 12.80 7.07
N GLU A 260 -9.49 11.99 6.74
CA GLU A 260 -8.57 11.45 7.74
C GLU A 260 -7.14 11.59 7.24
N LEU A 261 -6.18 11.61 8.16
CA LEU A 261 -4.76 11.58 7.80
C LEU A 261 -4.10 10.53 8.62
N GLN A 262 -3.21 9.74 8.02
CA GLN A 262 -2.44 8.80 8.83
C GLN A 262 -0.99 8.69 8.39
N LEU A 263 -0.13 8.26 9.29
CA LEU A 263 1.26 8.06 8.94
C LEU A 263 1.36 6.90 7.99
N PRO A 264 2.29 6.96 7.06
CA PRO A 264 2.43 5.93 6.04
C PRO A 264 3.23 4.78 6.58
N ASN A 265 3.29 3.75 5.75
CA ASN A 265 4.18 2.61 5.90
C ASN A 265 5.57 3.15 6.16
N TYR A 266 6.17 2.80 7.26
CA TYR A 266 7.57 3.17 7.50
C TYR A 266 8.55 2.12 6.94
N GLY A 267 9.64 2.54 6.32
CA GLY A 267 10.68 1.59 5.96
C GLY A 267 11.26 1.74 4.56
N LEU A 268 12.55 1.48 4.42
CA LEU A 268 13.20 1.59 3.12
C LEU A 268 13.47 0.24 2.43
N GLY A 269 13.29 -0.83 3.19
CA GLY A 269 13.82 -2.19 2.89
C GLY A 269 12.96 -2.77 1.79
N PRO A 270 13.44 -3.83 1.07
CA PRO A 270 12.70 -4.20 -0.12
C PRO A 270 11.42 -5.03 0.17
N ILE A 271 10.51 -5.00 -0.80
CA ILE A 271 9.38 -5.90 -0.80
C ILE A 271 9.81 -7.23 -1.39
N LEU A 272 9.59 -8.32 -0.65
CA LEU A 272 10.05 -9.66 -1.08
C LEU A 272 8.85 -10.49 -1.42
N ARG A 273 8.84 -11.00 -2.65
CA ARG A 273 7.85 -12.01 -3.05
C ARG A 273 8.54 -13.36 -3.03
N SER A 274 8.10 -14.23 -2.11
CA SER A 274 8.78 -15.48 -1.87
C SER A 274 7.86 -16.40 -1.12
N ASN A 275 7.84 -17.67 -1.52
CA ASN A 275 7.19 -18.71 -0.70
C ASN A 275 5.73 -18.34 -0.37
N ALA A 276 4.96 -17.94 -1.40
CA ALA A 276 3.53 -17.66 -1.26
C ALA A 276 3.20 -16.48 -0.34
N ASN A 277 4.14 -15.57 -0.16
CA ASN A 277 3.88 -14.35 0.64
C ASN A 277 4.55 -13.16 -0.04
N GLN A 278 4.02 -11.98 0.24
CA GLN A 278 4.71 -10.77 -0.09
C GLN A 278 5.00 -10.13 1.23
N GLN A 279 6.23 -9.71 1.48
CA GLN A 279 6.53 -9.13 2.79
C GLN A 279 7.56 -8.03 2.81
N THR A 280 7.49 -7.21 3.85
CA THR A 280 8.52 -6.21 4.08
C THR A 280 8.97 -6.31 5.51
N ALA A 281 10.23 -6.04 5.78
CA ALA A 281 10.71 -6.05 7.17
C ALA A 281 10.10 -4.90 7.99
N VAL A 282 9.94 -5.14 9.29
CA VAL A 282 9.50 -4.16 10.25
C VAL A 282 10.67 -3.82 11.15
N GLU A 283 10.83 -2.55 11.45
CA GLU A 283 11.84 -2.07 12.37
C GLU A 283 11.74 -2.81 13.73
N MET A 284 12.86 -3.23 14.31
CA MET A 284 12.77 -3.82 15.66
C MET A 284 13.34 -2.92 16.72
N SER A 285 13.96 -1.83 16.32
CA SER A 285 14.67 -1.00 17.28
C SER A 285 14.09 0.44 17.31
N TRP A 286 13.61 0.93 18.44
CA TRP A 286 13.27 2.37 18.53
C TRP A 286 14.45 3.27 18.26
N ILE A 287 15.64 2.79 18.57
CA ILE A 287 16.83 3.58 18.30
C ILE A 287 16.96 3.85 16.81
N ASN A 288 16.84 2.84 15.96
CA ASN A 288 16.97 3.10 14.54
C ASN A 288 15.76 3.89 14.03
N ARG A 289 14.58 3.66 14.61
CA ARG A 289 13.36 4.30 14.12
C ARG A 289 13.46 5.79 14.17
N PHE A 290 14.12 6.30 15.21
CA PHE A 290 14.13 7.76 15.47
C PHE A 290 15.49 8.39 15.27
N ILE A 291 16.40 7.68 14.62
CA ILE A 291 17.73 8.23 14.32
C ILE A 291 17.64 9.62 13.70
N GLN A 292 16.80 9.78 12.69
CA GLN A 292 16.71 11.06 12.00
C GLN A 292 16.18 12.14 12.96
N ALA A 293 15.20 11.79 13.77
CA ALA A 293 14.56 12.78 14.62
C ALA A 293 15.59 13.29 15.64
N TYR A 294 16.38 12.38 16.18
CA TYR A 294 17.43 12.81 17.14
C TYR A 294 18.44 13.73 16.48
N ASN A 295 18.90 13.39 15.27
CA ASN A 295 19.85 14.21 14.57
C ASN A 295 19.26 15.59 14.32
N THR A 296 18.03 15.64 13.82
CA THR A 296 17.41 16.91 13.51
C THR A 296 17.22 17.75 14.76
N GLU A 297 16.80 17.11 15.83
CA GLU A 297 16.54 17.84 17.04
C GLU A 297 17.80 18.51 17.61
N VAL A 298 18.88 17.74 17.70
CA VAL A 298 20.16 18.23 18.23
C VAL A 298 20.81 19.24 17.30
N GLN A 299 20.72 19.02 15.98
CA GLN A 299 21.29 19.98 15.06
C GLN A 299 20.59 21.32 15.20
N GLU A 300 19.26 21.32 15.39
CA GLU A 300 18.54 22.58 15.54
C GLU A 300 18.98 23.31 16.82
N PHE A 301 19.12 22.56 17.93
CA PHE A 301 19.56 23.17 19.17
C PHE A 301 20.94 23.82 18.98
N ILE A 302 21.89 23.08 18.45
CA ILE A 302 23.21 23.63 18.19
C ILE A 302 23.13 24.87 17.30
N ASP A 303 22.32 24.85 16.24
CA ASP A 303 22.25 25.98 15.31
C ASP A 303 21.70 27.23 16.02
N GLU A 304 20.81 27.03 17.00
CA GLU A 304 20.29 28.18 17.77
C GLU A 304 21.37 28.73 18.67
N VAL A 305 22.09 27.86 19.36
CA VAL A 305 23.13 28.29 20.26
C VAL A 305 24.21 29.04 19.47
N ALA A 306 24.55 28.51 18.30
CA ALA A 306 25.56 29.13 17.43
C ALA A 306 25.19 30.61 17.08
N LYS A 307 23.90 30.89 16.95
CA LYS A 307 23.42 32.23 16.66
C LYS A 307 23.15 33.04 17.91
N SER A 308 23.41 32.47 19.09
CA SER A 308 23.09 33.13 20.35
C SER A 308 21.61 33.54 20.39
N GLU A 309 20.74 32.64 19.95
CA GLU A 309 19.27 32.79 20.02
C GLU A 309 18.66 31.64 20.84
N PRO A 310 17.54 31.91 21.52
CA PRO A 310 16.95 30.86 22.37
C PRO A 310 16.57 29.64 21.52
N PRO A 311 16.58 28.45 22.10
CA PRO A 311 16.06 27.27 21.35
C PRO A 311 14.62 27.49 20.94
N VAL A 312 14.20 26.77 19.88
CA VAL A 312 12.85 26.90 19.38
C VAL A 312 12.10 25.56 19.49
N GLY A 313 12.75 24.54 20.03
CA GLY A 313 12.14 23.23 20.15
C GLY A 313 11.44 23.13 21.48
N PRO A 314 11.03 21.91 21.89
CA PRO A 314 10.21 21.77 23.11
C PRO A 314 10.87 22.43 24.31
N SER A 315 10.08 23.19 25.09
CA SER A 315 10.67 24.03 26.13
C SER A 315 10.42 23.43 27.51
N ALA A 316 10.81 24.18 28.54
CA ALA A 316 10.57 23.70 29.89
C ALA A 316 9.07 23.67 30.16
N TRP A 317 8.32 24.56 29.53
CA TRP A 317 6.86 24.55 29.65
C TRP A 317 6.27 23.22 29.09
N ASP A 318 6.76 22.80 27.92
CA ASP A 318 6.40 21.48 27.41
C ASP A 318 6.81 20.37 28.35
N GLY A 319 7.99 20.48 28.94
CA GLY A 319 8.41 19.52 29.96
C GLY A 319 7.46 19.50 31.15
N TYR A 320 6.93 20.65 31.51
CA TYR A 320 6.00 20.76 32.60
C TYR A 320 4.64 20.19 32.23
N ILE A 321 4.11 20.53 31.06
CA ILE A 321 2.87 19.87 30.60
C ILE A 321 3.02 18.35 30.62
N ALA A 322 4.14 17.83 30.15
CA ALA A 322 4.34 16.37 30.11
C ALA A 322 4.40 15.78 31.52
N ALA A 323 5.09 16.46 32.44
CA ALA A 323 5.18 16.02 33.84
C ALA A 323 3.82 15.99 34.53
N ILE A 324 2.98 16.99 34.31
CA ILE A 324 1.66 16.99 34.93
C ILE A 324 0.80 15.86 34.38
N THR A 325 0.90 15.67 33.06
CA THR A 325 0.07 14.65 32.40
C THR A 325 0.53 13.27 32.79
N ALA A 326 1.83 13.04 32.89
CA ALA A 326 2.40 11.74 33.30
C ALA A 326 1.99 11.41 34.73
N ALA A 327 2.08 12.41 35.60
CA ALA A 327 1.55 12.26 36.96
C ALA A 327 0.04 11.90 36.98
N ALA A 328 -0.80 12.59 36.19
CA ALA A 328 -2.23 12.26 36.08
C ALA A 328 -2.41 10.80 35.61
N ALA A 329 -1.60 10.39 34.64
CA ALA A 329 -1.65 9.02 34.13
C ALA A 329 -1.18 7.98 35.16
N ASN A 330 -0.10 8.26 35.87
CA ASN A 330 0.34 7.35 36.93
C ASN A 330 -0.74 7.21 38.05
N ARG A 331 -1.47 8.26 38.28
CA ARG A 331 -2.55 8.22 39.24
C ARG A 331 -3.69 7.38 38.69
N SER A 332 -4.00 7.54 37.42
CA SER A 332 -5.03 6.72 36.74
C SER A 332 -4.67 5.23 36.70
N GLN A 333 -3.39 4.91 36.60
CA GLN A 333 -2.98 3.52 36.59
C GLN A 333 -3.37 2.72 37.83
N LYS A 334 -3.65 3.45 38.91
CA LYS A 334 -3.98 2.81 40.20
C LYS A 334 -5.34 2.23 40.17
N ASP A 335 -6.30 2.92 39.62
CA ASP A 335 -7.71 2.43 39.64
C ASP A 335 -8.44 2.51 38.30
N GLN A 336 -7.71 2.84 37.23
CA GLN A 336 -8.30 2.97 35.91
C GLN A 336 -9.42 4.06 35.84
N GLU A 337 -9.35 5.06 36.73
CA GLU A 337 -10.29 6.16 36.73
C GLU A 337 -9.73 7.35 35.97
N THR A 338 -10.62 8.15 35.42
CA THR A 338 -10.21 9.34 34.69
C THR A 338 -9.69 10.37 35.69
N VAL A 339 -8.57 10.97 35.35
CA VAL A 339 -7.95 11.99 36.18
C VAL A 339 -7.98 13.32 35.40
N LEU A 340 -8.57 14.36 35.98
CA LEU A 340 -8.59 15.65 35.31
C LEU A 340 -7.24 16.35 35.26
N ILE A 341 -7.06 17.13 34.20
CA ILE A 341 -5.84 17.88 33.97
C ILE A 341 -6.25 19.32 33.70
N ASN A 342 -5.60 20.27 34.37
CA ASN A 342 -5.90 21.66 34.17
C ASN A 342 -4.61 22.40 34.03
N VAL A 343 -4.17 22.69 32.82
CA VAL A 343 -2.85 23.27 32.82
C VAL A 343 -2.99 24.76 32.69
N ALA A 344 -2.13 25.48 33.41
CA ALA A 344 -2.22 26.94 33.48
C ALA A 344 -1.98 27.48 32.10
N GLY A 345 -2.44 28.67 31.80
CA GLY A 345 -2.28 29.19 30.44
C GLY A 345 -0.77 29.45 30.26
N THR A 346 -0.26 29.29 29.04
CA THR A 346 1.18 29.36 28.85
C THR A 346 1.65 30.80 29.14
N PRO A 347 2.73 30.96 29.92
CA PRO A 347 3.40 32.27 30.08
C PRO A 347 3.84 32.80 28.70
N THR A 348 3.76 34.12 28.46
CA THR A 348 4.15 34.58 27.11
C THR A 348 5.65 34.29 26.81
N PHE A 349 6.44 34.15 27.88
CA PHE A 349 7.88 33.82 27.83
C PHE A 349 8.09 32.55 26.99
N TYR A 350 7.06 31.69 26.99
CA TYR A 350 7.11 30.35 26.34
C TYR A 350 6.27 30.26 25.11
N GLN A 351 5.66 31.37 24.71
CA GLN A 351 5.01 31.38 23.38
C GLN A 351 6.08 31.73 22.35
N MET B 13 -36.78 -17.94 -18.92
CA MET B 13 -36.93 -19.36 -19.22
C MET B 13 -35.58 -20.07 -19.26
N VAL B 14 -35.37 -21.10 -18.57
CA VAL B 14 -34.02 -21.59 -18.52
C VAL B 14 -33.30 -21.88 -19.86
N VAL B 15 -32.04 -21.47 -20.02
CA VAL B 15 -31.21 -21.79 -21.18
C VAL B 15 -30.66 -23.25 -21.06
N LYS B 16 -30.97 -24.11 -22.01
CA LYS B 16 -30.65 -25.54 -21.95
C LYS B 16 -29.32 -25.68 -22.68
N VAL B 17 -28.36 -26.23 -21.94
CA VAL B 17 -26.96 -26.29 -22.34
C VAL B 17 -26.48 -27.69 -22.57
N GLY B 18 -25.71 -27.92 -23.61
CA GLY B 18 -24.96 -29.16 -23.63
C GLY B 18 -23.48 -28.86 -23.52
N VAL B 19 -22.74 -29.74 -22.87
CA VAL B 19 -21.30 -29.52 -22.63
C VAL B 19 -20.53 -30.60 -23.34
N ILE B 20 -19.64 -30.19 -24.25
CA ILE B 20 -18.76 -31.05 -25.02
C ILE B 20 -17.34 -31.00 -24.43
N GLY B 21 -16.94 -32.05 -23.68
CA GLY B 21 -15.65 -32.04 -22.98
C GLY B 21 -15.94 -31.90 -21.52
N THR B 22 -15.85 -32.99 -20.76
CA THR B 22 -16.23 -32.96 -19.35
C THR B 22 -14.99 -33.30 -18.51
N GLY B 23 -13.88 -32.62 -18.81
CA GLY B 23 -12.66 -32.71 -18.04
C GLY B 23 -12.63 -31.68 -16.91
N ALA B 24 -11.46 -31.14 -16.60
CA ALA B 24 -11.36 -30.22 -15.45
C ALA B 24 -12.17 -28.95 -15.67
N MET B 25 -11.99 -28.31 -16.79
CA MET B 25 -12.69 -27.06 -16.98
C MET B 25 -14.17 -27.29 -17.40
N GLY B 26 -14.44 -28.39 -18.08
CA GLY B 26 -15.81 -28.76 -18.41
C GLY B 26 -16.64 -28.99 -17.15
N ARG B 27 -16.09 -29.72 -16.19
CA ARG B 27 -16.80 -29.89 -14.93
C ARG B 27 -16.92 -28.58 -14.20
N ALA B 28 -15.90 -27.72 -14.26
CA ALA B 28 -15.99 -26.41 -13.60
C ALA B 28 -17.09 -25.55 -14.22
N HIS B 29 -17.20 -25.55 -15.54
CA HIS B 29 -18.35 -24.89 -16.21
C HIS B 29 -19.74 -25.49 -15.82
N ILE B 30 -19.80 -26.82 -15.70
CA ILE B 30 -21.04 -27.48 -15.32
C ILE B 30 -21.39 -27.05 -13.94
N ASP B 31 -20.39 -27.03 -13.05
CA ASP B 31 -20.64 -26.61 -11.69
C ASP B 31 -21.14 -25.15 -11.63
N ARG B 32 -20.52 -24.28 -12.42
CA ARG B 32 -20.92 -22.85 -12.46
C ARG B 32 -22.40 -22.76 -12.90
N LEU B 33 -22.69 -23.42 -14.00
CA LEU B 33 -24.05 -23.38 -14.62
C LEU B 33 -25.13 -24.00 -13.75
N THR B 34 -24.76 -25.02 -12.97
CA THR B 34 -25.67 -25.71 -12.09
C THR B 34 -25.82 -25.12 -10.69
N ASN B 35 -24.71 -24.73 -10.07
CA ASN B 35 -24.72 -24.47 -8.65
C ASN B 35 -24.48 -23.02 -8.28
N VAL B 36 -24.02 -22.22 -9.24
CA VAL B 36 -23.55 -20.85 -8.92
C VAL B 36 -24.33 -19.81 -9.69
N LEU B 37 -24.41 -20.04 -10.98
CA LEU B 37 -25.03 -19.07 -11.87
C LEU B 37 -26.52 -19.30 -12.05
N THR B 38 -27.18 -18.31 -12.63
CA THR B 38 -28.61 -18.31 -12.73
C THR B 38 -29.08 -18.37 -14.18
N GLY B 39 -30.16 -19.13 -14.40
CA GLY B 39 -30.82 -19.16 -15.68
C GLY B 39 -30.44 -20.19 -16.71
N ALA B 40 -29.69 -21.21 -16.30
CA ALA B 40 -29.29 -22.26 -17.24
C ALA B 40 -29.41 -23.64 -16.61
N GLU B 41 -29.38 -24.68 -17.43
CA GLU B 41 -29.44 -26.06 -16.96
C GLU B 41 -28.68 -26.90 -17.93
N VAL B 42 -27.78 -27.76 -17.46
CA VAL B 42 -27.09 -28.66 -18.38
C VAL B 42 -27.96 -29.91 -18.57
N VAL B 43 -28.37 -30.11 -19.82
CA VAL B 43 -29.29 -31.20 -20.21
C VAL B 43 -28.64 -32.25 -21.09
N ALA B 44 -27.38 -32.04 -21.45
CA ALA B 44 -26.64 -32.96 -22.27
C ALA B 44 -25.16 -32.84 -22.10
N VAL B 45 -24.45 -33.97 -22.20
CA VAL B 45 -22.97 -33.94 -22.14
C VAL B 45 -22.41 -34.91 -23.12
N THR B 46 -21.16 -34.71 -23.51
CA THR B 46 -20.46 -35.73 -24.28
C THR B 46 -18.95 -35.60 -24.02
N ASP B 47 -18.18 -36.69 -24.04
CA ASP B 47 -16.74 -36.63 -23.90
C ASP B 47 -16.21 -37.88 -24.61
N ILE B 48 -15.03 -37.81 -25.22
CA ILE B 48 -14.51 -39.00 -25.88
C ILE B 48 -14.25 -40.11 -24.85
N ASP B 49 -14.15 -39.70 -23.57
CA ASP B 49 -14.10 -40.61 -22.44
C ASP B 49 -15.51 -40.69 -21.87
N HIS B 50 -16.22 -41.73 -22.24
CA HIS B 50 -17.62 -41.83 -21.97
C HIS B 50 -17.83 -41.95 -20.46
N GLU B 51 -16.89 -42.61 -19.79
CA GLU B 51 -16.97 -42.73 -18.34
C GLU B 51 -16.95 -41.34 -17.63
N ALA B 52 -16.12 -40.43 -18.12
CA ALA B 52 -16.06 -39.05 -17.60
C ALA B 52 -17.36 -38.32 -17.82
N ALA B 53 -17.99 -38.53 -18.99
CA ALA B 53 -19.28 -37.87 -19.24
C ALA B 53 -20.35 -38.38 -18.29
N GLU B 54 -20.41 -39.72 -18.08
CA GLU B 54 -21.43 -40.26 -17.19
C GLU B 54 -21.20 -39.79 -15.77
N ALA B 55 -19.91 -39.69 -15.38
CA ALA B 55 -19.60 -39.19 -14.03
C ALA B 55 -20.02 -37.76 -13.84
N ALA B 56 -19.90 -36.96 -14.89
CA ALA B 56 -20.29 -35.55 -14.80
C ALA B 56 -21.79 -35.46 -14.52
N VAL B 57 -22.58 -36.26 -15.23
CA VAL B 57 -24.02 -36.37 -14.90
C VAL B 57 -24.29 -36.78 -13.47
N ARG B 58 -23.68 -37.87 -12.98
CA ARG B 58 -23.95 -38.27 -11.59
CA ARG B 58 -23.97 -38.25 -11.59
C ARG B 58 -23.51 -37.21 -10.62
N ASP B 59 -22.28 -36.72 -10.84
CA ASP B 59 -21.64 -35.87 -9.86
C ASP B 59 -22.39 -34.58 -9.61
N PHE B 60 -22.97 -34.02 -10.66
CA PHE B 60 -23.64 -32.72 -10.48
C PHE B 60 -25.17 -32.90 -10.45
N HIS B 61 -25.60 -34.16 -10.30
CA HIS B 61 -27.01 -34.50 -10.18
C HIS B 61 -27.83 -33.92 -11.30
N LEU B 62 -27.36 -34.11 -12.53
CA LEU B 62 -27.97 -33.52 -13.70
C LEU B 62 -29.14 -34.34 -14.20
N ASN B 63 -30.15 -33.66 -14.74
CA ASN B 63 -31.12 -34.40 -15.56
C ASN B 63 -30.69 -34.22 -16.99
N ALA B 64 -29.79 -35.09 -17.47
CA ALA B 64 -29.09 -34.89 -18.74
C ALA B 64 -28.79 -36.17 -19.46
N LYS B 65 -28.81 -36.11 -20.79
CA LYS B 65 -28.51 -37.28 -21.62
C LYS B 65 -27.07 -37.29 -22.10
N VAL B 66 -26.42 -38.44 -21.97
CA VAL B 66 -25.03 -38.60 -22.40
C VAL B 66 -25.00 -39.11 -23.82
N TYR B 67 -24.27 -38.42 -24.69
CA TYR B 67 -24.29 -38.69 -26.11
C TYR B 67 -22.99 -39.28 -26.46
N PRO B 68 -22.92 -40.08 -27.52
CA PRO B 68 -21.62 -40.70 -27.82
C PRO B 68 -20.56 -39.74 -28.41
N ASP B 69 -21.00 -38.68 -29.06
CA ASP B 69 -20.06 -37.71 -29.63
C ASP B 69 -20.75 -36.37 -29.80
N ASP B 70 -20.03 -35.40 -30.36
CA ASP B 70 -20.55 -34.04 -30.44
C ASP B 70 -21.65 -33.95 -31.49
N THR B 71 -21.46 -34.61 -32.64
CA THR B 71 -22.52 -34.68 -33.69
C THR B 71 -23.91 -35.04 -33.13
N SER B 72 -23.98 -36.10 -32.32
CA SER B 72 -25.26 -36.50 -31.82
C SER B 72 -25.82 -35.57 -30.77
N LEU B 73 -24.96 -35.00 -29.93
CA LEU B 73 -25.45 -34.02 -28.96
C LEU B 73 -26.04 -32.81 -29.72
N LEU B 74 -25.37 -32.44 -30.81
CA LEU B 74 -25.77 -31.27 -31.57
C LEU B 74 -27.09 -31.46 -32.31
N GLN B 75 -27.59 -32.70 -32.41
CA GLN B 75 -28.91 -32.95 -33.03
C GLN B 75 -30.05 -32.85 -32.06
N ASP B 76 -29.77 -32.65 -30.79
CA ASP B 76 -30.82 -32.48 -29.76
C ASP B 76 -31.46 -31.09 -29.98
N PRO B 77 -32.73 -31.05 -30.44
CA PRO B 77 -33.37 -29.73 -30.66
C PRO B 77 -33.58 -28.91 -29.41
N ASP B 78 -33.58 -29.53 -28.23
CA ASP B 78 -33.94 -28.79 -27.04
C ASP B 78 -32.74 -28.01 -26.50
N ILE B 79 -31.53 -28.26 -27.02
CA ILE B 79 -30.33 -27.54 -26.51
C ILE B 79 -30.22 -26.16 -27.18
N ASP B 80 -30.14 -25.11 -26.35
CA ASP B 80 -30.08 -23.70 -26.83
C ASP B 80 -28.65 -23.25 -27.11
N ALA B 81 -27.69 -23.85 -26.39
CA ALA B 81 -26.29 -23.42 -26.47
C ALA B 81 -25.34 -24.62 -26.17
N VAL B 82 -24.19 -24.69 -26.82
CA VAL B 82 -23.20 -25.68 -26.42
C VAL B 82 -21.90 -25.02 -25.87
N PHE B 83 -21.28 -25.67 -24.88
CA PHE B 83 -19.98 -25.26 -24.33
C PHE B 83 -18.99 -26.22 -24.89
N VAL B 84 -17.97 -25.71 -25.58
CA VAL B 84 -16.90 -26.52 -26.12
C VAL B 84 -15.71 -26.46 -25.13
N VAL B 85 -15.45 -27.54 -24.39
CA VAL B 85 -14.44 -27.51 -23.32
C VAL B 85 -13.50 -28.74 -23.46
N SER B 86 -13.25 -29.13 -24.69
CA SER B 86 -12.40 -30.28 -24.98
C SER B 86 -10.94 -29.82 -25.12
N PHE B 87 -10.03 -30.75 -25.41
CA PHE B 87 -8.68 -30.39 -25.75
C PHE B 87 -8.71 -29.29 -26.79
N GLY B 88 -7.76 -28.35 -26.71
CA GLY B 88 -7.68 -27.24 -27.64
C GLY B 88 -7.67 -27.68 -29.07
N GLY B 89 -6.91 -28.73 -29.40
CA GLY B 89 -6.91 -29.23 -30.78
C GLY B 89 -8.26 -29.70 -31.35
N ALA B 90 -9.24 -29.94 -30.50
CA ALA B 90 -10.52 -30.49 -30.95
C ALA B 90 -11.53 -29.37 -31.14
N HIS B 91 -11.17 -28.15 -30.72
CA HIS B 91 -12.18 -27.10 -30.76
C HIS B 91 -12.67 -26.75 -32.16
N GLU B 92 -11.75 -26.69 -33.10
CA GLU B 92 -12.07 -26.24 -34.44
C GLU B 92 -13.14 -27.12 -35.08
N ALA B 93 -12.96 -28.47 -35.09
CA ALA B 93 -13.94 -29.36 -35.72
C ALA B 93 -15.30 -29.27 -35.04
N THR B 94 -15.31 -29.15 -33.72
CA THR B 94 -16.57 -29.09 -33.01
C THR B 94 -17.27 -27.77 -33.26
N VAL B 95 -16.51 -26.67 -33.22
CA VAL B 95 -17.12 -25.39 -33.53
C VAL B 95 -17.68 -25.35 -34.96
N LEU B 96 -16.96 -25.88 -35.93
CA LEU B 96 -17.52 -25.92 -37.28
C LEU B 96 -18.81 -26.79 -37.34
N LYS B 97 -18.87 -27.93 -36.64
CA LYS B 97 -20.12 -28.71 -36.57
C LYS B 97 -21.27 -27.96 -35.92
N ALA B 98 -20.99 -27.28 -34.81
CA ALA B 98 -22.02 -26.56 -34.08
C ALA B 98 -22.61 -25.44 -34.97
N LEU B 99 -21.81 -24.91 -35.89
CA LEU B 99 -22.27 -23.81 -36.75
C LEU B 99 -23.21 -24.30 -37.85
N ASP B 100 -23.39 -25.62 -37.96
CA ASP B 100 -24.48 -26.17 -38.82
C ASP B 100 -25.82 -26.21 -38.11
N THR B 101 -25.82 -25.93 -36.85
CA THR B 101 -27.06 -25.76 -36.13
C THR B 101 -27.32 -24.27 -35.91
N ASP B 102 -28.41 -23.98 -35.21
CA ASP B 102 -28.72 -22.59 -34.91
C ASP B 102 -28.34 -22.24 -33.47
N LYS B 103 -27.66 -23.17 -32.79
CA LYS B 103 -27.30 -23.02 -31.36
C LYS B 103 -26.18 -21.96 -31.17
N PHE B 104 -26.25 -21.29 -30.03
CA PHE B 104 -25.15 -20.44 -29.54
C PHE B 104 -24.01 -21.29 -29.08
N ILE B 105 -22.81 -20.73 -29.15
CA ILE B 105 -21.59 -21.54 -28.96
C ILE B 105 -20.66 -20.77 -28.02
N PHE B 106 -20.38 -21.33 -26.83
CA PHE B 106 -19.30 -20.81 -26.01
C PHE B 106 -18.15 -21.80 -26.15
N THR B 107 -17.03 -21.39 -26.76
CA THR B 107 -15.85 -22.24 -26.82
C THR B 107 -14.78 -21.70 -25.84
N GLU B 108 -14.13 -22.59 -25.11
CA GLU B 108 -12.97 -22.16 -24.32
C GLU B 108 -11.92 -21.80 -25.32
N LYS B 109 -10.96 -21.00 -24.86
CA LYS B 109 -9.80 -20.75 -25.70
C LYS B 109 -8.99 -22.02 -25.84
N PRO B 110 -8.25 -22.15 -26.96
CA PRO B 110 -8.20 -21.23 -28.10
C PRO B 110 -9.44 -21.44 -29.00
N LEU B 111 -9.73 -20.49 -29.88
CA LEU B 111 -10.80 -20.71 -30.88
C LEU B 111 -10.44 -21.92 -31.73
N ALA B 112 -9.17 -21.98 -32.14
CA ALA B 112 -8.63 -23.11 -32.87
C ALA B 112 -7.17 -23.05 -32.57
N THR B 113 -6.46 -24.19 -32.73
CA THR B 113 -5.01 -24.25 -32.49
C THR B 113 -4.13 -23.79 -33.65
N THR B 114 -4.74 -23.41 -34.77
CA THR B 114 -3.94 -22.89 -35.87
C THR B 114 -4.68 -21.68 -36.41
N LEU B 115 -3.97 -20.77 -37.07
CA LEU B 115 -4.68 -19.59 -37.52
C LEU B 115 -5.62 -19.91 -38.68
N GLU B 116 -5.32 -20.95 -39.44
CA GLU B 116 -6.19 -21.28 -40.56
C GLU B 116 -7.48 -21.88 -40.07
N GLY B 117 -7.41 -22.60 -38.96
CA GLY B 117 -8.60 -23.13 -38.32
C GLY B 117 -9.47 -22.01 -37.81
N ALA B 118 -8.85 -21.00 -37.19
CA ALA B 118 -9.59 -19.85 -36.72
C ALA B 118 -10.27 -19.17 -37.87
N LYS B 119 -9.58 -19.01 -39.00
CA LYS B 119 -10.20 -18.37 -40.18
C LYS B 119 -11.33 -19.16 -40.82
N ARG B 120 -11.25 -20.48 -40.82
CA ARG B 120 -12.36 -21.32 -41.31
C ARG B 120 -13.56 -21.04 -40.48
N ILE B 121 -13.36 -20.90 -39.17
CA ILE B 121 -14.47 -20.65 -38.30
C ILE B 121 -15.09 -19.31 -38.60
N VAL B 122 -14.24 -18.30 -38.71
CA VAL B 122 -14.76 -16.96 -38.94
C VAL B 122 -15.51 -16.91 -40.26
N ASP B 123 -14.93 -17.49 -41.30
CA ASP B 123 -15.57 -17.49 -42.63
C ASP B 123 -16.93 -18.18 -42.59
N LYS B 124 -17.00 -19.34 -41.90
CA LYS B 124 -18.27 -20.00 -41.73
C LYS B 124 -19.26 -19.19 -40.94
N GLU B 125 -18.83 -18.61 -39.81
CA GLU B 125 -19.75 -17.81 -39.05
C GLU B 125 -20.29 -16.57 -39.85
N LEU B 126 -19.44 -15.97 -40.68
CA LEU B 126 -19.89 -14.81 -41.44
C LEU B 126 -21.02 -15.19 -42.39
N THR B 127 -21.21 -16.47 -42.67
CA THR B 127 -22.36 -16.84 -43.53
C THR B 127 -23.69 -16.89 -42.78
N LYS B 128 -23.69 -16.61 -41.49
CA LYS B 128 -24.85 -16.86 -40.72
C LYS B 128 -25.62 -15.55 -40.54
N SER B 129 -26.85 -15.62 -40.06
CA SER B 129 -27.60 -14.37 -39.95
C SER B 129 -27.21 -13.52 -38.71
N LYS B 130 -26.82 -14.19 -37.62
CA LYS B 130 -26.49 -13.55 -36.34
C LYS B 130 -25.18 -14.22 -35.87
N LYS B 131 -24.39 -13.46 -35.15
CA LYS B 131 -23.20 -14.00 -34.47
C LYS B 131 -23.65 -14.92 -33.32
N VAL B 132 -22.99 -16.08 -33.16
CA VAL B 132 -23.34 -17.05 -32.11
C VAL B 132 -22.16 -17.50 -31.24
N ILE B 133 -20.90 -17.27 -31.67
CA ILE B 133 -19.72 -17.72 -30.89
C ILE B 133 -19.22 -16.65 -29.84
N GLN B 134 -18.96 -17.10 -28.62
CA GLN B 134 -18.16 -16.36 -27.63
C GLN B 134 -16.93 -17.25 -27.35
N VAL B 135 -15.74 -16.66 -27.29
CA VAL B 135 -14.53 -17.38 -26.90
C VAL B 135 -14.16 -17.03 -25.44
N GLY B 136 -13.73 -18.05 -24.67
CA GLY B 136 -13.50 -17.94 -23.22
C GLY B 136 -12.26 -17.17 -22.73
N PHE B 137 -12.03 -15.99 -23.32
CA PHE B 137 -10.95 -15.14 -22.83
C PHE B 137 -11.44 -14.33 -21.64
N MET B 138 -11.29 -14.91 -20.45
CA MET B 138 -11.98 -14.39 -19.28
C MET B 138 -11.32 -13.15 -18.69
N ARG B 139 -10.12 -12.79 -19.14
CA ARG B 139 -9.42 -11.65 -18.52
C ARG B 139 -10.29 -10.41 -18.64
N ARG B 140 -11.03 -10.29 -19.75
CA ARG B 140 -11.82 -9.08 -19.97
C ARG B 140 -12.90 -8.90 -18.95
N TYR B 141 -13.24 -9.97 -18.22
CA TYR B 141 -14.28 -9.89 -17.21
C TYR B 141 -13.79 -9.77 -15.79
N ASP B 142 -12.48 -9.79 -15.62
CA ASP B 142 -11.92 -9.65 -14.29
C ASP B 142 -12.19 -8.24 -13.80
N GLN B 143 -12.74 -8.10 -12.61
CA GLN B 143 -13.10 -6.76 -12.10
C GLN B 143 -11.92 -5.82 -12.01
N GLY B 144 -10.77 -6.28 -11.54
CA GLY B 144 -9.59 -5.43 -11.42
C GLY B 144 -9.10 -4.95 -12.76
N ILE B 145 -8.94 -5.85 -13.73
CA ILE B 145 -8.52 -5.48 -15.09
C ILE B 145 -9.54 -4.56 -15.79
N ARG B 146 -10.81 -4.86 -15.64
CA ARG B 146 -11.85 -3.99 -16.15
C ARG B 146 -11.86 -2.59 -15.56
N ALA B 147 -11.65 -2.50 -14.25
CA ALA B 147 -11.63 -1.20 -13.58
C ALA B 147 -10.46 -0.37 -14.09
N LEU B 148 -9.34 -1.01 -14.36
CA LEU B 148 -8.17 -0.31 -14.89
C LEU B 148 -8.47 0.21 -16.28
N LYS B 149 -9.02 -0.64 -17.15
CA LYS B 149 -9.43 -0.18 -18.51
C LYS B 149 -10.37 1.01 -18.45
N GLU B 150 -11.37 0.93 -17.57
CA GLU B 150 -12.34 2.00 -17.42
C GLU B 150 -11.66 3.29 -17.03
N LYS B 151 -10.73 3.24 -16.09
CA LYS B 151 -10.08 4.46 -15.65
C LYS B 151 -9.22 5.00 -16.80
N LEU B 152 -8.56 4.11 -17.54
CA LEU B 152 -7.78 4.54 -18.69
C LEU B 152 -8.63 5.33 -19.66
N ASP B 153 -9.80 4.76 -19.92
CA ASP B 153 -10.70 5.32 -20.93
C ASP B 153 -11.34 6.66 -20.51
N THR B 154 -11.21 7.07 -19.26
CA THR B 154 -11.64 8.44 -18.85
C THR B 154 -10.71 9.51 -19.39
N GLY B 155 -9.54 9.12 -19.89
CA GLY B 155 -8.54 10.05 -20.38
C GLY B 155 -7.65 10.63 -19.29
N ILE B 156 -7.80 10.18 -18.05
CA ILE B 156 -7.14 10.85 -16.93
C ILE B 156 -5.60 10.79 -16.95
N ILE B 157 -5.05 9.80 -17.62
CA ILE B 157 -3.59 9.73 -17.79
C ILE B 157 -3.15 10.04 -19.19
N GLY B 158 -4.05 10.55 -20.02
CA GLY B 158 -3.77 10.80 -21.41
C GLY B 158 -3.62 9.50 -22.18
N ALA B 159 -2.98 9.56 -23.33
CA ALA B 159 -2.86 8.41 -24.21
C ALA B 159 -1.89 7.37 -23.66
N PRO B 160 -2.18 6.07 -23.82
CA PRO B 160 -1.25 5.04 -23.30
C PRO B 160 -0.06 4.86 -24.25
N LEU B 161 1.15 4.98 -23.70
CA LEU B 161 2.39 4.97 -24.48
C LEU B 161 3.13 3.65 -24.33
N VAL B 162 3.11 3.09 -23.13
CA VAL B 162 3.82 1.84 -22.80
C VAL B 162 2.92 1.04 -21.87
N VAL B 163 2.85 -0.27 -22.06
CA VAL B 163 2.20 -1.15 -21.07
C VAL B 163 3.28 -2.13 -20.57
N ARG B 164 3.38 -2.30 -19.26
CA ARG B 164 4.31 -3.27 -18.72
C ARG B 164 3.47 -4.26 -17.97
N ALA B 165 3.62 -5.54 -18.25
CA ALA B 165 2.74 -6.55 -17.68
C ALA B 165 3.57 -7.77 -17.27
N SER B 166 3.08 -8.53 -16.31
CA SER B 166 3.71 -9.79 -15.90
C SER B 166 2.63 -10.87 -15.82
N HIS B 167 3.00 -12.06 -16.30
CA HIS B 167 2.20 -13.25 -16.10
C HIS B 167 3.12 -14.26 -15.40
N ILE B 168 2.92 -14.38 -14.09
CA ILE B 168 3.79 -15.13 -13.16
C ILE B 168 3.06 -16.36 -12.70
N ASN B 169 3.72 -17.50 -12.83
CA ASN B 169 3.12 -18.80 -12.48
C ASN B 169 4.19 -19.56 -11.69
N PRO B 170 3.82 -20.32 -10.64
CA PRO B 170 4.86 -20.84 -9.73
C PRO B 170 5.63 -22.05 -10.32
N ASN B 171 4.95 -22.96 -11.02
CA ASN B 171 5.61 -24.17 -11.57
C ASN B 171 4.69 -24.73 -12.66
N VAL B 172 5.25 -25.54 -13.58
CA VAL B 172 4.45 -26.12 -14.64
C VAL B 172 4.54 -27.65 -14.59
N ALA B 173 3.56 -28.28 -15.23
CA ALA B 173 3.45 -29.73 -15.32
C ALA B 173 4.40 -30.21 -16.38
N SER B 174 4.65 -31.52 -16.43
CA SER B 174 5.67 -32.03 -17.36
C SER B 174 5.31 -31.89 -18.85
N ASN B 175 4.03 -31.71 -19.17
CA ASN B 175 3.60 -31.59 -20.55
C ASN B 175 3.82 -30.17 -21.08
N TYR B 176 4.27 -29.27 -20.22
CA TYR B 176 4.36 -27.85 -20.62
C TYR B 176 5.55 -27.59 -21.57
N SER B 177 5.28 -27.18 -22.80
CA SER B 177 6.35 -27.02 -23.79
C SER B 177 6.71 -25.55 -23.99
N ASN B 178 7.79 -25.30 -24.69
CA ASN B 178 8.15 -23.92 -24.96
C ASN B 178 7.04 -23.20 -25.64
N GLU B 179 6.35 -23.85 -26.59
CA GLU B 179 5.31 -23.12 -27.32
C GLU B 179 4.10 -22.76 -26.47
N MET B 180 3.90 -23.51 -25.40
CA MET B 180 2.81 -23.24 -24.46
C MET B 180 3.03 -21.94 -23.66
N ALA B 181 4.28 -21.49 -23.55
CA ALA B 181 4.52 -20.16 -22.96
C ALA B 181 3.68 -19.12 -23.71
N ILE B 182 3.47 -19.33 -25.00
CA ILE B 182 2.59 -18.50 -25.81
C ILE B 182 1.12 -18.97 -25.74
N THR B 183 0.90 -20.25 -26.10
CA THR B 183 -0.45 -20.73 -26.38
C THR B 183 -1.35 -20.96 -25.16
N ASP B 184 -0.74 -21.19 -23.97
CA ASP B 184 -1.46 -21.47 -22.74
C ASP B 184 -1.40 -20.22 -21.82
N THR B 185 -0.27 -19.53 -21.86
CA THR B 185 0.03 -18.48 -20.88
C THR B 185 -0.07 -17.10 -21.49
N LEU B 186 0.86 -16.71 -22.36
CA LEU B 186 0.79 -15.38 -23.00
C LEU B 186 -0.49 -15.12 -23.74
N ILE B 187 -1.19 -16.18 -24.17
CA ILE B 187 -2.43 -15.99 -24.92
C ILE B 187 -3.43 -15.06 -24.22
N HIS B 188 -3.45 -15.05 -22.89
CA HIS B 188 -4.35 -14.17 -22.13
C HIS B 188 -3.99 -12.70 -22.32
N GLU B 189 -2.70 -12.36 -22.22
CA GLU B 189 -2.24 -10.99 -22.54
C GLU B 189 -2.45 -10.64 -24.02
N ILE B 190 -2.28 -11.64 -24.90
CA ILE B 190 -2.51 -11.41 -26.31
C ILE B 190 -3.95 -10.97 -26.59
N ASP B 191 -4.92 -11.65 -26.01
CA ASP B 191 -6.29 -11.18 -26.21
C ASP B 191 -6.56 -9.84 -25.46
N GLU B 192 -5.94 -9.69 -24.30
CA GLU B 192 -6.25 -8.57 -23.42
C GLU B 192 -5.75 -7.20 -23.89
N MET B 193 -4.57 -7.14 -24.47
CA MET B 193 -3.94 -5.85 -24.70
C MET B 193 -4.60 -5.08 -25.83
N HIS B 194 -4.95 -5.75 -26.92
CA HIS B 194 -5.63 -5.01 -28.01
C HIS B 194 -6.98 -4.48 -27.58
N TRP B 195 -7.68 -5.24 -26.73
CA TRP B 195 -8.93 -4.80 -26.13
C TRP B 195 -8.72 -3.62 -25.16
N LEU B 196 -7.75 -3.76 -24.27
CA LEU B 196 -7.42 -2.70 -23.31
C LEU B 196 -7.17 -1.36 -23.99
N LEU B 197 -6.39 -1.42 -25.07
CA LEU B 197 -5.90 -0.23 -25.77
C LEU B 197 -6.78 0.20 -26.92
N ASP B 198 -7.82 -0.55 -27.24
CA ASP B 198 -8.59 -0.29 -28.48
C ASP B 198 -7.65 -0.09 -29.68
N ASP B 199 -6.81 -1.09 -29.94
CA ASP B 199 -5.74 -0.95 -30.92
C ASP B 199 -5.50 -2.33 -31.61
N GLU B 200 -4.61 -2.37 -32.58
CA GLU B 200 -4.28 -3.55 -33.38
C GLU B 200 -2.78 -3.75 -33.29
N TYR B 201 -2.33 -4.98 -33.19
CA TYR B 201 -0.89 -5.28 -33.17
C TYR B 201 -0.24 -5.18 -34.54
N THR B 202 0.99 -4.71 -34.56
CA THR B 202 1.78 -4.67 -35.78
C THR B 202 3.00 -5.57 -35.70
N SER B 203 3.41 -6.03 -34.52
CA SER B 203 4.53 -6.96 -34.45
C SER B 203 4.59 -7.62 -33.11
N ILE B 204 5.29 -8.74 -33.02
CA ILE B 204 5.57 -9.37 -31.72
C ILE B 204 6.95 -9.90 -31.76
N GLN B 205 7.64 -9.85 -30.63
CA GLN B 205 9.00 -10.34 -30.54
C GLN B 205 9.23 -11.04 -29.21
N ILE B 206 9.79 -12.25 -29.22
CA ILE B 206 10.06 -12.99 -28.03
C ILE B 206 11.57 -13.08 -27.79
N THR B 207 12.03 -12.68 -26.62
CA THR B 207 13.42 -12.86 -26.25
C THR B 207 13.61 -13.70 -25.03
N TYR B 208 14.77 -14.32 -24.93
CA TYR B 208 15.09 -15.23 -23.84
C TYR B 208 16.19 -14.63 -22.99
N PRO B 209 15.86 -14.22 -21.76
CA PRO B 209 16.90 -13.87 -20.81
C PRO B 209 17.60 -15.13 -20.33
N ARG B 210 18.54 -14.99 -19.42
CA ARG B 210 19.19 -16.17 -18.90
C ARG B 210 18.17 -17.19 -18.40
N GLN B 211 18.52 -18.46 -18.62
CA GLN B 211 17.57 -19.55 -18.36
C GLN B 211 17.54 -19.81 -16.88
N SER B 212 16.35 -19.94 -16.31
CA SER B 212 16.22 -20.28 -14.92
C SER B 212 16.64 -21.71 -14.58
N ALA B 213 17.40 -21.85 -13.50
CA ALA B 213 17.77 -23.17 -12.94
C ALA B 213 16.53 -23.99 -12.55
N GLU B 214 15.35 -23.34 -12.47
CA GLU B 214 14.17 -24.04 -11.95
C GLU B 214 13.46 -24.81 -13.05
N VAL B 215 13.87 -24.63 -14.31
CA VAL B 215 13.18 -25.27 -15.40
C VAL B 215 13.54 -26.75 -15.41
N ARG B 216 12.53 -27.65 -15.37
CA ARG B 216 12.63 -29.09 -15.45
C ARG B 216 12.09 -29.61 -16.77
N ASN B 217 11.62 -28.86 -17.70
CA ASN B 217 10.97 -29.32 -18.91
C ASN B 217 11.79 -29.14 -20.17
N GLU B 218 11.85 -30.22 -20.97
CA GLU B 218 12.67 -30.30 -22.17
C GLU B 218 12.29 -29.25 -23.13
N GLY B 219 13.25 -28.41 -23.53
CA GLY B 219 13.00 -27.44 -24.58
C GLY B 219 12.37 -26.13 -24.08
N LEU B 220 11.85 -26.13 -22.86
CA LEU B 220 11.23 -24.90 -22.27
C LEU B 220 12.26 -23.83 -21.93
N HIS B 221 12.09 -22.64 -22.52
CA HIS B 221 12.80 -21.44 -22.09
C HIS B 221 11.96 -20.68 -21.06
N ASP B 222 12.57 -20.32 -19.96
CA ASP B 222 11.87 -19.58 -18.94
C ASP B 222 12.89 -18.77 -18.16
N PRO B 223 12.66 -17.45 -17.98
CA PRO B 223 11.50 -16.69 -18.41
C PRO B 223 11.50 -16.32 -19.88
N GLN B 224 10.42 -15.75 -20.39
CA GLN B 224 10.43 -15.20 -21.75
C GLN B 224 9.96 -13.74 -21.70
N LEU B 225 10.50 -12.90 -22.55
CA LEU B 225 10.02 -11.52 -22.62
C LEU B 225 9.31 -11.33 -23.93
N ALA B 226 8.06 -10.88 -23.91
CA ALA B 226 7.33 -10.67 -25.15
C ALA B 226 7.18 -9.16 -25.34
N THR B 227 7.55 -8.67 -26.51
CA THR B 227 7.36 -7.26 -26.83
C THR B 227 6.39 -7.13 -28.01
N LEU B 228 5.29 -6.42 -27.81
CA LEU B 228 4.33 -6.22 -28.88
C LEU B 228 4.28 -4.73 -29.22
N THR B 229 4.12 -4.41 -30.50
CA THR B 229 3.92 -3.04 -30.91
C THR B 229 2.52 -2.94 -31.49
N THR B 230 1.92 -1.75 -31.42
CA THR B 230 0.55 -1.52 -31.91
C THR B 230 0.54 -0.43 -32.97
N LYS B 231 -0.53 -0.33 -33.71
CA LYS B 231 -0.66 0.67 -34.78
C LYS B 231 -0.53 2.11 -34.26
N LYS B 232 -1.16 2.43 -33.12
CA LYS B 232 -1.05 3.77 -32.52
C LYS B 232 0.36 4.04 -31.92
N GLY B 233 1.20 3.01 -31.84
CA GLY B 233 2.60 3.12 -31.44
C GLY B 233 2.89 2.65 -29.99
N THR B 234 1.87 2.24 -29.24
CA THR B 234 2.11 1.77 -27.88
C THR B 234 3.00 0.50 -27.92
N VAL B 235 3.99 0.46 -27.04
CA VAL B 235 4.81 -0.74 -26.89
C VAL B 235 4.39 -1.49 -25.61
N ILE B 236 4.14 -2.80 -25.74
CA ILE B 236 3.74 -3.67 -24.64
C ILE B 236 4.87 -4.60 -24.32
N GLN B 237 5.31 -4.60 -23.06
CA GLN B 237 6.38 -5.46 -22.59
C GLN B 237 5.81 -6.43 -21.56
N VAL B 238 5.74 -7.72 -21.90
CA VAL B 238 5.20 -8.74 -20.98
C VAL B 238 6.31 -9.66 -20.51
N LEU B 239 6.41 -9.85 -19.21
CA LEU B 239 7.33 -10.84 -18.64
C LEU B 239 6.47 -12.09 -18.42
N VAL B 240 6.88 -13.20 -19.03
CA VAL B 240 6.23 -14.50 -18.82
C VAL B 240 7.20 -15.32 -18.02
N HIS B 241 6.78 -15.72 -16.83
CA HIS B 241 7.69 -16.42 -15.95
C HIS B 241 6.91 -17.52 -15.27
N VAL B 242 7.13 -18.77 -15.73
CA VAL B 242 6.25 -19.86 -15.36
C VAL B 242 6.83 -20.84 -14.37
N THR B 243 8.09 -20.65 -13.99
CA THR B 243 8.71 -21.45 -12.91
C THR B 243 9.13 -20.52 -11.76
N ALA B 244 8.33 -19.48 -11.53
CA ALA B 244 8.69 -18.40 -10.59
C ALA B 244 8.74 -18.77 -9.12
N GLN B 245 8.12 -19.91 -8.78
CA GLN B 245 8.08 -20.51 -7.44
C GLN B 245 7.15 -19.82 -6.45
N TYR B 246 7.19 -18.51 -6.38
CA TYR B 246 6.61 -17.86 -5.21
C TYR B 246 5.09 -17.75 -5.24
N GLY B 247 4.49 -17.76 -6.41
CA GLY B 247 3.06 -17.56 -6.48
C GLY B 247 2.57 -17.45 -7.88
N TYR B 248 1.27 -17.30 -8.05
CA TYR B 248 0.65 -16.98 -9.35
C TYR B 248 0.23 -15.51 -9.32
N GLU B 249 0.68 -14.71 -10.27
CA GLU B 249 0.36 -13.29 -10.19
C GLU B 249 0.24 -12.67 -11.57
N VAL B 250 -0.78 -11.83 -11.73
CA VAL B 250 -0.98 -11.06 -12.96
C VAL B 250 -0.78 -9.57 -12.63
N LYS B 251 0.18 -8.94 -13.30
CA LYS B 251 0.54 -7.53 -13.08
C LYS B 251 0.33 -6.76 -14.34
N LEU B 252 -0.13 -5.51 -14.21
CA LEU B 252 -0.45 -4.68 -15.37
C LEU B 252 -0.28 -3.22 -15.02
N GLU B 253 0.57 -2.53 -15.78
CA GLU B 253 0.81 -1.11 -15.56
C GLU B 253 0.71 -0.43 -16.90
N VAL B 254 -0.02 0.68 -16.95
CA VAL B 254 -0.13 1.44 -18.19
C VAL B 254 0.49 2.82 -17.94
N ILE B 255 1.45 3.15 -18.78
CA ILE B 255 2.20 4.42 -18.73
C ILE B 255 1.55 5.37 -19.75
N GLY B 256 0.92 6.42 -19.24
CA GLY B 256 0.28 7.40 -20.08
C GLY B 256 1.07 8.68 -20.15
N GLU B 257 0.62 9.57 -21.02
CA GLU B 257 1.24 10.87 -21.21
C GLU B 257 1.35 11.67 -19.93
N THR B 258 0.31 11.60 -19.09
CA THR B 258 0.25 12.45 -17.90
C THR B 258 0.10 11.70 -16.55
N GLY B 259 0.20 10.37 -16.58
CA GLY B 259 0.14 9.62 -15.36
C GLY B 259 0.29 8.14 -15.65
N GLU B 260 0.11 7.32 -14.63
CA GLU B 260 0.15 5.85 -14.82
C GLU B 260 -1.01 5.20 -14.07
N LEU B 261 -1.38 3.99 -14.49
CA LEU B 261 -2.40 3.17 -13.80
C LEU B 261 -1.81 1.80 -13.58
N GLN B 262 -1.98 1.24 -12.41
CA GLN B 262 -1.60 -0.17 -12.25
C GLN B 262 -2.59 -0.93 -11.43
N LEU B 263 -2.63 -2.23 -11.66
CA LEU B 263 -3.45 -3.09 -10.84
C LEU B 263 -2.90 -3.16 -9.42
N PRO B 264 -3.78 -3.18 -8.45
CA PRO B 264 -3.35 -3.36 -7.08
C PRO B 264 -3.02 -4.84 -6.86
N ASN B 265 -2.50 -5.14 -5.70
CA ASN B 265 -2.29 -6.52 -5.33
C ASN B 265 -3.63 -7.20 -5.25
N TYR B 266 -3.65 -8.42 -5.73
CA TYR B 266 -4.81 -9.21 -5.67
C TYR B 266 -4.88 -9.90 -4.32
N GLY B 267 -6.04 -9.93 -3.70
CA GLY B 267 -6.24 -10.72 -2.50
C GLY B 267 -7.02 -10.02 -1.42
N LEU B 268 -7.82 -10.77 -0.67
CA LEU B 268 -8.68 -10.16 0.35
C LEU B 268 -8.19 -10.50 1.75
N GLY B 269 -7.15 -11.35 1.84
CA GLY B 269 -6.70 -11.98 3.09
C GLY B 269 -6.03 -10.91 3.94
N PRO B 270 -5.84 -11.17 5.24
CA PRO B 270 -5.46 -10.05 6.10
C PRO B 270 -3.99 -9.69 5.99
N ILE B 271 -3.64 -8.49 6.45
CA ILE B 271 -2.24 -8.12 6.62
C ILE B 271 -1.78 -8.60 7.97
N LEU B 272 -0.73 -9.41 7.98
CA LEU B 272 -0.18 -9.97 9.22
C LEU B 272 1.10 -9.22 9.62
N ARG B 273 1.14 -8.76 10.87
CA ARG B 273 2.36 -8.21 11.45
C ARG B 273 2.86 -9.27 12.44
N SER B 274 4.02 -9.88 12.16
CA SER B 274 4.49 -11.00 12.93
C SER B 274 5.95 -11.18 12.61
N ASN B 275 6.76 -11.40 13.64
CA ASN B 275 8.10 -11.91 13.45
C ASN B 275 8.93 -10.95 12.58
N ALA B 276 8.91 -9.67 12.93
CA ALA B 276 9.70 -8.66 12.22
C ALA B 276 9.36 -8.53 10.74
N ASN B 277 8.12 -8.85 10.35
CA ASN B 277 7.66 -8.62 8.98
C ASN B 277 6.23 -8.19 8.95
N GLN B 278 5.85 -7.51 7.88
CA GLN B 278 4.48 -7.28 7.61
C GLN B 278 4.23 -8.05 6.33
N GLN B 279 3.19 -8.87 6.28
CA GLN B 279 2.99 -9.63 5.10
C GLN B 279 1.56 -9.95 4.72
N THR B 280 1.40 -10.24 3.44
CA THR B 280 0.14 -10.76 2.92
C THR B 280 0.41 -12.02 2.08
N ALA B 281 -0.59 -12.87 1.99
CA ALA B 281 -0.46 -14.10 1.23
C ALA B 281 -0.51 -13.79 -0.24
N VAL B 282 0.18 -14.62 -1.05
CA VAL B 282 0.09 -14.51 -2.53
C VAL B 282 -0.66 -15.76 -2.98
N GLU B 283 -1.59 -15.58 -3.91
CA GLU B 283 -2.32 -16.70 -4.55
C GLU B 283 -1.35 -17.67 -5.19
N MET B 284 -1.59 -18.98 -5.05
CA MET B 284 -0.76 -20.00 -5.68
C MET B 284 -1.47 -20.63 -6.87
N SER B 285 -2.78 -20.39 -7.00
CA SER B 285 -3.62 -21.05 -8.04
C SER B 285 -4.21 -20.06 -9.04
N TRP B 286 -3.97 -20.21 -10.35
CA TRP B 286 -4.72 -19.36 -11.28
C TRP B 286 -6.20 -19.64 -11.26
N ILE B 287 -6.57 -20.88 -10.93
CA ILE B 287 -7.98 -21.22 -10.81
C ILE B 287 -8.66 -20.30 -9.80
N ASN B 288 -8.05 -20.17 -8.65
CA ASN B 288 -8.63 -19.31 -7.63
C ASN B 288 -8.60 -17.86 -8.08
N ARG B 289 -7.51 -17.44 -8.69
CA ARG B 289 -7.38 -16.05 -9.08
C ARG B 289 -8.53 -15.56 -9.95
N PHE B 290 -9.06 -16.41 -10.82
CA PHE B 290 -9.99 -15.92 -11.84
C PHE B 290 -11.38 -16.51 -11.69
N ILE B 291 -11.69 -16.99 -10.48
CA ILE B 291 -13.04 -17.48 -10.18
C ILE B 291 -14.12 -16.49 -10.57
N GLN B 292 -13.98 -15.25 -10.18
CA GLN B 292 -14.98 -14.24 -10.46
C GLN B 292 -15.09 -14.03 -11.96
N ALA B 293 -13.94 -13.88 -12.67
CA ALA B 293 -13.97 -13.62 -14.11
C ALA B 293 -14.73 -14.74 -14.83
N TYR B 294 -14.48 -15.99 -14.47
CA TYR B 294 -15.19 -17.11 -15.10
C TYR B 294 -16.71 -17.05 -14.84
N ASN B 295 -17.12 -16.78 -13.61
CA ASN B 295 -18.54 -16.62 -13.28
C ASN B 295 -19.20 -15.51 -14.10
N THR B 296 -18.54 -14.35 -14.17
CA THR B 296 -19.11 -13.22 -14.86
C THR B 296 -19.18 -13.46 -16.34
N GLU B 297 -18.13 -14.04 -16.91
CA GLU B 297 -18.04 -14.31 -18.33
C GLU B 297 -19.21 -15.25 -18.74
N VAL B 298 -19.39 -16.32 -17.98
CA VAL B 298 -20.40 -17.32 -18.31
C VAL B 298 -21.81 -16.79 -18.04
N GLN B 299 -22.01 -16.10 -16.95
CA GLN B 299 -23.32 -15.48 -16.70
C GLN B 299 -23.72 -14.52 -17.86
N GLU B 300 -22.80 -13.73 -18.38
CA GLU B 300 -23.12 -12.85 -19.51
C GLU B 300 -23.54 -13.62 -20.73
N PHE B 301 -22.78 -14.64 -21.11
CA PHE B 301 -23.12 -15.48 -22.26
C PHE B 301 -24.53 -16.08 -22.10
N ILE B 302 -24.81 -16.62 -20.92
CA ILE B 302 -26.14 -17.21 -20.64
C ILE B 302 -27.21 -16.13 -20.73
N ASP B 303 -27.00 -14.98 -20.08
CA ASP B 303 -27.96 -13.86 -20.20
C ASP B 303 -28.23 -13.48 -21.64
N GLU B 304 -27.21 -13.52 -22.52
CA GLU B 304 -27.43 -13.15 -23.92
C GLU B 304 -28.23 -14.22 -24.61
N VAL B 305 -27.91 -15.48 -24.36
CA VAL B 305 -28.70 -16.56 -24.96
C VAL B 305 -30.19 -16.56 -24.48
N ALA B 306 -30.43 -16.22 -23.21
CA ALA B 306 -31.78 -16.16 -22.69
C ALA B 306 -32.65 -15.17 -23.47
N LYS B 307 -32.04 -14.08 -23.96
CA LYS B 307 -32.70 -13.05 -24.80
C LYS B 307 -32.67 -13.30 -26.31
N SER B 308 -32.17 -14.48 -26.72
CA SER B 308 -31.76 -14.81 -28.08
C SER B 308 -31.07 -13.65 -28.76
N GLU B 309 -30.18 -12.95 -28.05
CA GLU B 309 -29.30 -11.97 -28.71
C GLU B 309 -27.87 -12.51 -28.92
N PRO B 310 -27.16 -12.01 -29.91
CA PRO B 310 -25.76 -12.43 -30.07
C PRO B 310 -24.96 -12.15 -28.76
N PRO B 311 -23.93 -13.00 -28.50
CA PRO B 311 -23.03 -12.77 -27.38
C PRO B 311 -22.34 -11.42 -27.56
N VAL B 312 -21.92 -10.83 -26.45
CA VAL B 312 -21.20 -9.58 -26.54
C VAL B 312 -19.77 -9.65 -26.06
N GLY B 313 -19.31 -10.82 -25.64
CA GLY B 313 -17.95 -11.04 -25.17
C GLY B 313 -17.07 -11.33 -26.33
N PRO B 314 -15.81 -11.73 -26.07
CA PRO B 314 -14.81 -11.97 -27.10
C PRO B 314 -15.38 -12.89 -28.18
N SER B 315 -15.14 -12.54 -29.42
CA SER B 315 -15.82 -13.18 -30.52
C SER B 315 -14.88 -14.09 -31.28
N ALA B 316 -15.40 -14.76 -32.32
CA ALA B 316 -14.54 -15.55 -33.18
C ALA B 316 -13.47 -14.68 -33.84
N TRP B 317 -13.81 -13.42 -34.11
CA TRP B 317 -12.82 -12.52 -34.68
C TRP B 317 -11.67 -12.26 -33.66
N ASP B 318 -12.00 -12.02 -32.39
CA ASP B 318 -10.97 -12.01 -31.33
C ASP B 318 -10.14 -13.33 -31.26
N GLY B 319 -10.83 -14.47 -31.42
CA GLY B 319 -10.14 -15.75 -31.45
C GLY B 319 -9.17 -15.77 -32.60
N TYR B 320 -9.56 -15.16 -33.71
CA TYR B 320 -8.69 -15.09 -34.89
C TYR B 320 -7.45 -14.17 -34.69
N ILE B 321 -7.67 -12.97 -34.14
CA ILE B 321 -6.52 -12.09 -33.80
C ILE B 321 -5.57 -12.80 -32.83
N ALA B 322 -6.13 -13.50 -31.85
CA ALA B 322 -5.30 -14.25 -30.91
C ALA B 322 -4.50 -15.34 -31.60
N ALA B 323 -5.16 -16.08 -32.50
CA ALA B 323 -4.47 -17.13 -33.25
C ALA B 323 -3.36 -16.62 -34.16
N ILE B 324 -3.61 -15.53 -34.86
CA ILE B 324 -2.59 -14.95 -35.72
C ILE B 324 -1.38 -14.49 -34.90
N THR B 325 -1.67 -13.81 -33.77
CA THR B 325 -0.62 -13.28 -32.89
C THR B 325 0.17 -14.40 -32.23
N ALA B 326 -0.54 -15.44 -31.75
CA ALA B 326 0.14 -16.58 -31.15
C ALA B 326 1.03 -17.30 -32.19
N ALA B 327 0.55 -17.44 -33.42
CA ALA B 327 1.37 -18.03 -34.44
C ALA B 327 2.63 -17.21 -34.68
N ALA B 328 2.47 -15.90 -34.76
CA ALA B 328 3.63 -15.03 -34.93
C ALA B 328 4.63 -15.14 -33.79
N ALA B 329 4.11 -15.24 -32.56
CA ALA B 329 4.99 -15.42 -31.39
C ALA B 329 5.74 -16.75 -31.45
N ASN B 330 5.05 -17.82 -31.85
CA ASN B 330 5.70 -19.12 -31.96
C ASN B 330 6.77 -19.08 -33.00
N ARG B 331 6.60 -18.33 -33.94
CA ARG B 331 7.63 -18.20 -34.94
C ARG B 331 8.81 -17.38 -34.46
N SER B 332 8.48 -16.31 -33.72
CA SER B 332 9.51 -15.54 -33.08
C SER B 332 10.33 -16.37 -32.12
N GLN B 333 9.70 -17.31 -31.45
CA GLN B 333 10.39 -18.15 -30.50
C GLN B 333 11.57 -18.96 -31.11
N LYS B 334 11.55 -19.10 -32.41
CA LYS B 334 12.54 -19.90 -33.09
C LYS B 334 13.93 -19.27 -33.13
N ASP B 335 14.00 -17.96 -33.31
CA ASP B 335 15.26 -17.26 -33.40
C ASP B 335 15.27 -15.90 -32.66
N GLN B 336 14.22 -15.62 -31.89
CA GLN B 336 14.09 -14.35 -31.14
C GLN B 336 14.05 -13.08 -31.98
N GLU B 337 13.56 -13.21 -33.21
CA GLU B 337 13.46 -12.07 -34.10
C GLU B 337 12.04 -11.59 -34.19
N THR B 338 11.89 -10.31 -34.55
CA THR B 338 10.57 -9.69 -34.60
C THR B 338 9.80 -10.30 -35.77
N VAL B 339 8.54 -10.57 -35.54
CA VAL B 339 7.63 -11.03 -36.58
C VAL B 339 6.47 -10.03 -36.76
N LEU B 340 6.28 -9.52 -37.98
CA LEU B 340 5.18 -8.64 -38.25
C LEU B 340 3.82 -9.28 -38.17
N ILE B 341 2.84 -8.46 -37.75
CA ILE B 341 1.46 -8.84 -37.66
C ILE B 341 0.63 -7.84 -38.46
N ASN B 342 -0.17 -8.33 -39.41
CA ASN B 342 -1.03 -7.41 -40.15
C ASN B 342 -2.41 -7.99 -40.13
N VAL B 343 -3.28 -7.57 -39.20
CA VAL B 343 -4.53 -8.27 -39.12
C VAL B 343 -5.54 -7.56 -40.05
N ALA B 344 -6.31 -8.35 -40.83
CA ALA B 344 -7.36 -7.73 -41.67
C ALA B 344 -8.28 -6.76 -40.90
N GLY B 345 -8.96 -5.86 -41.60
CA GLY B 345 -9.93 -4.97 -40.99
C GLY B 345 -11.11 -5.80 -40.47
N THR B 346 -11.72 -5.37 -39.37
CA THR B 346 -12.79 -6.12 -38.74
C THR B 346 -14.01 -6.08 -39.67
N PRO B 347 -14.58 -7.26 -40.02
CA PRO B 347 -15.80 -7.30 -40.87
C PRO B 347 -16.91 -6.65 -40.08
N THR B 348 -17.89 -6.07 -40.80
CA THR B 348 -19.00 -5.36 -40.15
C THR B 348 -19.72 -6.28 -39.18
N PHE B 349 -19.77 -7.55 -39.56
CA PHE B 349 -20.43 -8.59 -38.77
C PHE B 349 -19.95 -8.58 -37.32
N TYR B 350 -18.66 -8.27 -37.14
CA TYR B 350 -17.99 -8.37 -35.83
C TYR B 350 -17.79 -7.02 -35.13
N GLN B 351 -18.40 -5.95 -35.67
CA GLN B 351 -18.37 -4.62 -35.04
C GLN B 351 -19.59 -4.42 -34.11
N MET C 13 -34.76 -28.38 -5.80
CA MET C 13 -36.05 -27.78 -6.09
C MET C 13 -36.05 -26.32 -5.68
N VAL C 14 -36.85 -25.61 -6.49
CA VAL C 14 -36.89 -24.13 -6.40
C VAL C 14 -37.58 -23.66 -5.16
N VAL C 15 -36.91 -22.81 -4.40
CA VAL C 15 -37.46 -22.26 -3.15
C VAL C 15 -38.41 -21.12 -3.48
N LYS C 16 -39.68 -21.27 -3.08
CA LYS C 16 -40.69 -20.27 -3.35
C LYS C 16 -40.76 -19.28 -2.18
N VAL C 17 -40.57 -18.01 -2.48
CA VAL C 17 -40.35 -16.99 -1.45
C VAL C 17 -41.46 -15.94 -1.46
N GLY C 18 -41.89 -15.52 -0.25
CA GLY C 18 -42.74 -14.36 -0.12
C GLY C 18 -41.91 -13.25 0.55
N VAL C 19 -42.07 -12.03 0.09
CA VAL C 19 -41.31 -10.91 0.60
C VAL C 19 -42.28 -9.91 1.27
N ILE C 20 -42.02 -9.60 2.54
CA ILE C 20 -42.83 -8.69 3.31
C ILE C 20 -42.04 -7.41 3.49
N GLY C 21 -42.44 -6.33 2.82
CA GLY C 21 -41.69 -5.08 2.80
C GLY C 21 -40.91 -4.96 1.51
N THR C 22 -41.40 -4.16 0.58
CA THR C 22 -40.80 -4.05 -0.74
C THR C 22 -40.30 -2.62 -0.93
N GLY C 23 -39.49 -2.14 0.01
CA GLY C 23 -38.83 -0.85 -0.04
C GLY C 23 -37.45 -1.06 -0.60
N ALA C 24 -36.48 -0.27 -0.15
CA ALA C 24 -35.15 -0.28 -0.80
C ALA C 24 -34.49 -1.66 -0.63
N MET C 25 -34.41 -2.15 0.61
CA MET C 25 -33.75 -3.43 0.83
C MET C 25 -34.62 -4.61 0.40
N GLY C 26 -35.93 -4.49 0.55
CA GLY C 26 -36.78 -5.54 0.01
C GLY C 26 -36.63 -5.74 -1.49
N ARG C 27 -36.59 -4.64 -2.25
CA ARG C 27 -36.36 -4.72 -3.70
C ARG C 27 -34.97 -5.23 -3.98
N ALA C 28 -33.99 -4.88 -3.16
CA ALA C 28 -32.65 -5.38 -3.42
C ALA C 28 -32.61 -6.91 -3.20
N HIS C 29 -33.32 -7.42 -2.20
CA HIS C 29 -33.39 -8.86 -2.00
C HIS C 29 -34.20 -9.52 -3.11
N ILE C 30 -35.30 -8.92 -3.53
CA ILE C 30 -36.05 -9.46 -4.67
C ILE C 30 -35.15 -9.54 -5.91
N ASP C 31 -34.41 -8.47 -6.20
CA ASP C 31 -33.44 -8.48 -7.31
C ASP C 31 -32.41 -9.61 -7.15
N ARG C 32 -31.85 -9.81 -5.98
CA ARG C 32 -30.90 -10.89 -5.78
C ARG C 32 -31.51 -12.22 -6.12
N LEU C 33 -32.66 -12.44 -5.52
CA LEU C 33 -33.34 -13.74 -5.66
C LEU C 33 -33.75 -14.08 -7.08
N THR C 34 -34.13 -13.06 -7.85
CA THR C 34 -34.65 -13.15 -9.22
C THR C 34 -33.54 -13.17 -10.29
N ASN C 35 -32.54 -12.31 -10.13
CA ASN C 35 -31.60 -12.03 -11.20
C ASN C 35 -30.16 -12.40 -10.95
N VAL C 36 -29.83 -12.69 -9.71
CA VAL C 36 -28.42 -12.90 -9.34
C VAL C 36 -28.16 -14.28 -8.80
N LEU C 37 -28.96 -14.71 -7.83
CA LEU C 37 -28.73 -15.97 -7.13
C LEU C 37 -29.50 -17.12 -7.78
N THR C 38 -29.15 -18.34 -7.40
CA THR C 38 -29.76 -19.51 -8.00
C THR C 38 -30.72 -20.19 -7.02
N GLY C 39 -31.83 -20.72 -7.55
CA GLY C 39 -32.62 -21.65 -6.77
C GLY C 39 -33.81 -21.13 -6.01
N ALA C 40 -34.21 -19.91 -6.32
CA ALA C 40 -35.35 -19.29 -5.63
C ALA C 40 -36.21 -18.57 -6.64
N GLU C 41 -37.49 -18.34 -6.26
CA GLU C 41 -38.40 -17.55 -7.06
C GLU C 41 -39.31 -16.76 -6.09
N VAL C 42 -39.50 -15.47 -6.33
CA VAL C 42 -40.43 -14.66 -5.52
C VAL C 42 -41.82 -14.83 -6.11
N VAL C 43 -42.71 -15.46 -5.33
CA VAL C 43 -44.07 -15.74 -5.78
C VAL C 43 -45.16 -14.96 -5.04
N ALA C 44 -44.77 -14.15 -4.05
CA ALA C 44 -45.74 -13.38 -3.26
C ALA C 44 -45.04 -12.18 -2.67
N VAL C 45 -45.73 -11.04 -2.61
CA VAL C 45 -45.16 -9.86 -1.94
C VAL C 45 -46.29 -9.17 -1.18
N THR C 46 -45.92 -8.39 -0.16
CA THR C 46 -46.84 -7.47 0.47
C THR C 46 -46.06 -6.27 0.99
N ASP C 47 -46.72 -5.13 1.01
CA ASP C 47 -46.16 -3.93 1.64
C ASP C 47 -47.35 -3.06 2.14
N ILE C 48 -47.21 -2.35 3.25
CA ILE C 48 -48.30 -1.48 3.68
C ILE C 48 -48.66 -0.42 2.62
N ASP C 49 -47.68 -0.06 1.78
CA ASP C 49 -47.92 0.77 0.59
C ASP C 49 -48.14 -0.23 -0.51
N HIS C 50 -49.40 -0.52 -0.79
CA HIS C 50 -49.77 -1.49 -1.81
C HIS C 50 -49.19 -1.11 -3.18
N GLU C 51 -49.09 0.18 -3.49
CA GLU C 51 -48.59 0.61 -4.80
C GLU C 51 -47.11 0.24 -4.91
N ALA C 52 -46.37 0.28 -3.81
CA ALA C 52 -44.98 -0.21 -3.81
C ALA C 52 -44.85 -1.70 -4.11
N ALA C 53 -45.75 -2.54 -3.57
CA ALA C 53 -45.74 -3.97 -3.82
C ALA C 53 -46.07 -4.32 -5.27
N GLU C 54 -47.04 -3.60 -5.85
CA GLU C 54 -47.45 -3.79 -7.23
C GLU C 54 -46.29 -3.36 -8.11
N ALA C 55 -45.64 -2.26 -7.73
CA ALA C 55 -44.49 -1.77 -8.50
C ALA C 55 -43.34 -2.78 -8.48
N ALA C 56 -43.08 -3.43 -7.33
CA ALA C 56 -42.03 -4.45 -7.27
C ALA C 56 -42.34 -5.60 -8.22
N VAL C 57 -43.60 -6.06 -8.26
CA VAL C 57 -43.97 -7.13 -9.20
C VAL C 57 -43.69 -6.69 -10.67
N ARG C 58 -44.11 -5.48 -11.04
CA ARG C 58 -43.93 -4.98 -12.41
C ARG C 58 -42.44 -4.84 -12.70
N ASP C 59 -41.75 -4.17 -11.82
CA ASP C 59 -40.34 -3.80 -12.08
C ASP C 59 -39.42 -4.99 -12.24
N PHE C 60 -39.72 -6.08 -11.52
CA PHE C 60 -38.89 -7.28 -11.51
C PHE C 60 -39.47 -8.45 -12.32
N HIS C 61 -40.56 -8.15 -13.02
CA HIS C 61 -41.27 -9.09 -13.90
C HIS C 61 -41.60 -10.40 -13.15
N LEU C 62 -42.13 -10.25 -11.95
CA LEU C 62 -42.43 -11.41 -11.17
C LEU C 62 -43.76 -12.03 -11.56
N ASN C 63 -43.80 -13.36 -11.36
CA ASN C 63 -45.04 -14.09 -11.41
C ASN C 63 -45.43 -14.26 -9.95
N ALA C 64 -45.96 -13.18 -9.38
CA ALA C 64 -46.15 -13.09 -7.94
C ALA C 64 -47.49 -12.54 -7.61
N LYS C 65 -48.07 -13.01 -6.54
CA LYS C 65 -49.30 -12.44 -6.09
C LYS C 65 -49.05 -11.34 -5.10
N VAL C 66 -49.83 -10.26 -5.17
CA VAL C 66 -49.78 -9.19 -4.19
C VAL C 66 -50.85 -9.37 -3.09
N TYR C 67 -50.41 -9.52 -1.85
CA TYR C 67 -51.30 -9.66 -0.71
C TYR C 67 -51.40 -8.32 0.02
N PRO C 68 -52.56 -8.06 0.65
CA PRO C 68 -52.68 -6.74 1.31
C PRO C 68 -51.93 -6.61 2.63
N ASP C 69 -51.61 -7.74 3.26
CA ASP C 69 -50.84 -7.73 4.51
C ASP C 69 -50.03 -8.99 4.76
N ASP C 70 -49.26 -9.01 5.85
CA ASP C 70 -48.47 -10.17 6.16
C ASP C 70 -49.30 -11.39 6.51
N THR C 71 -50.40 -11.18 7.25
CA THR C 71 -51.27 -12.29 7.62
C THR C 71 -51.75 -13.05 6.41
N SER C 72 -52.26 -12.33 5.42
CA SER C 72 -52.76 -13.01 4.26
C SER C 72 -51.63 -13.66 3.44
N LEU C 73 -50.46 -13.02 3.35
CA LEU C 73 -49.35 -13.64 2.63
C LEU C 73 -48.96 -14.94 3.27
N LEU C 74 -48.93 -14.95 4.60
CA LEU C 74 -48.43 -16.12 5.33
C LEU C 74 -49.40 -17.32 5.23
N GLN C 75 -50.64 -17.10 4.78
CA GLN C 75 -51.60 -18.18 4.60
C GLN C 75 -51.35 -18.87 3.28
N ASP C 76 -50.50 -18.34 2.42
CA ASP C 76 -50.25 -18.99 1.12
C ASP C 76 -49.47 -20.30 1.33
N PRO C 77 -50.07 -21.50 1.13
CA PRO C 77 -49.27 -22.67 1.52
C PRO C 77 -48.11 -23.00 0.57
N ASP C 78 -48.10 -22.39 -0.62
CA ASP C 78 -47.07 -22.62 -1.59
C ASP C 78 -45.72 -21.93 -1.28
N ILE C 79 -45.74 -20.94 -0.41
CA ILE C 79 -44.49 -20.31 0.04
C ILE C 79 -43.65 -21.15 0.98
N ASP C 80 -42.37 -21.32 0.61
CA ASP C 80 -41.47 -22.10 1.41
C ASP C 80 -40.74 -21.25 2.44
N ALA C 81 -40.52 -19.97 2.11
CA ALA C 81 -39.74 -19.11 3.00
C ALA C 81 -40.25 -17.68 2.83
N VAL C 82 -40.22 -16.88 3.90
CA VAL C 82 -40.55 -15.48 3.82
C VAL C 82 -39.32 -14.65 4.17
N PHE C 83 -39.19 -13.52 3.48
CA PHE C 83 -38.20 -12.51 3.82
C PHE C 83 -38.90 -11.33 4.48
N VAL C 84 -38.46 -10.98 5.69
CA VAL C 84 -39.07 -9.87 6.42
C VAL C 84 -38.16 -8.66 6.24
N VAL C 85 -38.62 -7.64 5.51
CA VAL C 85 -37.75 -6.50 5.14
C VAL C 85 -38.55 -5.22 5.29
N SER C 86 -39.44 -5.23 6.28
CA SER C 86 -40.20 -4.02 6.62
C SER C 86 -39.41 -3.16 7.58
N PHE C 87 -40.00 -2.06 8.08
CA PHE C 87 -39.38 -1.26 9.15
C PHE C 87 -38.89 -2.18 10.29
N GLY C 88 -37.72 -1.89 10.87
CA GLY C 88 -37.26 -2.65 12.01
C GLY C 88 -38.33 -2.93 13.08
N GLY C 89 -39.09 -1.89 13.42
CA GLY C 89 -40.12 -1.97 14.45
C GLY C 89 -41.26 -2.96 14.12
N ALA C 90 -41.39 -3.36 12.84
CA ALA C 90 -42.41 -4.29 12.39
C ALA C 90 -41.93 -5.72 12.36
N HIS C 91 -40.63 -5.93 12.49
CA HIS C 91 -40.08 -7.28 12.34
C HIS C 91 -40.65 -8.25 13.36
N GLU C 92 -40.74 -7.82 14.63
CA GLU C 92 -41.10 -8.75 15.74
C GLU C 92 -42.47 -9.35 15.54
N ALA C 93 -43.48 -8.52 15.24
CA ALA C 93 -44.84 -9.07 15.13
C ALA C 93 -44.92 -9.99 13.91
N THR C 94 -44.20 -9.64 12.85
CA THR C 94 -44.29 -10.42 11.63
C THR C 94 -43.56 -11.74 11.83
N VAL C 95 -42.40 -11.69 12.46
CA VAL C 95 -41.65 -12.95 12.71
C VAL C 95 -42.45 -13.90 13.62
N LEU C 96 -43.12 -13.35 14.62
CA LEU C 96 -44.00 -14.16 15.47
C LEU C 96 -45.14 -14.77 14.70
N LYS C 97 -45.74 -14.06 13.75
CA LYS C 97 -46.79 -14.66 12.97
C LYS C 97 -46.25 -15.77 12.12
N ALA C 98 -45.09 -15.53 11.52
CA ALA C 98 -44.50 -16.51 10.63
C ALA C 98 -44.14 -17.82 11.34
N LEU C 99 -43.85 -17.69 12.62
CA LEU C 99 -43.49 -18.84 13.46
C LEU C 99 -44.70 -19.75 13.73
N ASP C 100 -45.93 -19.26 13.47
CA ASP C 100 -47.14 -20.10 13.51
C ASP C 100 -47.30 -20.94 12.25
N THR C 101 -46.47 -20.66 11.23
CA THR C 101 -46.49 -21.43 9.99
C THR C 101 -45.29 -22.36 10.02
N ASP C 102 -45.17 -23.17 9.00
CA ASP C 102 -44.00 -24.00 8.91
C ASP C 102 -42.91 -23.40 8.01
N LYS C 103 -43.09 -22.15 7.61
CA LYS C 103 -42.17 -21.53 6.66
C LYS C 103 -40.82 -21.19 7.31
N PHE C 104 -39.75 -21.26 6.51
CA PHE C 104 -38.46 -20.67 6.95
C PHE C 104 -38.55 -19.12 6.90
N ILE C 105 -37.69 -18.46 7.67
CA ILE C 105 -37.81 -17.03 7.89
C ILE C 105 -36.43 -16.40 7.75
N PHE C 106 -36.25 -15.54 6.75
CA PHE C 106 -35.08 -14.65 6.73
C PHE C 106 -35.56 -13.27 7.13
N THR C 107 -35.10 -12.77 8.27
CA THR C 107 -35.47 -11.41 8.63
C THR C 107 -34.24 -10.52 8.51
N GLU C 108 -34.39 -9.35 7.92
CA GLU C 108 -33.34 -8.36 8.01
C GLU C 108 -33.17 -7.99 9.44
N LYS C 109 -32.00 -7.48 9.76
CA LYS C 109 -31.74 -6.94 11.10
C LYS C 109 -32.66 -5.72 11.26
N PRO C 110 -33.07 -5.41 12.49
CA PRO C 110 -32.89 -6.15 13.75
C PRO C 110 -33.92 -7.29 13.86
N LEU C 111 -33.63 -8.29 14.69
CA LEU C 111 -34.62 -9.34 14.95
C LEU C 111 -35.90 -8.67 15.54
N ALA C 112 -35.65 -7.72 16.41
CA ALA C 112 -36.71 -6.98 17.05
C ALA C 112 -36.07 -5.75 17.57
N THR C 113 -36.86 -4.70 17.81
CA THR C 113 -36.32 -3.44 18.28
C THR C 113 -36.27 -3.33 19.81
N THR C 114 -36.73 -4.36 20.53
CA THR C 114 -36.46 -4.39 21.97
C THR C 114 -35.91 -5.72 22.34
N LEU C 115 -35.19 -5.81 23.45
CA LEU C 115 -34.59 -7.11 23.86
C LEU C 115 -35.70 -8.03 24.32
N GLU C 116 -36.77 -7.45 24.86
CA GLU C 116 -37.97 -8.27 25.18
C GLU C 116 -38.69 -8.90 23.98
N GLY C 117 -38.79 -8.17 22.86
CA GLY C 117 -39.40 -8.72 21.66
C GLY C 117 -38.49 -9.78 21.08
N ALA C 118 -37.18 -9.56 21.19
CA ALA C 118 -36.25 -10.57 20.71
C ALA C 118 -36.38 -11.85 21.55
N LYS C 119 -36.56 -11.68 22.86
CA LYS C 119 -36.72 -12.85 23.75
C LYS C 119 -38.01 -13.63 23.46
N ARG C 120 -39.09 -12.90 23.13
CA ARG C 120 -40.36 -13.50 22.69
C ARG C 120 -40.18 -14.40 21.51
N ILE C 121 -39.43 -13.92 20.51
CA ILE C 121 -39.20 -14.71 19.30
C ILE C 121 -38.34 -15.90 19.63
N VAL C 122 -37.30 -15.75 20.44
CA VAL C 122 -36.45 -16.88 20.83
C VAL C 122 -37.29 -17.93 21.56
N ASP C 123 -38.01 -17.49 22.58
CA ASP C 123 -38.91 -18.41 23.32
C ASP C 123 -39.88 -19.15 22.44
N LYS C 124 -40.47 -18.49 21.43
CA LYS C 124 -41.41 -19.15 20.53
C LYS C 124 -40.70 -20.10 19.60
N GLU C 125 -39.56 -19.67 19.07
CA GLU C 125 -38.84 -20.53 18.15
C GLU C 125 -38.38 -21.84 18.87
N LEU C 126 -38.04 -21.72 20.14
CA LEU C 126 -37.58 -22.86 20.93
C LEU C 126 -38.66 -23.98 21.05
N THR C 127 -39.92 -23.61 20.87
CA THR C 127 -41.01 -24.59 20.99
C THR C 127 -41.15 -25.41 19.74
N LYS C 128 -40.38 -25.08 18.68
CA LYS C 128 -40.59 -25.68 17.33
C LYS C 128 -39.70 -26.92 17.07
N SER C 129 -40.06 -27.71 16.05
CA SER C 129 -39.30 -28.92 15.83
C SER C 129 -38.10 -28.66 14.93
N LYS C 130 -37.84 -27.38 14.59
CA LYS C 130 -36.58 -27.06 13.95
C LYS C 130 -36.40 -25.55 13.94
N LYS C 131 -35.12 -25.12 13.98
CA LYS C 131 -34.76 -23.72 13.83
C LYS C 131 -35.04 -23.25 12.42
N VAL C 132 -35.75 -22.12 12.29
CA VAL C 132 -36.16 -21.66 10.97
C VAL C 132 -35.75 -20.19 10.65
N ILE C 133 -35.26 -19.44 11.65
CA ILE C 133 -34.95 -18.03 11.47
C ILE C 133 -33.47 -17.77 11.18
N GLN C 134 -33.20 -16.96 10.18
CA GLN C 134 -31.84 -16.43 9.97
C GLN C 134 -32.02 -14.91 10.00
N VAL C 135 -31.06 -14.23 10.64
CA VAL C 135 -31.09 -12.77 10.77
C VAL C 135 -30.02 -12.18 9.85
N GLY C 136 -30.37 -11.12 9.11
CA GLY C 136 -29.50 -10.52 8.09
C GLY C 136 -28.24 -9.76 8.52
N PHE C 137 -27.49 -10.30 9.46
CA PHE C 137 -26.16 -9.75 9.80
C PHE C 137 -25.12 -10.25 8.79
N MET C 138 -25.01 -9.52 7.70
CA MET C 138 -24.22 -9.95 6.54
C MET C 138 -22.71 -9.86 6.76
N ARG C 139 -22.23 -9.10 7.76
CA ARG C 139 -20.75 -8.92 7.94
C ARG C 139 -20.07 -10.27 8.02
N ARG C 140 -20.73 -11.28 8.60
CA ARG C 140 -20.10 -12.58 8.85
C ARG C 140 -19.79 -13.30 7.55
N TYR C 141 -20.42 -12.86 6.45
CA TYR C 141 -20.23 -13.49 5.14
C TYR C 141 -19.22 -12.75 4.29
N ASP C 142 -18.78 -11.59 4.75
CA ASP C 142 -17.82 -10.80 3.97
C ASP C 142 -16.51 -11.59 3.88
N GLN C 143 -16.00 -11.78 2.66
CA GLN C 143 -14.83 -12.61 2.49
C GLN C 143 -13.59 -12.08 3.21
N GLY C 144 -13.39 -10.78 3.20
CA GLY C 144 -12.26 -10.24 3.91
C GLY C 144 -12.30 -10.44 5.41
N ILE C 145 -13.47 -10.20 5.99
CA ILE C 145 -13.62 -10.32 7.41
C ILE C 145 -13.47 -11.78 7.77
N ARG C 146 -14.05 -12.65 6.98
CA ARG C 146 -13.92 -14.04 7.28
C ARG C 146 -12.51 -14.50 7.23
N ALA C 147 -11.76 -14.00 6.25
CA ALA C 147 -10.37 -14.39 6.13
C ALA C 147 -9.55 -13.94 7.32
N LEU C 148 -9.87 -12.78 7.83
CA LEU C 148 -9.16 -12.29 9.00
C LEU C 148 -9.51 -13.15 10.22
N LYS C 149 -10.78 -13.50 10.40
CA LYS C 149 -11.17 -14.39 11.51
C LYS C 149 -10.45 -15.75 11.39
N GLU C 150 -10.42 -16.30 10.18
CA GLU C 150 -9.77 -17.59 9.94
C GLU C 150 -8.31 -17.55 10.32
N LYS C 151 -7.59 -16.51 9.91
CA LYS C 151 -6.17 -16.37 10.27
C LYS C 151 -6.00 -16.16 11.78
N LEU C 152 -6.87 -15.37 12.41
CA LEU C 152 -6.80 -15.21 13.86
C LEU C 152 -6.92 -16.56 14.57
N ASP C 153 -7.80 -17.40 14.06
CA ASP C 153 -8.15 -18.65 14.74
C ASP C 153 -7.03 -19.72 14.54
N THR C 154 -6.03 -19.41 13.74
CA THR C 154 -4.88 -20.30 13.65
C THR C 154 -3.96 -20.14 14.85
N GLY C 155 -4.15 -19.10 15.66
CA GLY C 155 -3.26 -18.85 16.78
C GLY C 155 -2.00 -18.08 16.48
N ILE C 156 -1.84 -17.66 15.23
CA ILE C 156 -0.57 -17.10 14.78
C ILE C 156 -0.20 -15.78 15.46
N ILE C 157 -1.18 -15.06 16.00
CA ILE C 157 -0.85 -13.82 16.71
C ILE C 157 -1.15 -13.96 18.18
N GLY C 158 -1.33 -15.19 18.66
CA GLY C 158 -1.70 -15.40 20.05
C GLY C 158 -3.11 -14.94 20.40
N ALA C 159 -3.37 -14.70 21.66
CA ALA C 159 -4.71 -14.30 22.10
C ALA C 159 -5.02 -12.88 21.70
N PRO C 160 -6.26 -12.60 21.28
CA PRO C 160 -6.63 -11.21 20.96
C PRO C 160 -6.79 -10.36 22.24
N LEU C 161 -6.06 -9.25 22.29
CA LEU C 161 -6.03 -8.39 23.46
C LEU C 161 -6.93 -7.14 23.25
N VAL C 162 -6.82 -6.53 22.07
CA VAL C 162 -7.53 -5.29 21.74
C VAL C 162 -8.01 -5.42 20.30
N VAL C 163 -9.21 -4.90 20.01
CA VAL C 163 -9.71 -4.81 18.63
C VAL C 163 -9.99 -3.33 18.38
N ARG C 164 -9.48 -2.80 17.28
CA ARG C 164 -9.82 -1.45 16.92
C ARG C 164 -10.55 -1.50 15.60
N ALA C 165 -11.68 -0.82 15.52
CA ALA C 165 -12.49 -0.87 14.31
C ALA C 165 -13.06 0.51 14.02
N SER C 166 -13.42 0.74 12.77
CA SER C 166 -14.06 1.99 12.35
C SER C 166 -15.22 1.64 11.47
N HIS C 167 -16.29 2.37 11.63
CA HIS C 167 -17.44 2.28 10.74
C HIS C 167 -17.67 3.68 10.24
N ILE C 168 -17.23 3.90 9.01
CA ILE C 168 -17.14 5.23 8.41
C ILE C 168 -18.20 5.36 7.32
N ASN C 169 -19.02 6.41 7.41
CA ASN C 169 -20.09 6.61 6.44
C ASN C 169 -20.07 8.11 6.01
N PRO C 170 -20.30 8.40 4.72
CA PRO C 170 -20.09 9.79 4.27
C PRO C 170 -21.07 10.84 4.83
N ASN C 171 -22.37 10.55 4.85
CA ASN C 171 -23.38 11.50 5.35
C ASN C 171 -24.65 10.73 5.63
N VAL C 172 -25.59 11.32 6.38
CA VAL C 172 -26.83 10.63 6.68
C VAL C 172 -28.06 11.45 6.26
N ALA C 173 -29.20 10.76 6.10
CA ALA C 173 -30.50 11.41 5.80
C ALA C 173 -31.00 12.26 6.94
N SER C 174 -31.97 13.10 6.66
CA SER C 174 -32.44 14.01 7.65
C SER C 174 -33.27 13.36 8.72
N ASN C 175 -33.64 12.11 8.53
CA ASN C 175 -34.34 11.36 9.57
C ASN C 175 -33.44 10.44 10.40
N TYR C 176 -32.11 10.61 10.29
CA TYR C 176 -31.17 9.75 11.03
C TYR C 176 -30.90 10.34 12.39
N SER C 177 -31.24 9.59 13.43
CA SER C 177 -31.23 10.09 14.80
C SER C 177 -30.05 9.55 15.57
N ASN C 178 -29.82 10.11 16.75
CA ASN C 178 -28.73 9.65 17.62
C ASN C 178 -28.82 8.18 17.91
N GLU C 179 -30.02 7.68 18.16
CA GLU C 179 -30.12 6.27 18.53
C GLU C 179 -29.78 5.37 17.37
N MET C 180 -29.95 5.86 16.14
CA MET C 180 -29.63 5.08 14.97
C MET C 180 -28.14 4.90 14.79
N ALA C 181 -27.31 5.72 15.42
CA ALA C 181 -25.88 5.44 15.38
C ALA C 181 -25.62 4.06 15.97
N ILE C 182 -26.49 3.65 16.92
CA ILE C 182 -26.37 2.31 17.47
C ILE C 182 -27.19 1.35 16.65
N THR C 183 -28.48 1.63 16.46
CA THR C 183 -29.36 0.59 15.96
C THR C 183 -29.21 0.31 14.45
N ASP C 184 -28.69 1.27 13.69
CA ASP C 184 -28.51 1.10 12.23
C ASP C 184 -27.06 0.88 11.81
N THR C 185 -26.15 1.41 12.60
CA THR C 185 -24.74 1.47 12.19
C THR C 185 -23.88 0.57 13.06
N LEU C 186 -23.72 0.93 14.34
CA LEU C 186 -22.92 0.12 15.23
C LEU C 186 -23.47 -1.32 15.37
N ILE C 187 -24.74 -1.54 15.08
CA ILE C 187 -25.29 -2.89 15.25
C ILE C 187 -24.48 -3.92 14.50
N HIS C 188 -23.87 -3.54 13.37
CA HIS C 188 -23.04 -4.49 12.61
C HIS C 188 -21.82 -4.96 13.39
N GLU C 189 -21.14 -4.04 14.06
CA GLU C 189 -19.98 -4.39 14.86
C GLU C 189 -20.44 -5.14 16.12
N ILE C 190 -21.60 -4.77 16.64
CA ILE C 190 -22.20 -5.49 17.78
C ILE C 190 -22.39 -6.95 17.46
N ASP C 191 -22.97 -7.29 16.31
CA ASP C 191 -23.06 -8.71 15.97
C ASP C 191 -21.69 -9.31 15.63
N GLU C 192 -20.82 -8.54 14.99
CA GLU C 192 -19.58 -9.11 14.41
C GLU C 192 -18.56 -9.49 15.44
N MET C 193 -18.35 -8.65 16.43
CA MET C 193 -17.19 -8.85 17.33
C MET C 193 -17.32 -10.09 18.19
N HIS C 194 -18.47 -10.36 18.79
CA HIS C 194 -18.57 -11.57 19.62
C HIS C 194 -18.35 -12.85 18.78
N TRP C 195 -18.81 -12.82 17.55
CA TRP C 195 -18.56 -13.88 16.60
C TRP C 195 -17.05 -13.99 16.20
N LEU C 196 -16.43 -12.86 15.89
CA LEU C 196 -15.04 -12.84 15.47
C LEU C 196 -14.16 -13.40 16.58
N LEU C 197 -14.42 -12.99 17.82
CA LEU C 197 -13.59 -13.38 18.97
C LEU C 197 -14.03 -14.68 19.66
N ASP C 198 -15.22 -15.17 19.32
CA ASP C 198 -15.83 -16.32 20.01
C ASP C 198 -15.83 -16.08 21.51
N ASP C 199 -16.44 -14.95 21.89
CA ASP C 199 -16.42 -14.47 23.25
C ASP C 199 -17.77 -13.79 23.51
N GLU C 200 -18.04 -13.39 24.73
CA GLU C 200 -19.34 -12.83 25.08
C GLU C 200 -19.02 -11.48 25.61
N TYR C 201 -19.90 -10.51 25.41
CA TYR C 201 -19.69 -9.19 26.01
C TYR C 201 -20.01 -9.11 27.50
N THR C 202 -19.29 -8.25 28.18
CA THR C 202 -19.53 -7.95 29.58
C THR C 202 -19.89 -6.50 29.81
N SER C 203 -19.63 -5.59 28.87
CA SER C 203 -20.08 -4.19 29.02
C SER C 203 -20.00 -3.41 27.72
N ILE C 204 -20.64 -2.26 27.68
CA ILE C 204 -20.49 -1.35 26.52
C ILE C 204 -20.55 0.07 27.05
N GLN C 205 -19.81 0.97 26.44
CA GLN C 205 -19.80 2.37 26.85
C GLN C 205 -19.69 3.24 25.60
N ILE C 206 -20.57 4.23 25.49
CA ILE C 206 -20.56 5.13 24.33
C ILE C 206 -20.12 6.51 24.81
N THR C 207 -19.07 7.04 24.18
CA THR C 207 -18.60 8.39 24.49
C THR C 207 -18.63 9.32 23.28
N TYR C 208 -18.75 10.61 23.53
CA TYR C 208 -18.97 11.59 22.48
C TYR C 208 -17.76 12.48 22.41
N PRO C 209 -16.95 12.31 21.37
CA PRO C 209 -15.85 13.25 21.21
C PRO C 209 -16.43 14.58 20.73
N ARG C 210 -15.54 15.46 20.35
CA ARG C 210 -15.99 16.68 19.73
C ARG C 210 -17.15 16.47 18.74
N GLN C 211 -18.09 17.41 18.75
CA GLN C 211 -19.16 17.34 17.75
C GLN C 211 -18.75 17.85 16.37
N SER C 212 -18.92 17.05 15.33
CA SER C 212 -18.59 17.53 14.01
C SER C 212 -19.50 18.66 13.51
N ALA C 213 -18.89 19.66 12.87
CA ALA C 213 -19.62 20.70 12.15
C ALA C 213 -20.44 20.20 10.98
N GLU C 214 -20.24 18.96 10.57
CA GLU C 214 -21.00 18.47 9.45
C GLU C 214 -22.34 17.86 9.80
N VAL C 215 -22.62 17.70 11.07
CA VAL C 215 -23.91 17.17 11.47
C VAL C 215 -25.02 18.20 11.18
N ARG C 216 -26.07 17.76 10.50
CA ARG C 216 -27.22 18.59 10.19
C ARG C 216 -28.48 18.17 10.93
N ASN C 217 -28.40 17.17 11.80
CA ASN C 217 -29.57 16.55 12.39
C ASN C 217 -29.66 16.85 13.85
N GLU C 218 -30.76 17.41 14.31
CA GLU C 218 -30.86 17.74 15.68
C GLU C 218 -30.69 16.50 16.56
N GLY C 219 -29.91 16.62 17.62
CA GLY C 219 -29.73 15.56 18.60
C GLY C 219 -28.70 14.50 18.23
N LEU C 220 -28.25 14.49 16.98
CA LEU C 220 -27.30 13.44 16.55
C LEU C 220 -25.87 13.82 16.97
N HIS C 221 -25.26 12.98 17.80
CA HIS C 221 -23.87 13.15 18.15
C HIS C 221 -23.01 12.39 17.11
N ASP C 222 -22.01 13.05 16.55
CA ASP C 222 -21.13 12.38 15.60
C ASP C 222 -19.80 13.07 15.61
N PRO C 223 -18.70 12.29 15.71
CA PRO C 223 -18.63 10.82 15.83
C PRO C 223 -19.04 10.29 17.19
N GLN C 224 -19.09 8.96 17.33
CA GLN C 224 -19.30 8.33 18.65
C GLN C 224 -18.23 7.27 18.81
N LEU C 225 -17.77 7.07 20.03
CA LEU C 225 -16.76 6.05 20.32
C LEU C 225 -17.44 4.96 21.16
N ALA C 226 -17.35 3.71 20.75
CA ALA C 226 -17.96 2.63 21.51
C ALA C 226 -16.85 1.76 22.02
N THR C 227 -16.84 1.47 23.31
CA THR C 227 -15.86 0.54 23.90
C THR C 227 -16.65 -0.64 24.44
N LEU C 228 -16.34 -1.84 23.98
CA LEU C 228 -16.98 -3.08 24.48
C LEU C 228 -15.91 -3.88 25.16
N THR C 229 -16.30 -4.61 26.21
CA THR C 229 -15.35 -5.53 26.87
C THR C 229 -15.95 -6.90 26.79
N THR C 230 -15.11 -7.90 26.79
CA THR C 230 -15.58 -9.26 26.63
C THR C 230 -15.17 -10.05 27.89
N LYS C 231 -15.77 -11.20 28.02
CA LYS C 231 -15.49 -12.08 29.18
C LYS C 231 -14.02 -12.41 29.36
N LYS C 232 -13.31 -12.71 28.27
CA LYS C 232 -11.86 -12.98 28.36
C LYS C 232 -11.04 -11.71 28.53
N GLY C 233 -11.67 -10.55 28.45
CA GLY C 233 -10.99 -9.30 28.79
C GLY C 233 -10.51 -8.52 27.57
N THR C 234 -10.83 -8.99 26.35
CA THR C 234 -10.49 -8.24 25.13
C THR C 234 -11.29 -6.92 25.14
N VAL C 235 -10.61 -5.81 24.85
CA VAL C 235 -11.27 -4.54 24.71
C VAL C 235 -11.44 -4.18 23.23
N ILE C 236 -12.67 -3.85 22.84
CA ILE C 236 -12.96 -3.43 21.48
C ILE C 236 -13.23 -1.91 21.46
N GLN C 237 -12.44 -1.15 20.69
CA GLN C 237 -12.69 0.28 20.46
C GLN C 237 -13.19 0.49 19.02
N VAL C 238 -14.46 0.84 18.89
CA VAL C 238 -15.03 1.16 17.57
C VAL C 238 -15.21 2.67 17.44
N LEU C 239 -14.80 3.21 16.29
CA LEU C 239 -15.09 4.60 15.94
C LEU C 239 -16.26 4.58 15.00
N VAL C 240 -17.35 5.28 15.36
CA VAL C 240 -18.51 5.38 14.47
C VAL C 240 -18.55 6.82 13.98
N HIS C 241 -18.50 7.00 12.67
CA HIS C 241 -18.39 8.35 12.13
C HIS C 241 -19.24 8.37 10.87
N VAL C 242 -20.42 8.95 11.00
CA VAL C 242 -21.41 8.87 9.95
C VAL C 242 -21.55 10.10 9.09
N THR C 243 -20.80 11.14 9.37
CA THR C 243 -20.77 12.29 8.49
C THR C 243 -19.33 12.54 8.09
N ALA C 244 -18.59 11.46 7.86
CA ALA C 244 -17.15 11.53 7.54
C ALA C 244 -16.76 12.18 6.21
N GLN C 245 -17.74 12.35 5.30
CA GLN C 245 -17.59 12.95 3.98
C GLN C 245 -16.86 12.15 2.91
N TYR C 246 -15.69 11.64 3.23
CA TYR C 246 -14.78 11.17 2.19
C TYR C 246 -15.19 9.85 1.55
N GLY C 247 -15.94 9.01 2.27
CA GLY C 247 -16.21 7.69 1.74
C GLY C 247 -16.94 6.83 2.74
N TYR C 248 -17.26 5.61 2.30
CA TYR C 248 -17.79 4.56 3.17
C TYR C 248 -16.67 3.56 3.39
N GLU C 249 -16.32 3.30 4.63
CA GLU C 249 -15.20 2.38 4.91
C GLU C 249 -15.44 1.58 6.20
N VAL C 250 -15.09 0.30 6.15
CA VAL C 250 -15.05 -0.58 7.32
C VAL C 250 -13.61 -0.99 7.60
N LYS C 251 -13.09 -0.68 8.80
CA LYS C 251 -11.72 -1.01 9.14
C LYS C 251 -11.76 -1.94 10.35
N LEU C 252 -10.81 -2.87 10.41
CA LEU C 252 -10.74 -3.84 11.50
C LEU C 252 -9.28 -4.19 11.75
N GLU C 253 -8.84 -4.06 13.00
CA GLU C 253 -7.48 -4.45 13.39
C GLU C 253 -7.58 -5.27 14.67
N VAL C 254 -6.95 -6.44 14.69
CA VAL C 254 -6.87 -7.29 15.89
C VAL C 254 -5.46 -7.25 16.43
N ILE C 255 -5.31 -6.80 17.67
CA ILE C 255 -4.00 -6.74 18.30
C ILE C 255 -3.83 -7.99 19.14
N GLY C 256 -2.87 -8.82 18.78
CA GLY C 256 -2.64 -10.04 19.55
C GLY C 256 -1.40 -9.96 20.43
N GLU C 257 -1.23 -10.99 21.25
CA GLU C 257 -0.07 -11.08 22.10
C GLU C 257 1.26 -11.07 21.32
N THR C 258 1.29 -11.65 20.13
CA THR C 258 2.55 -11.81 19.39
C THR C 258 2.52 -11.22 18.00
N GLY C 259 1.43 -10.56 17.61
CA GLY C 259 1.35 -9.97 16.29
C GLY C 259 0.06 -9.20 16.13
N GLU C 260 -0.17 -8.69 14.93
CA GLU C 260 -1.46 -8.03 14.64
C GLU C 260 -2.00 -8.51 13.32
N LEU C 261 -3.32 -8.39 13.13
CA LEU C 261 -3.99 -8.69 11.84
C LEU C 261 -4.86 -7.53 11.50
N GLN C 262 -4.84 -7.11 10.25
CA GLN C 262 -5.77 -6.05 9.85
C GLN C 262 -6.35 -6.27 8.48
N LEU C 263 -7.59 -5.82 8.27
CA LEU C 263 -8.17 -5.93 6.94
C LEU C 263 -7.42 -5.04 6.02
N PRO C 264 -7.15 -5.52 4.78
CA PRO C 264 -6.51 -4.65 3.79
C PRO C 264 -7.48 -3.55 3.28
N ASN C 265 -7.03 -2.63 2.46
CA ASN C 265 -7.92 -1.64 1.90
C ASN C 265 -8.96 -2.34 1.01
N TYR C 266 -10.20 -1.91 1.06
CA TYR C 266 -11.19 -2.46 0.20
C TYR C 266 -11.04 -1.86 -1.20
N GLY C 267 -11.22 -2.68 -2.22
CA GLY C 267 -11.40 -2.21 -3.57
C GLY C 267 -10.47 -2.86 -4.55
N LEU C 268 -10.92 -2.96 -5.79
CA LEU C 268 -10.20 -3.64 -6.84
C LEU C 268 -9.68 -2.67 -7.89
N GLY C 269 -10.00 -1.40 -7.74
CA GLY C 269 -9.70 -0.37 -8.71
C GLY C 269 -8.25 -0.01 -8.73
N PRO C 270 -7.85 0.69 -9.76
CA PRO C 270 -6.43 0.83 -10.00
C PRO C 270 -5.75 1.85 -9.10
N ILE C 271 -4.46 1.72 -8.98
CA ILE C 271 -3.64 2.74 -8.43
C ILE C 271 -3.33 3.77 -9.50
N LEU C 272 -3.71 5.02 -9.26
CA LEU C 272 -3.47 6.11 -10.17
C LEU C 272 -2.32 6.96 -9.69
N ARG C 273 -1.34 7.15 -10.59
CA ARG C 273 -0.29 8.16 -10.41
C ARG C 273 -0.61 9.34 -11.28
N SER C 274 -0.86 10.50 -10.65
CA SER C 274 -1.33 11.64 -11.38
C SER C 274 -1.22 12.86 -10.49
N ASN C 275 -0.82 14.00 -11.06
CA ASN C 275 -0.91 15.27 -10.33
C ASN C 275 -0.26 15.24 -8.94
N ALA C 276 0.98 14.75 -8.88
CA ALA C 276 1.79 14.76 -7.65
C ALA C 276 1.28 13.87 -6.53
N ASN C 277 0.42 12.92 -6.88
CA ASN C 277 -0.14 11.95 -5.93
CA ASN C 277 -0.01 11.92 -5.91
C ASN C 277 -0.23 10.56 -6.50
N GLN C 278 -0.19 9.57 -5.61
CA GLN C 278 -0.51 8.20 -5.92
C GLN C 278 -1.81 7.95 -5.17
N GLN C 279 -2.84 7.45 -5.86
CA GLN C 279 -4.12 7.32 -5.20
C GLN C 279 -4.96 6.13 -5.60
N THR C 280 -5.86 5.73 -4.71
CA THR C 280 -6.86 4.72 -5.03
C THR C 280 -8.24 5.23 -4.65
N ALA C 281 -9.27 4.80 -5.35
CA ALA C 281 -10.62 5.19 -5.03
C ALA C 281 -11.08 4.60 -3.74
N VAL C 282 -11.98 5.35 -3.09
CA VAL C 282 -12.69 4.89 -1.89
C VAL C 282 -14.18 4.73 -2.25
N GLU C 283 -14.77 3.61 -1.86
CA GLU C 283 -16.21 3.34 -2.10
C GLU C 283 -17.05 4.49 -1.46
N MET C 284 -18.10 4.97 -2.11
CA MET C 284 -18.99 5.95 -1.45
C MET C 284 -20.28 5.31 -0.98
N SER C 285 -20.49 4.05 -1.34
CA SER C 285 -21.78 3.40 -1.15
C SER C 285 -21.67 2.16 -0.27
N TRP C 286 -22.32 2.14 0.88
CA TRP C 286 -22.41 0.88 1.64
C TRP C 286 -23.00 -0.26 0.78
N ILE C 287 -23.84 0.07 -0.19
CA ILE C 287 -24.41 -0.94 -1.07
C ILE C 287 -23.36 -1.70 -1.80
N ASN C 288 -22.47 -1.00 -2.44
CA ASN C 288 -21.55 -1.70 -3.22
C ASN C 288 -20.57 -2.41 -2.26
N ARG C 289 -20.25 -1.80 -1.09
CA ARG C 289 -19.23 -2.37 -0.21
C ARG C 289 -19.57 -3.82 0.18
N PHE C 290 -20.85 -4.09 0.47
CA PHE C 290 -21.17 -5.41 0.98
C PHE C 290 -21.99 -6.27 0.03
N ILE C 291 -22.00 -5.91 -1.25
CA ILE C 291 -22.76 -6.67 -2.25
C ILE C 291 -22.41 -8.16 -2.20
N GLN C 292 -21.13 -8.51 -2.06
CA GLN C 292 -20.74 -9.90 -1.98
C GLN C 292 -21.35 -10.57 -0.74
N ALA C 293 -21.25 -9.94 0.42
CA ALA C 293 -21.77 -10.56 1.63
C ALA C 293 -23.28 -10.77 1.56
N TYR C 294 -24.02 -9.79 1.03
CA TYR C 294 -25.46 -9.96 0.94
C TYR C 294 -25.76 -11.13 0.01
N ASN C 295 -25.05 -11.23 -1.12
CA ASN C 295 -25.37 -12.32 -2.03
C ASN C 295 -25.06 -13.64 -1.37
N THR C 296 -23.92 -13.72 -0.69
CA THR C 296 -23.50 -14.97 -0.06
C THR C 296 -24.46 -15.38 1.07
N GLU C 297 -24.91 -14.39 1.93
CA GLU C 297 -25.77 -14.77 3.02
C GLU C 297 -27.10 -15.29 2.49
N VAL C 298 -27.68 -14.64 1.45
CA VAL C 298 -28.99 -15.03 0.99
C VAL C 298 -28.86 -16.36 0.23
N GLN C 299 -27.79 -16.53 -0.55
CA GLN C 299 -27.63 -17.78 -1.26
C GLN C 299 -27.55 -18.94 -0.28
N GLU C 300 -26.89 -18.73 0.83
CA GLU C 300 -26.72 -19.77 1.82
C GLU C 300 -28.06 -20.11 2.47
N PHE C 301 -28.85 -19.10 2.81
CA PHE C 301 -30.21 -19.32 3.33
C PHE C 301 -31.05 -20.19 2.36
N ILE C 302 -31.10 -19.77 1.09
CA ILE C 302 -31.86 -20.47 0.05
C ILE C 302 -31.38 -21.93 -0.09
N ASP C 303 -30.07 -22.14 -0.09
CA ASP C 303 -29.52 -23.48 -0.19
C ASP C 303 -29.95 -24.34 0.99
N GLU C 304 -30.02 -23.78 2.19
CA GLU C 304 -30.46 -24.55 3.34
C GLU C 304 -31.95 -24.90 3.18
N VAL C 305 -32.80 -23.90 2.94
CA VAL C 305 -34.21 -24.17 2.73
C VAL C 305 -34.46 -25.24 1.66
N ALA C 306 -33.70 -25.24 0.58
CA ALA C 306 -33.92 -26.17 -0.53
C ALA C 306 -33.78 -27.60 -0.04
N LYS C 307 -33.00 -27.77 1.02
CA LYS C 307 -32.68 -29.09 1.62
C LYS C 307 -33.58 -29.27 2.82
N SER C 308 -34.52 -28.36 3.05
CA SER C 308 -35.33 -28.39 4.26
C SER C 308 -34.49 -28.55 5.48
N GLU C 309 -33.29 -27.94 5.50
CA GLU C 309 -32.44 -27.99 6.68
C GLU C 309 -32.50 -26.63 7.36
N PRO C 310 -32.31 -26.61 8.66
CA PRO C 310 -32.27 -25.27 9.30
C PRO C 310 -31.15 -24.38 8.78
N PRO C 311 -31.38 -23.06 8.75
CA PRO C 311 -30.28 -22.15 8.40
C PRO C 311 -29.06 -22.30 9.34
N VAL C 312 -27.91 -21.91 8.79
CA VAL C 312 -26.66 -21.96 9.52
C VAL C 312 -26.07 -20.56 9.79
N GLY C 313 -26.76 -19.52 9.30
CA GLY C 313 -26.32 -18.14 9.51
C GLY C 313 -26.76 -17.63 10.86
N PRO C 314 -26.62 -16.32 11.08
CA PRO C 314 -26.91 -15.70 12.38
C PRO C 314 -28.34 -16.07 12.79
N SER C 315 -28.56 -16.47 14.03
CA SER C 315 -29.87 -16.99 14.40
C SER C 315 -30.63 -15.96 15.21
N ALA C 316 -31.81 -16.37 15.65
CA ALA C 316 -32.58 -15.54 16.57
C ALA C 316 -31.81 -15.29 17.86
N TRP C 317 -30.94 -16.23 18.26
CA TRP C 317 -30.16 -16.02 19.46
C TRP C 317 -29.12 -14.91 19.24
N ASP C 318 -28.50 -14.87 18.09
CA ASP C 318 -27.62 -13.74 17.73
C ASP C 318 -28.44 -12.46 17.68
N GLY C 319 -29.68 -12.53 17.18
CA GLY C 319 -30.58 -11.38 17.18
C GLY C 319 -30.79 -10.84 18.58
N TYR C 320 -30.94 -11.76 19.52
CA TYR C 320 -31.16 -11.45 20.93
C TYR C 320 -29.92 -10.84 21.57
N ILE C 321 -28.76 -11.46 21.37
CA ILE C 321 -27.50 -10.85 21.85
C ILE C 321 -27.37 -9.42 21.29
N ALA C 322 -27.65 -9.23 19.99
CA ALA C 322 -27.52 -7.91 19.41
C ALA C 322 -28.51 -6.91 20.05
N ALA C 323 -29.77 -7.31 20.25
CA ALA C 323 -30.79 -6.45 20.89
C ALA C 323 -30.45 -6.11 22.32
N ILE C 324 -29.96 -7.09 23.11
CA ILE C 324 -29.50 -6.76 24.46
C ILE C 324 -28.35 -5.73 24.47
N THR C 325 -27.36 -5.93 23.59
CA THR C 325 -26.20 -5.04 23.53
C THR C 325 -26.56 -3.65 22.94
N ALA C 326 -27.39 -3.61 21.90
CA ALA C 326 -27.90 -2.33 21.42
C ALA C 326 -28.66 -1.56 22.53
N ALA C 327 -29.53 -2.26 23.26
CA ALA C 327 -30.25 -1.62 24.34
C ALA C 327 -29.29 -1.01 25.34
N ALA C 328 -28.24 -1.75 25.70
CA ALA C 328 -27.27 -1.27 26.64
C ALA C 328 -26.58 -0.07 26.06
N ALA C 329 -26.26 -0.11 24.76
CA ALA C 329 -25.61 1.04 24.15
C ALA C 329 -26.50 2.28 24.17
N ASN C 330 -27.79 2.13 23.87
CA ASN C 330 -28.71 3.27 23.87
C ASN C 330 -28.85 3.85 25.29
N ARG C 331 -28.81 2.98 26.28
CA ARG C 331 -28.77 3.47 27.65
C ARG C 331 -27.46 4.23 27.91
N SER C 332 -26.36 3.73 27.41
CA SER C 332 -25.11 4.41 27.65
C SER C 332 -25.09 5.78 26.98
N GLN C 333 -25.78 5.92 25.89
CA GLN C 333 -25.78 7.18 25.20
C GLN C 333 -26.34 8.30 26.04
N LYS C 334 -27.18 7.97 26.98
CA LYS C 334 -27.79 9.04 27.83
C LYS C 334 -26.81 9.87 28.65
N ASP C 335 -25.84 9.22 29.25
CA ASP C 335 -24.88 9.88 30.17
C ASP C 335 -23.43 9.44 29.94
N GLN C 336 -23.18 8.66 28.87
CA GLN C 336 -21.83 8.22 28.52
C GLN C 336 -21.19 7.32 29.56
N GLU C 337 -22.01 6.65 30.36
CA GLU C 337 -21.52 5.74 31.35
C GLU C 337 -21.52 4.30 30.88
N THR C 338 -20.58 3.52 31.39
CA THR C 338 -20.53 2.11 31.10
C THR C 338 -21.79 1.36 31.55
N VAL C 339 -22.33 0.52 30.67
CA VAL C 339 -23.51 -0.31 30.95
C VAL C 339 -23.09 -1.77 30.91
N LEU C 340 -23.38 -2.53 31.98
CA LEU C 340 -23.03 -3.96 32.00
C LEU C 340 -23.92 -4.79 31.10
N ILE C 341 -23.35 -5.86 30.56
CA ILE C 341 -24.07 -6.79 29.73
C ILE C 341 -23.86 -8.19 30.27
N ASN C 342 -24.92 -8.95 30.45
CA ASN C 342 -24.70 -10.31 30.85
C ASN C 342 -25.66 -11.25 30.18
N VAL C 343 -25.26 -11.80 29.05
CA VAL C 343 -26.19 -12.63 28.35
C VAL C 343 -26.21 -14.05 28.88
N ALA C 344 -27.42 -14.59 28.95
CA ALA C 344 -27.66 -15.97 29.37
C ALA C 344 -26.92 -16.94 28.48
N GLY C 345 -26.67 -18.16 28.94
CA GLY C 345 -25.86 -19.03 28.13
C GLY C 345 -26.70 -19.47 26.91
N THR C 346 -26.04 -19.89 25.85
CA THR C 346 -26.70 -20.18 24.59
C THR C 346 -27.43 -21.50 24.69
N PRO C 347 -28.72 -21.50 24.41
CA PRO C 347 -29.42 -22.79 24.43
C PRO C 347 -28.88 -23.80 23.44
N THR C 348 -28.94 -25.08 23.83
CA THR C 348 -28.54 -26.12 22.91
C THR C 348 -29.16 -25.96 21.52
N PHE C 349 -30.43 -25.58 21.48
CA PHE C 349 -31.15 -25.38 20.24
C PHE C 349 -30.38 -24.47 19.29
N TYR C 350 -29.62 -23.55 19.89
CA TYR C 350 -28.93 -22.51 19.11
C TYR C 350 -27.41 -22.70 18.98
N GLN C 351 -26.94 -23.90 19.34
CA GLN C 351 -25.55 -24.33 19.20
C GLN C 351 -25.41 -25.22 17.95
N MET D 13 40.05 19.02 10.56
CA MET D 13 40.61 19.61 9.29
C MET D 13 39.51 19.99 8.25
N VAL D 14 39.19 21.28 8.11
CA VAL D 14 38.02 21.71 7.29
C VAL D 14 38.44 21.87 5.85
N VAL D 15 37.75 21.15 4.97
CA VAL D 15 38.04 21.11 3.56
C VAL D 15 37.43 22.36 2.88
N LYS D 16 38.26 23.14 2.22
CA LYS D 16 37.81 24.36 1.58
C LYS D 16 37.44 24.02 0.14
N VAL D 17 36.20 24.30 -0.23
CA VAL D 17 35.60 23.79 -1.46
C VAL D 17 35.31 24.92 -2.42
N GLY D 18 35.56 24.71 -3.69
CA GLY D 18 35.05 25.59 -4.72
C GLY D 18 33.96 24.87 -5.53
N VAL D 19 32.94 25.61 -5.96
CA VAL D 19 31.83 25.00 -6.71
C VAL D 19 31.75 25.67 -8.06
N ILE D 20 31.83 24.89 -9.12
CA ILE D 20 31.75 25.37 -10.49
C ILE D 20 30.38 24.96 -11.04
N GLY D 21 29.48 25.93 -11.22
CA GLY D 21 28.11 25.64 -11.60
C GLY D 21 27.23 25.78 -10.38
N THR D 22 26.47 26.85 -10.31
CA THR D 22 25.64 27.12 -9.13
C THR D 22 24.16 27.26 -9.55
N GLY D 23 23.65 26.26 -10.27
CA GLY D 23 22.23 26.14 -10.58
C GLY D 23 21.58 25.22 -9.56
N ALA D 24 20.57 24.45 -9.96
CA ALA D 24 19.76 23.68 -9.01
C ALA D 24 20.61 22.76 -8.11
N MET D 25 21.46 21.96 -8.74
CA MET D 25 22.20 20.96 -7.98
C MET D 25 23.45 21.62 -7.36
N GLY D 26 24.06 22.61 -8.03
CA GLY D 26 25.16 23.33 -7.40
C GLY D 26 24.71 23.96 -6.10
N ARG D 27 23.55 24.59 -6.12
CA ARG D 27 22.97 25.14 -4.92
C ARG D 27 22.65 24.09 -3.83
N ALA D 28 22.03 22.98 -4.23
CA ALA D 28 21.73 21.88 -3.31
C ALA D 28 23.02 21.33 -2.66
N HIS D 29 24.10 21.20 -3.42
CA HIS D 29 25.37 20.75 -2.82
C HIS D 29 25.98 21.83 -1.91
N ILE D 30 25.92 23.08 -2.32
CA ILE D 30 26.36 24.13 -1.41
C ILE D 30 25.55 24.10 -0.11
N ASP D 31 24.24 23.95 -0.21
CA ASP D 31 23.36 23.87 0.98
C ASP D 31 23.81 22.75 1.90
N ARG D 32 23.96 21.56 1.36
CA ARG D 32 24.36 20.46 2.21
C ARG D 32 25.75 20.58 2.83
N LEU D 33 26.69 21.07 2.05
CA LEU D 33 28.05 21.27 2.54
C LEU D 33 28.11 22.29 3.68
N THR D 34 27.24 23.28 3.61
CA THR D 34 27.24 24.42 4.54
C THR D 34 26.43 24.14 5.80
N ASN D 35 25.25 23.51 5.63
CA ASN D 35 24.29 23.41 6.73
C ASN D 35 24.06 22.03 7.29
N VAL D 36 24.49 20.99 6.60
CA VAL D 36 24.16 19.61 6.99
C VAL D 36 25.38 18.73 7.27
N LEU D 37 26.35 18.76 6.34
CA LEU D 37 27.49 17.88 6.41
C LEU D 37 28.55 18.49 7.31
N THR D 38 29.53 17.66 7.65
CA THR D 38 30.61 18.12 8.53
C THR D 38 31.90 18.30 7.82
N GLY D 39 32.69 19.28 8.25
CA GLY D 39 34.06 19.37 7.84
C GLY D 39 34.36 20.05 6.51
N ALA D 40 33.44 20.88 6.04
CA ALA D 40 33.68 21.53 4.76
C ALA D 40 33.18 22.97 4.83
N GLU D 41 33.78 23.82 4.00
CA GLU D 41 33.33 25.19 3.82
C GLU D 41 33.44 25.58 2.35
N VAL D 42 32.37 26.15 1.79
CA VAL D 42 32.43 26.66 0.43
C VAL D 42 33.05 28.08 0.45
N VAL D 43 34.24 28.19 -0.16
CA VAL D 43 35.03 29.42 -0.15
C VAL D 43 35.16 30.12 -1.51
N ALA D 44 34.63 29.47 -2.55
CA ALA D 44 34.68 30.03 -3.91
C ALA D 44 33.62 29.39 -4.79
N VAL D 45 33.03 30.19 -5.66
CA VAL D 45 32.08 29.72 -6.67
C VAL D 45 32.36 30.38 -8.02
N THR D 46 31.85 29.77 -9.07
CA THR D 46 31.80 30.40 -10.37
C THR D 46 30.64 29.80 -11.15
N ASP D 47 30.08 30.59 -12.07
CA ASP D 47 29.03 30.11 -12.95
C ASP D 47 29.14 31.04 -14.17
N ILE D 48 28.82 30.53 -15.37
CA ILE D 48 28.80 31.39 -16.54
C ILE D 48 27.74 32.48 -16.43
N ASP D 49 26.73 32.29 -15.59
CA ASP D 49 25.80 33.36 -15.22
C ASP D 49 26.30 33.95 -13.89
N HIS D 50 27.00 35.09 -13.94
CA HIS D 50 27.59 35.66 -12.71
CA HIS D 50 27.57 35.72 -12.75
C HIS D 50 26.47 35.91 -11.68
N GLU D 51 25.26 36.29 -12.11
CA GLU D 51 24.18 36.53 -11.13
C GLU D 51 23.80 35.30 -10.32
N ALA D 52 23.84 34.16 -10.97
CA ALA D 52 23.57 32.89 -10.30
C ALA D 52 24.66 32.60 -9.26
N ALA D 53 25.91 32.90 -9.58
CA ALA D 53 27.02 32.67 -8.66
C ALA D 53 26.81 33.60 -7.48
N GLU D 54 26.52 34.87 -7.73
CA GLU D 54 26.30 35.80 -6.61
C GLU D 54 25.10 35.42 -5.76
N ALA D 55 24.04 34.92 -6.39
CA ALA D 55 22.86 34.51 -5.64
C ALA D 55 23.14 33.34 -4.69
N ALA D 56 24.00 32.41 -5.12
CA ALA D 56 24.35 31.28 -4.29
C ALA D 56 25.11 31.76 -3.06
N VAL D 57 26.04 32.69 -3.24
CA VAL D 57 26.83 33.19 -2.11
C VAL D 57 25.92 33.88 -1.08
N ARG D 58 25.02 34.76 -1.57
CA ARG D 58 24.03 35.45 -0.74
C ARG D 58 23.04 34.49 -0.07
N ASP D 59 22.43 33.61 -0.86
CA ASP D 59 21.33 32.77 -0.34
C ASP D 59 21.78 31.76 0.71
N PHE D 60 23.04 31.29 0.60
CA PHE D 60 23.59 30.32 1.53
C PHE D 60 24.51 30.96 2.56
N HIS D 61 24.57 32.30 2.54
CA HIS D 61 25.31 33.12 3.53
C HIS D 61 26.78 32.74 3.58
N LEU D 62 27.38 32.65 2.41
CA LEU D 62 28.76 32.26 2.33
C LEU D 62 29.70 33.47 2.39
N ASN D 63 30.91 33.22 2.86
CA ASN D 63 32.05 34.11 2.67
C ASN D 63 32.89 33.46 1.59
N ALA D 64 32.53 33.73 0.34
CA ALA D 64 33.13 33.02 -0.77
C ALA D 64 33.43 34.00 -1.86
N LYS D 65 34.58 33.78 -2.51
CA LYS D 65 34.96 34.52 -3.72
C LYS D 65 34.10 34.11 -4.89
N VAL D 66 33.75 35.06 -5.74
CA VAL D 66 33.04 34.76 -6.98
C VAL D 66 34.04 35.00 -8.09
N TYR D 67 34.48 33.91 -8.70
CA TYR D 67 35.44 33.95 -9.79
C TYR D 67 34.70 34.05 -11.15
N PRO D 68 35.35 34.69 -12.15
CA PRO D 68 34.65 34.91 -13.40
C PRO D 68 34.55 33.61 -14.24
N ASP D 69 35.41 32.63 -14.00
CA ASP D 69 35.39 31.39 -14.78
C ASP D 69 36.08 30.29 -13.98
N ASP D 70 36.01 29.08 -14.50
CA ASP D 70 36.61 27.94 -13.82
C ASP D 70 38.15 28.03 -13.79
N THR D 71 38.77 28.53 -14.86
CA THR D 71 40.22 28.56 -14.86
C THR D 71 40.79 29.42 -13.75
N SER D 72 40.17 30.56 -13.43
CA SER D 72 40.67 31.35 -12.29
C SER D 72 40.39 30.72 -10.94
N LEU D 73 39.24 30.11 -10.78
CA LEU D 73 38.92 29.49 -9.53
C LEU D 73 39.90 28.36 -9.27
N LEU D 74 40.21 27.61 -10.33
CA LEU D 74 41.13 26.47 -10.21
C LEU D 74 42.55 26.87 -9.85
N GLN D 75 42.91 28.12 -10.09
CA GLN D 75 44.24 28.59 -9.79
C GLN D 75 44.39 29.24 -8.43
N ASP D 76 43.35 29.16 -7.62
CA ASP D 76 43.41 29.65 -6.25
C ASP D 76 43.96 28.52 -5.38
N PRO D 77 45.14 28.73 -4.75
CA PRO D 77 45.77 27.60 -4.08
C PRO D 77 45.09 27.28 -2.77
N ASP D 78 44.19 28.11 -2.30
CA ASP D 78 43.61 27.81 -1.00
CA ASP D 78 43.54 27.91 -1.00
C ASP D 78 42.46 26.83 -1.07
N ILE D 79 42.01 26.52 -2.28
CA ILE D 79 40.92 25.55 -2.45
C ILE D 79 41.46 24.11 -2.46
N ASP D 80 40.86 23.26 -1.62
CA ASP D 80 41.28 21.86 -1.48
C ASP D 80 40.59 20.93 -2.46
N ALA D 81 39.34 21.23 -2.84
CA ALA D 81 38.53 20.32 -3.67
C ALA D 81 37.57 21.17 -4.45
N VAL D 82 37.28 20.76 -5.69
CA VAL D 82 36.24 21.40 -6.51
C VAL D 82 35.08 20.46 -6.82
N PHE D 83 33.86 21.02 -6.81
CA PHE D 83 32.64 20.34 -7.27
C PHE D 83 32.31 20.86 -8.65
N VAL D 84 32.20 19.96 -9.62
CA VAL D 84 31.81 20.36 -10.97
C VAL D 84 30.33 20.06 -11.12
N VAL D 85 29.51 21.10 -11.22
CA VAL D 85 28.05 20.93 -11.10
C VAL D 85 27.39 21.75 -12.21
N SER D 86 28.12 21.95 -13.31
CA SER D 86 27.63 22.65 -14.48
C SER D 86 26.79 21.71 -15.40
N PHE D 87 26.32 22.26 -16.51
CA PHE D 87 25.68 21.48 -17.55
C PHE D 87 26.54 20.28 -17.89
N GLY D 88 25.93 19.12 -18.15
CA GLY D 88 26.68 17.89 -18.35
C GLY D 88 27.74 18.05 -19.44
N GLY D 89 27.41 18.77 -20.52
CA GLY D 89 28.36 18.91 -21.61
C GLY D 89 29.58 19.75 -21.27
N ALA D 90 29.52 20.46 -20.15
CA ALA D 90 30.62 21.31 -19.70
C ALA D 90 31.60 20.59 -18.74
N HIS D 91 31.25 19.38 -18.25
CA HIS D 91 32.08 18.75 -17.22
C HIS D 91 33.44 18.43 -17.78
N GLU D 92 33.49 17.95 -19.02
CA GLU D 92 34.73 17.38 -19.54
C GLU D 92 35.84 18.39 -19.51
N ALA D 93 35.61 19.58 -20.06
CA ALA D 93 36.66 20.57 -20.10
C ALA D 93 37.03 21.03 -18.68
N THR D 94 36.07 21.19 -17.78
CA THR D 94 36.40 21.64 -16.43
C THR D 94 37.23 20.60 -15.69
N VAL D 95 36.84 19.32 -15.84
CA VAL D 95 37.55 18.24 -15.14
C VAL D 95 39.01 18.15 -15.65
N LEU D 96 39.20 18.21 -16.96
CA LEU D 96 40.54 18.23 -17.54
C LEU D 96 41.40 19.40 -17.01
N LYS D 97 40.86 20.62 -16.93
CA LYS D 97 41.59 21.76 -16.36
C LYS D 97 41.92 21.51 -14.88
N ALA D 98 40.96 20.96 -14.13
CA ALA D 98 41.19 20.67 -12.74
C ALA D 98 42.32 19.67 -12.53
N LEU D 99 42.46 18.71 -13.43
CA LEU D 99 43.53 17.70 -13.32
C LEU D 99 44.94 18.32 -13.49
N ASP D 100 45.00 19.59 -13.93
CA ASP D 100 46.26 20.37 -13.97
C ASP D 100 46.66 20.88 -12.58
N THR D 101 45.77 20.79 -11.60
CA THR D 101 46.03 21.22 -10.27
C THR D 101 46.16 20.02 -9.36
N ASP D 102 46.43 20.24 -8.08
CA ASP D 102 46.51 19.09 -7.18
C ASP D 102 45.25 18.99 -6.36
N LYS D 103 44.16 19.57 -6.84
CA LYS D 103 42.90 19.54 -6.08
C LYS D 103 42.15 18.21 -6.28
N PHE D 104 41.38 17.80 -5.27
CA PHE D 104 40.44 16.71 -5.47
C PHE D 104 39.20 17.22 -6.20
N ILE D 105 38.52 16.32 -6.91
CA ILE D 105 37.50 16.69 -7.87
C ILE D 105 36.28 15.82 -7.64
N PHE D 106 35.15 16.41 -7.28
CA PHE D 106 33.88 15.69 -7.31
C PHE D 106 33.11 16.22 -8.53
N THR D 107 32.83 15.39 -9.50
CA THR D 107 32.03 15.84 -10.65
C THR D 107 30.66 15.19 -10.60
N GLU D 108 29.60 15.98 -10.85
CA GLU D 108 28.33 15.33 -11.05
C GLU D 108 28.42 14.43 -12.28
N LYS D 109 27.53 13.45 -12.33
CA LYS D 109 27.37 12.71 -13.56
C LYS D 109 26.73 13.61 -14.67
N PRO D 110 26.95 13.26 -15.95
CA PRO D 110 27.86 12.23 -16.42
C PRO D 110 29.34 12.71 -16.30
N LEU D 111 30.30 11.82 -16.38
CA LEU D 111 31.69 12.25 -16.42
C LEU D 111 31.98 13.14 -17.64
N ALA D 112 31.41 12.78 -18.79
CA ALA D 112 31.45 13.58 -20.01
C ALA D 112 30.26 13.14 -20.79
N THR D 113 29.93 13.88 -21.84
CA THR D 113 28.75 13.51 -22.62
C THR D 113 29.13 12.71 -23.87
N THR D 114 30.42 12.39 -24.02
CA THR D 114 30.84 11.51 -25.12
C THR D 114 31.84 10.50 -24.57
N LEU D 115 31.96 9.39 -25.26
CA LEU D 115 32.95 8.40 -24.91
C LEU D 115 34.40 8.99 -25.02
N GLU D 116 34.65 9.71 -26.07
CA GLU D 116 36.00 10.30 -26.28
C GLU D 116 36.39 11.25 -25.15
N GLY D 117 35.43 12.04 -24.69
CA GLY D 117 35.65 12.94 -23.57
C GLY D 117 35.94 12.20 -22.29
N ALA D 118 35.19 11.15 -22.02
CA ALA D 118 35.41 10.36 -20.81
C ALA D 118 36.79 9.68 -20.85
N LYS D 119 37.16 9.20 -22.02
CA LYS D 119 38.47 8.58 -22.19
C LYS D 119 39.64 9.56 -22.02
N ARG D 120 39.47 10.80 -22.50
CA ARG D 120 40.43 11.88 -22.33
CA ARG D 120 40.49 11.82 -22.31
C ARG D 120 40.70 12.04 -20.83
N ILE D 121 39.63 12.00 -20.04
CA ILE D 121 39.74 12.26 -18.58
C ILE D 121 40.46 11.15 -17.88
N VAL D 122 40.07 9.93 -18.22
CA VAL D 122 40.74 8.76 -17.67
C VAL D 122 42.24 8.75 -18.10
N ASP D 123 42.51 9.00 -19.38
CA ASP D 123 43.92 9.02 -19.84
C ASP D 123 44.76 10.06 -19.07
N LYS D 124 44.19 11.23 -18.80
CA LYS D 124 44.88 12.26 -18.04
C LYS D 124 45.01 11.88 -16.58
N GLU D 125 43.93 11.39 -15.95
CA GLU D 125 44.04 11.02 -14.53
C GLU D 125 45.08 9.88 -14.32
N LEU D 126 45.16 8.97 -15.28
CA LEU D 126 46.14 7.89 -15.14
C LEU D 126 47.58 8.39 -15.07
N THR D 127 47.85 9.59 -15.56
CA THR D 127 49.23 10.14 -15.48
C THR D 127 49.58 10.69 -14.12
N LYS D 128 48.60 10.75 -13.22
CA LYS D 128 48.80 11.35 -11.93
C LYS D 128 49.29 10.34 -10.90
N SER D 129 49.78 10.82 -9.76
CA SER D 129 50.33 9.86 -8.81
C SER D 129 49.30 9.26 -7.91
N LYS D 130 48.10 9.86 -7.89
CA LYS D 130 47.07 9.50 -6.94
C LYS D 130 45.77 9.77 -7.68
N LYS D 131 44.75 8.97 -7.42
CA LYS D 131 43.41 9.18 -7.98
C LYS D 131 42.75 10.31 -7.20
N VAL D 132 42.08 11.21 -7.94
CA VAL D 132 41.48 12.41 -7.34
C VAL D 132 40.01 12.69 -7.66
N ILE D 133 39.47 11.99 -8.65
CA ILE D 133 38.08 12.21 -9.12
C ILE D 133 37.10 11.21 -8.51
N GLN D 134 35.99 11.77 -8.02
CA GLN D 134 34.80 10.99 -7.68
C GLN D 134 33.69 11.45 -8.60
N VAL D 135 32.89 10.53 -9.12
CA VAL D 135 31.76 10.86 -10.00
C VAL D 135 30.49 10.68 -9.16
N GLY D 136 29.54 11.63 -9.29
CA GLY D 136 28.34 11.61 -8.48
C GLY D 136 27.24 10.61 -8.82
N PHE D 137 27.59 9.33 -8.95
CA PHE D 137 26.61 8.26 -9.17
C PHE D 137 25.99 7.90 -7.81
N MET D 138 25.07 8.72 -7.34
CA MET D 138 24.61 8.59 -5.97
C MET D 138 23.71 7.38 -5.72
N ARG D 139 23.18 6.74 -6.78
CA ARG D 139 22.22 5.63 -6.56
C ARG D 139 22.86 4.55 -5.68
N ARG D 140 24.16 4.32 -5.82
CA ARG D 140 24.89 3.30 -5.04
C ARG D 140 24.85 3.61 -3.54
N TYR D 141 24.53 4.85 -3.17
CA TYR D 141 24.54 5.24 -1.76
C TYR D 141 23.14 5.25 -1.15
N ASP D 142 22.11 5.11 -1.98
CA ASP D 142 20.73 5.21 -1.52
C ASP D 142 20.42 3.99 -0.61
N GLN D 143 19.96 4.25 0.60
CA GLN D 143 19.69 3.20 1.58
C GLN D 143 18.71 2.16 1.08
N GLY D 144 17.67 2.57 0.36
CA GLY D 144 16.70 1.63 -0.14
C GLY D 144 17.32 0.71 -1.20
N ILE D 145 18.03 1.30 -2.17
CA ILE D 145 18.63 0.55 -3.25
C ILE D 145 19.71 -0.37 -2.71
N ARG D 146 20.48 0.11 -1.73
CA ARG D 146 21.44 -0.74 -1.02
C ARG D 146 20.79 -1.89 -0.28
N ALA D 147 19.67 -1.65 0.38
CA ALA D 147 18.98 -2.73 1.09
C ALA D 147 18.46 -3.81 0.14
N LEU D 148 18.05 -3.41 -1.06
CA LEU D 148 17.63 -4.37 -2.06
C LEU D 148 18.81 -5.20 -2.55
N LYS D 149 19.93 -4.56 -2.86
CA LYS D 149 21.11 -5.29 -3.32
C LYS D 149 21.53 -6.32 -2.27
N GLU D 150 21.55 -5.88 -1.02
CA GLU D 150 21.98 -6.71 0.10
C GLU D 150 21.08 -7.93 0.19
N LYS D 151 19.77 -7.73 0.07
CA LYS D 151 18.83 -8.87 0.11
C LYS D 151 19.03 -9.77 -1.08
N LEU D 152 19.22 -9.19 -2.26
CA LEU D 152 19.48 -10.00 -3.45
C LEU D 152 20.71 -10.91 -3.23
N ASP D 153 21.74 -10.34 -2.63
CA ASP D 153 23.04 -11.02 -2.48
C ASP D 153 23.01 -12.18 -1.44
N THR D 154 21.96 -12.25 -0.65
CA THR D 154 21.76 -13.38 0.26
C THR D 154 21.37 -14.63 -0.49
N GLY D 155 20.93 -14.51 -1.73
CA GLY D 155 20.47 -15.65 -2.53
C GLY D 155 19.01 -16.04 -2.30
N ILE D 156 18.29 -15.24 -1.52
CA ILE D 156 16.92 -15.55 -1.15
C ILE D 156 15.98 -15.71 -2.36
N ILE D 157 16.27 -15.03 -3.47
CA ILE D 157 15.44 -15.16 -4.66
C ILE D 157 16.13 -15.88 -5.84
N GLY D 158 17.30 -16.48 -5.59
CA GLY D 158 18.03 -17.18 -6.62
C GLY D 158 18.73 -16.18 -7.48
N ALA D 159 19.12 -16.58 -8.69
CA ALA D 159 19.86 -15.70 -9.61
C ALA D 159 18.94 -14.65 -10.19
N PRO D 160 19.46 -13.43 -10.39
CA PRO D 160 18.65 -12.43 -11.09
C PRO D 160 18.49 -12.73 -12.61
N LEU D 161 17.27 -12.89 -13.09
CA LEU D 161 17.04 -13.19 -14.50
C LEU D 161 16.66 -11.97 -15.32
N VAL D 162 15.82 -11.12 -14.73
CA VAL D 162 15.32 -9.92 -15.43
C VAL D 162 15.27 -8.79 -14.39
N VAL D 163 15.57 -7.57 -14.83
CA VAL D 163 15.47 -6.39 -13.99
C VAL D 163 14.53 -5.47 -14.74
N ARG D 164 13.54 -4.94 -14.03
CA ARG D 164 12.66 -3.92 -14.61
C ARG D 164 12.81 -2.66 -13.81
N ALA D 165 13.03 -1.56 -14.54
CA ALA D 165 13.30 -0.30 -13.83
C ALA D 165 12.56 0.83 -14.55
N SER D 166 12.20 1.86 -13.78
CA SER D 166 11.65 3.09 -14.35
C SER D 166 12.42 4.30 -13.83
N HIS D 167 12.67 5.23 -14.70
CA HIS D 167 13.27 6.50 -14.34
C HIS D 167 12.32 7.60 -14.87
N ILE D 168 11.56 8.17 -13.93
CA ILE D 168 10.44 9.03 -14.27
C ILE D 168 10.75 10.46 -13.80
N ASN D 169 10.55 11.44 -14.67
CA ASN D 169 10.68 12.86 -14.28
C ASN D 169 9.42 13.52 -14.76
N PRO D 170 8.97 14.60 -14.08
CA PRO D 170 7.70 15.20 -14.47
C PRO D 170 7.80 16.00 -15.75
N ASN D 171 8.94 16.68 -15.94
CA ASN D 171 9.19 17.53 -17.09
CA ASN D 171 9.19 17.50 -17.11
C ASN D 171 10.68 17.80 -17.18
N VAL D 172 11.10 18.41 -18.26
CA VAL D 172 12.50 18.75 -18.42
C VAL D 172 12.62 20.21 -18.81
N ALA D 173 13.83 20.75 -18.61
CA ALA D 173 14.15 22.12 -18.99
C ALA D 173 14.32 22.23 -20.49
N SER D 174 14.35 23.47 -21.01
CA SER D 174 14.40 23.64 -22.45
C SER D 174 15.72 23.19 -23.08
N ASN D 175 16.78 23.07 -22.29
CA ASN D 175 18.06 22.65 -22.87
C ASN D 175 18.23 21.15 -22.84
N TYR D 176 17.16 20.42 -22.51
CA TYR D 176 17.25 18.96 -22.47
C TYR D 176 17.07 18.37 -23.88
N SER D 177 18.10 17.64 -24.35
CA SER D 177 18.16 17.13 -25.69
C SER D 177 17.85 15.64 -25.73
N ASN D 178 17.56 15.10 -26.90
CA ASN D 178 17.40 13.63 -27.02
C ASN D 178 18.57 12.84 -26.48
N GLU D 179 19.78 13.30 -26.78
CA GLU D 179 20.98 12.63 -26.33
C GLU D 179 21.05 12.56 -24.80
N MET D 180 20.50 13.58 -24.12
CA MET D 180 20.51 13.66 -22.66
C MET D 180 19.61 12.62 -21.99
N ALA D 181 18.63 12.11 -22.72
CA ALA D 181 17.81 11.03 -22.19
C ALA D 181 18.79 9.88 -21.82
N ILE D 182 19.92 9.82 -22.51
CA ILE D 182 20.94 8.82 -22.16
C ILE D 182 21.97 9.39 -21.19
N THR D 183 22.63 10.48 -21.58
CA THR D 183 23.76 10.94 -20.78
C THR D 183 23.38 11.60 -19.49
N ASP D 184 22.16 12.14 -19.37
CA ASP D 184 21.74 12.84 -18.13
C ASP D 184 20.88 11.93 -17.28
N THR D 185 20.13 11.05 -17.94
CA THR D 185 19.07 10.31 -17.24
C THR D 185 19.39 8.84 -17.14
N LEU D 186 19.44 8.14 -18.27
CA LEU D 186 19.71 6.67 -18.25
C LEU D 186 21.06 6.34 -17.67
N ILE D 187 22.00 7.28 -17.73
CA ILE D 187 23.33 7.10 -17.15
C ILE D 187 23.26 6.55 -15.71
N HIS D 188 22.27 6.96 -14.92
CA HIS D 188 22.14 6.42 -13.56
C HIS D 188 21.90 4.92 -13.56
N GLU D 189 20.97 4.46 -14.38
CA GLU D 189 20.69 3.02 -14.48
C GLU D 189 21.89 2.27 -15.11
N ILE D 190 22.57 2.90 -16.07
CA ILE D 190 23.77 2.29 -16.65
C ILE D 190 24.80 1.99 -15.57
N ASP D 191 25.02 2.94 -14.68
CA ASP D 191 25.95 2.72 -13.62
C ASP D 191 25.39 1.80 -12.58
N GLU D 192 24.13 1.99 -12.20
CA GLU D 192 23.54 1.26 -11.11
C GLU D 192 23.45 -0.26 -11.35
N MET D 193 23.03 -0.67 -12.53
CA MET D 193 22.75 -2.10 -12.75
C MET D 193 24.06 -2.92 -12.78
N HIS D 194 25.12 -2.37 -13.37
CA HIS D 194 26.46 -2.98 -13.31
C HIS D 194 26.88 -3.24 -11.85
N TRP D 195 26.72 -2.24 -11.00
CA TRP D 195 26.99 -2.34 -9.57
C TRP D 195 26.06 -3.28 -8.80
N LEU D 196 24.76 -3.19 -9.07
CA LEU D 196 23.76 -4.01 -8.40
C LEU D 196 23.97 -5.50 -8.67
N LEU D 197 24.26 -5.82 -9.92
CA LEU D 197 24.32 -7.21 -10.34
C LEU D 197 25.76 -7.71 -10.32
N ASP D 198 26.74 -6.84 -10.07
CA ASP D 198 28.16 -7.24 -10.22
C ASP D 198 28.38 -7.96 -11.54
N ASP D 199 28.08 -7.27 -12.64
CA ASP D 199 28.10 -7.90 -13.92
C ASP D 199 28.37 -6.83 -14.96
N GLU D 200 28.76 -7.19 -16.17
CA GLU D 200 29.01 -6.13 -17.14
C GLU D 200 28.09 -6.33 -18.32
N TYR D 201 27.92 -5.29 -19.16
CA TYR D 201 27.00 -5.35 -20.28
C TYR D 201 27.60 -5.96 -21.50
N THR D 202 26.77 -6.56 -22.33
CA THR D 202 27.16 -7.10 -23.62
C THR D 202 26.39 -6.39 -24.74
N SER D 203 25.30 -5.70 -24.43
CA SER D 203 24.67 -4.92 -25.48
C SER D 203 23.62 -3.94 -24.89
N ILE D 204 23.19 -2.98 -25.71
CA ILE D 204 22.10 -2.07 -25.32
C ILE D 204 21.28 -1.78 -26.55
N GLN D 205 19.96 -1.60 -26.37
CA GLN D 205 19.12 -1.26 -27.49
C GLN D 205 18.11 -0.22 -27.01
N ILE D 206 17.91 0.85 -27.77
CA ILE D 206 16.92 1.86 -27.39
C ILE D 206 15.80 1.78 -28.39
N THR D 207 14.55 1.75 -27.91
CA THR D 207 13.40 1.81 -28.81
C THR D 207 12.51 3.00 -28.43
N TYR D 208 11.75 3.48 -29.41
CA TYR D 208 10.90 4.66 -29.24
C TYR D 208 9.43 4.25 -29.28
N PRO D 209 8.77 4.16 -28.11
CA PRO D 209 7.31 3.99 -28.15
C PRO D 209 6.60 5.24 -28.60
N ARG D 210 5.30 5.13 -28.72
CA ARG D 210 4.45 6.25 -29.03
C ARG D 210 4.95 7.56 -28.41
N GLN D 211 5.19 8.59 -29.24
CA GLN D 211 5.73 9.87 -28.78
C GLN D 211 4.67 10.57 -27.94
N SER D 212 5.05 11.02 -26.75
CA SER D 212 4.14 11.77 -25.90
C SER D 212 3.77 13.15 -26.48
N ALA D 213 2.49 13.49 -26.43
CA ALA D 213 2.09 14.88 -26.68
C ALA D 213 2.64 15.91 -25.68
N GLU D 214 3.21 15.45 -24.55
CA GLU D 214 3.76 16.37 -23.55
C GLU D 214 5.15 16.93 -23.86
N VAL D 215 5.81 16.37 -24.86
CA VAL D 215 7.16 16.80 -25.22
C VAL D 215 7.12 18.22 -25.77
N ARG D 216 8.00 19.07 -25.26
CA ARG D 216 8.04 20.48 -25.67
CA ARG D 216 8.05 20.49 -25.63
C ARG D 216 9.43 20.85 -26.20
N ASN D 217 10.29 19.85 -26.32
CA ASN D 217 11.65 20.08 -26.75
C ASN D 217 11.88 19.47 -28.12
N GLU D 218 12.41 20.29 -29.03
CA GLU D 218 12.59 19.83 -30.41
C GLU D 218 13.57 18.67 -30.42
N GLY D 219 13.23 17.60 -31.11
CA GLY D 219 14.15 16.48 -31.27
C GLY D 219 14.11 15.44 -30.15
N LEU D 220 13.44 15.75 -29.05
CA LEU D 220 13.39 14.84 -27.91
C LEU D 220 12.32 13.78 -28.15
N HIS D 221 12.71 12.51 -28.03
CA HIS D 221 11.76 11.41 -28.04
C HIS D 221 11.52 11.05 -26.63
N ASP D 222 10.23 10.89 -26.27
CA ASP D 222 9.88 10.52 -24.90
C ASP D 222 8.53 9.86 -24.95
N PRO D 223 8.36 8.69 -24.29
CA PRO D 223 9.37 7.97 -23.48
C PRO D 223 10.38 7.24 -24.35
N GLN D 224 11.40 6.67 -23.70
CA GLN D 224 12.35 5.80 -24.35
C GLN D 224 12.44 4.51 -23.56
N LEU D 225 12.62 3.40 -24.28
CA LEU D 225 12.80 2.11 -23.63
C LEU D 225 14.22 1.65 -23.90
N ALA D 226 14.93 1.26 -22.86
CA ALA D 226 16.28 0.75 -22.99
C ALA D 226 16.32 -0.71 -22.57
N THR D 227 16.87 -1.58 -23.42
CA THR D 227 17.10 -2.97 -23.02
C THR D 227 18.59 -3.21 -22.97
N LEU D 228 19.07 -3.59 -21.79
CA LEU D 228 20.48 -3.91 -21.58
C LEU D 228 20.61 -5.40 -21.29
N THR D 229 21.64 -6.04 -21.86
CA THR D 229 21.89 -7.45 -21.58
C THR D 229 23.22 -7.52 -20.90
N THR D 230 23.36 -8.43 -19.94
CA THR D 230 24.62 -8.63 -19.22
C THR D 230 25.32 -9.94 -19.64
N LYS D 231 26.57 -10.06 -19.19
CA LYS D 231 27.42 -11.22 -19.53
C LYS D 231 26.81 -12.49 -18.97
N LYS D 232 26.24 -12.41 -17.76
CA LYS D 232 25.52 -13.55 -17.18
C LYS D 232 24.13 -13.82 -17.78
N GLY D 233 23.66 -12.93 -18.68
CA GLY D 233 22.44 -13.12 -19.40
C GLY D 233 21.21 -12.48 -18.76
N THR D 234 21.42 -11.70 -17.70
CA THR D 234 20.32 -10.89 -17.13
C THR D 234 19.89 -9.86 -18.17
N VAL D 235 18.59 -9.70 -18.36
CA VAL D 235 18.09 -8.66 -19.24
C VAL D 235 17.47 -7.56 -18.38
N ILE D 236 17.89 -6.35 -18.66
CA ILE D 236 17.34 -5.18 -17.94
C ILE D 236 16.47 -4.36 -18.88
N GLN D 237 15.24 -4.09 -18.46
CA GLN D 237 14.35 -3.24 -19.25
C GLN D 237 14.07 -1.96 -18.46
N VAL D 238 14.56 -0.83 -18.95
CA VAL D 238 14.37 0.47 -18.30
C VAL D 238 13.39 1.28 -19.09
N LEU D 239 12.43 1.87 -18.39
CA LEU D 239 11.55 2.86 -18.96
C LEU D 239 12.11 4.22 -18.56
N VAL D 240 12.42 5.05 -19.54
CA VAL D 240 12.83 6.42 -19.29
C VAL D 240 11.68 7.31 -19.72
N HIS D 241 11.14 8.09 -18.80
CA HIS D 241 9.97 8.88 -19.15
C HIS D 241 10.13 10.21 -18.46
N VAL D 242 10.58 11.23 -19.20
CA VAL D 242 11.00 12.47 -18.57
C VAL D 242 9.96 13.62 -18.71
N THR D 243 8.84 13.34 -19.37
CA THR D 243 7.72 14.32 -19.43
C THR D 243 6.47 13.73 -18.81
N ALA D 244 6.65 12.88 -17.79
CA ALA D 244 5.56 12.06 -17.20
C ALA D 244 4.45 12.88 -16.51
N GLN D 245 4.75 14.14 -16.21
CA GLN D 245 3.83 15.09 -15.52
C GLN D 245 3.56 14.82 -14.04
N TYR D 246 3.32 13.56 -13.68
CA TYR D 246 2.76 13.32 -12.35
C TYR D 246 3.73 13.47 -11.20
N GLY D 247 5.02 13.30 -11.46
CA GLY D 247 5.98 13.23 -10.34
C GLY D 247 7.33 12.72 -10.81
N TYR D 248 8.24 12.62 -9.84
CA TYR D 248 9.60 12.15 -10.03
C TYR D 248 9.68 10.81 -9.33
N GLU D 249 10.11 9.77 -10.01
CA GLU D 249 10.09 8.47 -9.37
C GLU D 249 11.14 7.53 -9.94
N VAL D 250 11.73 6.74 -9.04
CA VAL D 250 12.63 5.65 -9.44
C VAL D 250 12.05 4.34 -8.93
N LYS D 251 11.81 3.41 -9.86
CA LYS D 251 11.28 2.09 -9.53
C LYS D 251 12.34 1.04 -9.93
N LEU D 252 12.42 -0.02 -9.14
CA LEU D 252 13.36 -1.13 -9.41
C LEU D 252 12.70 -2.43 -8.94
N GLU D 253 12.66 -3.39 -9.84
CA GLU D 253 12.18 -4.70 -9.47
C GLU D 253 13.18 -5.76 -10.01
N VAL D 254 13.62 -6.68 -9.19
CA VAL D 254 14.50 -7.73 -9.66
C VAL D 254 13.71 -9.06 -9.63
N ILE D 255 13.68 -9.72 -10.77
CA ILE D 255 12.96 -10.96 -10.94
C ILE D 255 14.03 -12.09 -10.81
N GLY D 256 13.92 -12.91 -9.78
CA GLY D 256 14.89 -14.00 -9.57
C GLY D 256 14.24 -15.34 -9.90
N GLU D 257 15.04 -16.40 -9.80
CA GLU D 257 14.56 -17.74 -10.04
C GLU D 257 13.47 -18.18 -9.10
N THR D 258 13.51 -17.74 -7.85
CA THR D 258 12.56 -18.25 -6.85
C THR D 258 11.76 -17.18 -6.15
N GLY D 259 11.92 -15.94 -6.59
CA GLY D 259 11.21 -14.85 -5.95
C GLY D 259 11.48 -13.54 -6.65
N GLU D 260 10.91 -12.46 -6.11
CA GLU D 260 11.16 -11.11 -6.64
C GLU D 260 11.47 -10.17 -5.52
N LEU D 261 12.25 -9.13 -5.81
CA LEU D 261 12.51 -8.03 -4.87
C LEU D 261 12.16 -6.70 -5.56
N GLN D 262 11.52 -5.80 -4.81
CA GLN D 262 11.09 -4.51 -5.35
C GLN D 262 11.38 -3.42 -4.35
N LEU D 263 11.84 -2.27 -4.84
CA LEU D 263 11.94 -1.08 -3.98
C LEU D 263 10.57 -0.66 -3.61
N PRO D 264 10.35 -0.33 -2.35
CA PRO D 264 9.02 0.19 -1.97
C PRO D 264 8.75 1.63 -2.50
N ASN D 265 7.53 2.11 -2.37
CA ASN D 265 7.24 3.52 -2.68
C ASN D 265 7.94 4.43 -1.68
N TYR D 266 8.48 5.54 -2.18
CA TYR D 266 9.21 6.46 -1.36
C TYR D 266 8.25 7.52 -0.90
N GLY D 267 8.23 7.80 0.37
CA GLY D 267 7.40 8.88 0.83
C GLY D 267 7.34 8.98 2.32
N LEU D 268 7.31 10.20 2.79
CA LEU D 268 7.13 10.47 4.19
C LEU D 268 5.76 11.06 4.50
N GLY D 269 5.14 11.70 3.52
CA GLY D 269 3.95 12.48 3.73
C GLY D 269 2.85 11.56 4.13
N PRO D 270 1.79 12.14 4.63
CA PRO D 270 0.73 11.34 5.18
C PRO D 270 -0.14 10.74 4.11
N ILE D 271 -0.86 9.70 4.47
CA ILE D 271 -1.97 9.21 3.70
C ILE D 271 -3.21 10.01 4.01
N LEU D 272 -3.82 10.56 2.97
CA LEU D 272 -4.96 11.42 3.07
C LEU D 272 -6.20 10.68 2.57
N ARG D 273 -7.25 10.62 3.39
CA ARG D 273 -8.52 10.12 2.92
C ARG D 273 -9.42 11.32 2.78
N SER D 274 -9.88 11.60 1.57
CA SER D 274 -10.62 12.84 1.31
C SER D 274 -11.30 12.68 -0.05
N ASN D 275 -12.54 13.13 -0.19
CA ASN D 275 -13.12 13.26 -1.55
C ASN D 275 -13.05 11.98 -2.38
N ALA D 276 -13.44 10.86 -1.76
CA ALA D 276 -13.58 9.58 -2.44
C ALA D 276 -12.28 8.97 -2.91
N ASN D 277 -11.20 9.42 -2.29
N ASN D 277 -11.18 9.38 -2.31
CA ASN D 277 -9.84 8.96 -2.62
CA ASN D 277 -9.94 8.67 -2.55
C ASN D 277 -8.96 8.76 -1.37
C ASN D 277 -8.99 8.70 -1.37
N GLN D 278 -8.01 7.81 -1.47
CA GLN D 278 -6.99 7.67 -0.48
C GLN D 278 -5.71 7.98 -1.25
N GLN D 279 -4.90 8.92 -0.78
CA GLN D 279 -3.76 9.36 -1.59
C GLN D 279 -2.52 9.70 -0.77
N THR D 280 -1.35 9.57 -1.37
CA THR D 280 -0.10 10.02 -0.75
C THR D 280 0.63 10.85 -1.79
N ALA D 281 1.34 11.90 -1.34
CA ALA D 281 2.16 12.72 -2.23
C ALA D 281 3.29 11.95 -2.89
N VAL D 282 3.59 12.31 -4.15
CA VAL D 282 4.77 11.80 -4.87
C VAL D 282 5.76 12.96 -4.92
N GLU D 283 7.04 12.67 -4.75
CA GLU D 283 8.09 13.68 -4.89
C GLU D 283 8.04 14.30 -6.26
N MET D 284 8.39 15.56 -6.40
CA MET D 284 8.44 16.17 -7.74
C MET D 284 9.85 16.42 -8.25
N SER D 285 10.83 16.11 -7.44
CA SER D 285 12.19 16.33 -7.88
C SER D 285 13.16 15.34 -7.22
N TRP D 286 14.33 15.19 -7.83
CA TRP D 286 15.44 14.44 -7.26
C TRP D 286 15.93 15.03 -5.97
N ILE D 287 15.73 16.33 -5.79
CA ILE D 287 16.41 17.03 -4.71
C ILE D 287 16.05 16.51 -3.32
N ASN D 288 14.80 16.16 -3.11
CA ASN D 288 14.41 15.49 -1.89
C ASN D 288 14.42 13.98 -1.99
N ARG D 289 14.09 13.41 -3.15
CA ARG D 289 14.02 11.97 -3.24
C ARG D 289 15.38 11.37 -2.84
N PHE D 290 16.48 11.98 -3.31
CA PHE D 290 17.82 11.39 -3.13
C PHE D 290 18.68 12.19 -2.16
N ILE D 291 18.06 12.98 -1.31
CA ILE D 291 18.83 13.77 -0.37
C ILE D 291 19.77 12.96 0.52
N GLN D 292 19.32 11.84 1.05
CA GLN D 292 20.21 10.98 1.81
C GLN D 292 21.42 10.50 0.99
N ALA D 293 21.18 10.00 -0.23
CA ALA D 293 22.26 9.51 -1.08
C ALA D 293 23.27 10.64 -1.38
N TYR D 294 22.77 11.83 -1.70
CA TYR D 294 23.69 12.96 -1.97
C TYR D 294 24.51 13.30 -0.72
N ASN D 295 23.86 13.33 0.42
CA ASN D 295 24.53 13.62 1.67
C ASN D 295 25.62 12.59 1.97
N THR D 296 25.31 11.31 1.83
CA THR D 296 26.25 10.25 2.12
C THR D 296 27.44 10.28 1.18
N GLU D 297 27.19 10.39 -0.13
CA GLU D 297 28.30 10.40 -1.09
C GLU D 297 29.24 11.60 -0.90
N VAL D 298 28.65 12.76 -0.62
CA VAL D 298 29.45 13.98 -0.54
C VAL D 298 30.21 14.00 0.79
N GLN D 299 29.58 13.52 1.87
CA GLN D 299 30.32 13.41 3.14
C GLN D 299 31.49 12.46 2.99
N GLU D 300 31.33 11.37 2.25
CA GLU D 300 32.40 10.39 2.08
C GLU D 300 33.55 11.03 1.29
N PHE D 301 33.23 11.78 0.23
CA PHE D 301 34.23 12.54 -0.54
C PHE D 301 35.00 13.49 0.36
N ILE D 302 34.29 14.31 1.13
CA ILE D 302 34.89 15.30 2.01
C ILE D 302 35.81 14.60 3.06
N ASP D 303 35.32 13.50 3.63
CA ASP D 303 36.11 12.73 4.58
C ASP D 303 37.37 12.24 4.00
N GLU D 304 37.38 11.81 2.73
CA GLU D 304 38.63 11.37 2.09
C GLU D 304 39.58 12.54 1.83
N VAL D 305 39.07 13.62 1.25
CA VAL D 305 39.91 14.82 1.05
C VAL D 305 40.54 15.31 2.33
N ALA D 306 39.82 15.25 3.44
CA ALA D 306 40.34 15.75 4.72
C ALA D 306 41.60 14.94 5.09
N LYS D 307 41.66 13.67 4.68
CA LYS D 307 42.81 12.79 4.94
C LYS D 307 43.85 12.80 3.81
N SER D 308 43.63 13.66 2.83
CA SER D 308 44.44 13.67 1.63
C SER D 308 44.58 12.25 1.06
N GLU D 309 43.51 11.46 1.15
CA GLU D 309 43.43 10.14 0.54
C GLU D 309 42.50 10.11 -0.69
N PRO D 310 42.78 9.24 -1.67
CA PRO D 310 41.89 9.17 -2.85
C PRO D 310 40.46 8.89 -2.43
N PRO D 311 39.49 9.45 -3.18
CA PRO D 311 38.09 9.06 -2.96
C PRO D 311 37.92 7.54 -3.07
N VAL D 312 36.92 7.02 -2.34
CA VAL D 312 36.60 5.62 -2.44
C VAL D 312 35.30 5.38 -3.19
N GLY D 313 34.59 6.45 -3.55
CA GLY D 313 33.36 6.31 -4.31
C GLY D 313 33.60 6.10 -5.78
N PRO D 314 32.51 6.10 -6.58
CA PRO D 314 32.61 5.87 -8.01
C PRO D 314 33.71 6.74 -8.63
N SER D 315 34.49 6.14 -9.52
CA SER D 315 35.64 6.83 -10.10
C SER D 315 35.43 7.25 -11.55
N ALA D 316 36.45 7.91 -12.10
CA ALA D 316 36.42 8.32 -13.46
C ALA D 316 36.36 7.07 -14.32
N TRP D 317 36.92 5.96 -13.83
CA TRP D 317 36.78 4.70 -14.56
C TRP D 317 35.31 4.24 -14.61
N ASP D 318 34.59 4.29 -13.50
CA ASP D 318 33.15 4.01 -13.51
C ASP D 318 32.44 4.94 -14.47
N GLY D 319 32.87 6.19 -14.51
CA GLY D 319 32.30 7.16 -15.42
C GLY D 319 32.54 6.81 -16.87
N TYR D 320 33.75 6.34 -17.19
CA TYR D 320 34.13 5.93 -18.53
C TYR D 320 33.36 4.67 -18.96
N ILE D 321 33.30 3.68 -18.09
CA ILE D 321 32.62 2.43 -18.37
C ILE D 321 31.14 2.72 -18.66
N ALA D 322 30.55 3.61 -17.86
CA ALA D 322 29.22 4.12 -18.15
C ALA D 322 29.13 4.85 -19.49
N ALA D 323 30.12 5.69 -19.80
CA ALA D 323 30.11 6.45 -21.06
C ALA D 323 30.18 5.53 -22.26
N ILE D 324 30.85 4.39 -22.13
CA ILE D 324 30.92 3.47 -23.27
C ILE D 324 29.51 2.94 -23.57
N THR D 325 28.79 2.52 -22.52
CA THR D 325 27.42 2.06 -22.69
C THR D 325 26.50 3.21 -23.12
N ALA D 326 26.69 4.39 -22.53
CA ALA D 326 25.91 5.55 -22.97
C ALA D 326 26.12 5.88 -24.47
N ALA D 327 27.37 5.86 -24.91
CA ALA D 327 27.66 6.13 -26.33
C ALA D 327 27.01 5.08 -27.23
N ALA D 328 27.00 3.80 -26.78
CA ALA D 328 26.31 2.74 -27.52
C ALA D 328 24.83 3.03 -27.63
N ALA D 329 24.24 3.52 -26.53
CA ALA D 329 22.81 3.87 -26.53
C ALA D 329 22.52 5.11 -27.41
N ASN D 330 23.37 6.13 -27.39
CA ASN D 330 23.21 7.24 -28.32
C ASN D 330 23.31 6.77 -29.80
N ARG D 331 24.12 5.76 -30.07
CA ARG D 331 24.19 5.21 -31.40
C ARG D 331 22.91 4.45 -31.73
N SER D 332 22.41 3.69 -30.77
CA SER D 332 21.14 2.95 -30.92
C SER D 332 19.96 3.91 -31.12
N GLN D 333 20.02 5.11 -30.55
CA GLN D 333 18.94 6.07 -30.73
C GLN D 333 18.70 6.41 -32.23
N LYS D 334 19.73 6.25 -33.06
CA LYS D 334 19.61 6.66 -34.43
C LYS D 334 18.76 5.74 -35.30
N ASP D 335 18.77 4.45 -35.00
CA ASP D 335 18.06 3.47 -35.85
C ASP D 335 17.34 2.44 -35.04
N GLN D 336 17.42 2.56 -33.72
CA GLN D 336 16.73 1.66 -32.78
C GLN D 336 17.27 0.26 -32.87
N GLU D 337 18.51 0.12 -33.33
CA GLU D 337 19.14 -1.19 -33.38
C GLU D 337 20.00 -1.51 -32.18
N THR D 338 20.12 -2.79 -31.87
CA THR D 338 21.02 -3.23 -30.82
C THR D 338 22.50 -2.92 -31.13
N VAL D 339 23.20 -2.41 -30.12
CA VAL D 339 24.62 -2.07 -30.23
C VAL D 339 25.41 -2.85 -29.24
N LEU D 340 26.44 -3.52 -29.71
CA LEU D 340 27.24 -4.39 -28.85
C LEU D 340 28.19 -3.60 -27.93
N ILE D 341 28.48 -4.14 -26.74
CA ILE D 341 29.34 -3.48 -25.79
C ILE D 341 30.35 -4.49 -25.29
N ASN D 342 31.61 -4.08 -25.14
CA ASN D 342 32.61 -4.94 -24.50
C ASN D 342 33.68 -4.05 -23.91
N VAL D 343 33.59 -3.79 -22.63
CA VAL D 343 34.49 -2.86 -22.00
C VAL D 343 35.79 -3.49 -21.54
N ALA D 344 36.84 -2.68 -21.56
CA ALA D 344 38.15 -3.08 -21.10
C ALA D 344 38.20 -3.41 -19.62
N GLY D 345 39.14 -4.25 -19.22
CA GLY D 345 39.37 -4.45 -17.81
C GLY D 345 39.79 -3.22 -17.04
N THR D 346 39.52 -3.24 -15.76
CA THR D 346 39.89 -2.09 -14.91
C THR D 346 41.40 -1.94 -14.79
N PRO D 347 41.97 -0.76 -15.11
CA PRO D 347 43.41 -0.62 -14.87
C PRO D 347 43.70 -0.70 -13.37
N THR D 348 44.92 -1.13 -13.03
CA THR D 348 45.35 -1.22 -11.64
C THR D 348 45.12 0.08 -10.84
N PHE D 349 45.33 1.21 -11.51
CA PHE D 349 45.22 2.52 -10.87
C PHE D 349 43.82 2.66 -10.29
N TYR D 350 42.85 2.00 -10.93
CA TYR D 350 41.45 2.16 -10.55
C TYR D 350 40.88 0.99 -9.77
N GLN D 351 41.76 0.06 -9.35
CA GLN D 351 41.36 -1.04 -8.43
C GLN D 351 41.48 -0.77 -6.90
PA NAD E . 21.99 5.28 31.43
O1A NAD E . 21.70 4.77 32.75
O2A NAD E . 22.69 4.49 30.51
O5B NAD E . 22.98 6.48 31.57
C5B NAD E . 22.91 7.42 32.56
C4B NAD E . 24.31 7.92 32.93
O4B NAD E . 24.12 8.96 33.83
C3B NAD E . 25.12 6.90 33.73
O3B NAD E . 26.41 6.77 33.22
C2B NAD E . 25.04 7.41 35.15
O2B NAD E . 26.14 7.07 35.97
C1B NAD E . 25.06 8.88 34.91
N9A NAD E . 24.54 9.67 36.01
C8A NAD E . 23.56 9.36 36.77
N7A NAD E . 23.27 10.32 37.63
C5A NAD E . 24.13 11.28 37.41
C6A NAD E . 24.42 12.57 37.98
N6A NAD E . 23.73 13.08 38.96
N1A NAD E . 25.37 13.28 37.42
C2A NAD E . 26.11 12.84 36.46
N3A NAD E . 25.91 11.67 35.91
C4A NAD E . 24.96 10.86 36.34
O3 NAD E . 20.64 5.91 30.93
PN NAD E . 20.25 6.50 29.50
O1N NAD E . 19.49 5.51 28.78
O2N NAD E . 21.46 6.89 28.94
O5D NAD E . 19.27 7.59 29.89
C5D NAD E . 19.71 8.90 30.19
C4D NAD E . 18.59 9.90 30.07
O4D NAD E . 18.23 9.95 28.72
C3D NAD E . 17.36 9.45 30.78
O3D NAD E . 16.77 10.60 31.27
C2D NAD E . 16.50 8.85 29.70
O2D NAD E . 15.20 9.03 30.10
C1D NAD E . 16.86 9.74 28.54
N1N NAD E . 16.57 9.10 27.25
C2N NAD E . 15.77 9.69 26.38
C3N NAD E . 15.47 9.09 25.18
C7N NAD E . 14.58 9.74 24.17
O7N NAD E . 14.07 9.07 23.37
N7N NAD E . 14.40 11.02 24.25
C4N NAD E . 16.07 7.89 24.88
C5N NAD E . 16.91 7.31 25.80
C6N NAD E . 17.11 7.96 26.99
C1 GOL F . 2.80 -7.14 2.59
O1 GOL F . 2.10 -6.98 1.36
C2 GOL F . 3.97 -6.20 2.82
O2 GOL F . 3.66 -4.99 3.52
C3 GOL F . 4.84 -5.93 1.59
O3 GOL F . 4.25 -5.32 0.49
C1 GOL G . -8.28 2.65 13.72
O1 GOL G . -9.02 3.80 13.33
C2 GOL G . -8.79 1.61 12.74
O2 GOL G . -10.13 1.33 13.14
C3 GOL G . -7.87 0.38 12.64
O3 GOL G . -8.95 -0.47 12.49
S SO4 H . 32.19 20.65 11.62
O1 SO4 H . 31.19 20.61 10.55
O2 SO4 H . 31.69 21.41 12.73
O3 SO4 H . 32.70 19.37 12.08
O4 SO4 H . 33.33 21.23 11.01
S SO4 I . -7.93 -16.88 23.89
O1 SO4 I . -8.62 -15.61 23.77
O2 SO4 I . -7.27 -17.03 25.22
O3 SO4 I . -7.01 -17.04 22.77
O4 SO4 I . -9.01 -17.86 23.69
PA NAD J . -8.88 -31.62 -19.58
O1A NAD J . -7.91 -32.44 -20.19
O2A NAD J . -9.07 -31.72 -18.18
O5B NAD J . -10.32 -31.87 -20.17
C5B NAD J . -10.56 -32.03 -21.52
C4B NAD J . -11.68 -33.03 -21.74
O4B NAD J . -11.96 -33.05 -23.10
C3B NAD J . -11.28 -34.45 -21.35
O3B NAD J . -12.26 -35.01 -20.54
C2B NAD J . -11.18 -35.12 -22.71
O2B NAD J . -11.43 -36.51 -22.74
C1B NAD J . -12.24 -34.37 -23.49
N9A NAD J . -12.16 -34.41 -24.95
C8A NAD J . -11.07 -34.41 -25.69
N7A NAD J . -11.33 -34.38 -26.98
C5A NAD J . -12.65 -34.36 -27.07
C6A NAD J . -13.60 -34.33 -28.16
N6A NAD J . -13.15 -34.35 -29.40
N1A NAD J . -14.87 -34.28 -27.88
C2A NAD J . -15.28 -34.29 -26.61
N3A NAD J . -14.48 -34.33 -25.56
C4A NAD J . -13.18 -34.37 -25.74
O3 NAD J . -8.57 -30.14 -20.07
PN NAD J . -9.18 -28.78 -19.47
O1N NAD J . -8.25 -28.13 -18.54
O2N NAD J . -10.54 -28.94 -19.08
O5D NAD J . -9.13 -27.96 -20.76
C5D NAD J . -10.13 -27.97 -21.72
C4D NAD J . -10.17 -26.69 -22.58
O4D NAD J . -10.41 -25.58 -21.78
C3D NAD J . -8.88 -26.40 -23.29
O3D NAD J . -9.16 -25.79 -24.54
C2D NAD J . -8.25 -25.36 -22.40
O2D NAD J . -7.32 -24.60 -23.13
C1D NAD J . -9.44 -24.58 -21.95
N1N NAD J . -9.21 -23.84 -20.71
C2N NAD J . -9.29 -22.55 -20.71
C3N NAD J . -9.04 -21.83 -19.59
C7N NAD J . -9.16 -20.33 -19.63
O7N NAD J . -8.48 -19.78 -18.86
N7N NAD J . -10.00 -19.76 -20.44
C4N NAD J . -8.69 -22.48 -18.45
C5N NAD J . -8.61 -23.85 -18.45
C6N NAD J . -8.87 -24.51 -19.62
C1 GOL K . -6.93 8.81 -23.98
O1 GOL K . -6.05 9.38 -24.92
C2 GOL K . -7.46 7.52 -24.58
O2 GOL K . -6.47 6.63 -25.08
C3 GOL K . -8.24 6.72 -23.56
O3 GOL K . -8.97 5.71 -24.31
S SO4 L . 24.47 -15.26 -10.32
O1 SO4 L . 23.82 -15.24 -9.00
O2 SO4 L . 23.93 -14.12 -11.09
O3 SO4 L . 24.24 -16.51 -11.03
O4 SO4 L . 25.93 -15.13 -10.16
S SO4 M . -10.52 -37.72 -34.29
O1 SO4 M . -11.87 -37.14 -34.30
O2 SO4 M . -10.77 -38.51 -33.18
O3 SO4 M . -9.37 -36.99 -33.67
O4 SO4 M . -10.23 -38.49 -35.53
PA NAD N . -37.48 1.20 3.41
O1A NAD N . -38.05 2.29 4.14
O2A NAD N . -36.91 1.53 2.14
O5B NAD N . -38.49 0.08 3.18
C5B NAD N . -39.35 -0.38 4.17
C4B NAD N . -40.58 -0.87 3.47
O4B NAD N . -41.38 -1.49 4.43
C3B NAD N . -41.40 0.25 2.92
O3B NAD N . -41.80 -0.01 1.57
C2B NAD N . -42.59 0.27 3.84
O2B NAD N . -43.77 0.68 3.20
C1B NAD N . -42.71 -1.16 4.22
N9A NAD N . -43.40 -1.43 5.46
C8A NAD N . -43.35 -0.72 6.59
N7A NAD N . -44.08 -1.29 7.53
C5A NAD N . -44.55 -2.41 7.02
C6A NAD N . -45.39 -3.49 7.52
N6A NAD N . -45.87 -3.45 8.77
N1A NAD N . -45.64 -4.46 6.67
C2A NAD N . -45.20 -4.47 5.43
N3A NAD N . -44.46 -3.53 4.93
C4A NAD N . -44.10 -2.50 5.66
O3 NAD N . -36.33 0.67 4.37
PN NAD N . -35.18 -0.35 4.03
O1N NAD N . -33.99 0.42 3.93
O2N NAD N . -35.61 -1.12 2.98
O5D NAD N . -35.08 -1.17 5.37
C5D NAD N . -35.86 -2.28 5.63
C4D NAD N . -35.26 -3.24 6.66
O4D NAD N . -34.03 -3.60 6.16
C3D NAD N . -34.99 -2.57 7.98
O3D NAD N . -35.18 -3.46 9.05
C2D NAD N . -33.54 -2.23 7.86
O2D NAD N . -32.92 -2.02 9.08
C1D NAD N . -33.03 -3.44 7.11
N1N NAD N . -31.77 -3.20 6.46
C2N NAD N . -30.72 -3.94 6.72
C3N NAD N . -29.50 -3.70 6.16
C7N NAD N . -28.30 -4.53 6.49
O7N NAD N . -27.24 -4.10 6.26
N7N NAD N . -28.50 -5.71 6.99
C4N NAD N . -29.39 -2.68 5.25
C5N NAD N . -30.51 -1.95 4.94
C6N NAD N . -31.69 -2.24 5.59
C1 GOL O . -2.26 6.07 -1.30
O1 GOL O . -2.30 5.63 0.07
C2 GOL O . -2.52 4.78 -2.01
O2 GOL O . -3.85 4.28 -1.85
C3 GOL O . -2.28 4.85 -3.45
O3 GOL O . -1.85 3.53 -3.70
C1 GOL P . -21.08 -14.81 -7.71
O1 GOL P . -21.53 -13.49 -7.38
C2 GOL P . -22.39 -15.42 -8.24
O2 GOL P . -22.87 -14.73 -9.42
C3 GOL P . -23.32 -15.31 -7.00
O3 GOL P . -24.59 -15.05 -7.52
C1 GOL Q . -4.57 4.04 13.92
O1 GOL Q . -3.40 4.75 14.25
C2 GOL Q . -4.50 3.15 15.17
O2 GOL Q . -3.25 3.31 15.87
C3 GOL Q . -4.97 1.73 15.06
O3 GOL Q . -4.33 1.15 16.16
S SO4 R . -9.92 23.52 15.34
O1 SO4 R . -11.28 24.05 15.53
O2 SO4 R . -8.99 24.56 15.76
O3 SO4 R . -9.54 22.34 16.14
O4 SO4 R . -9.73 23.21 13.94
PA NAD S . 21.07 23.80 -13.89
O1A NAD S . 20.71 24.12 -15.23
O2A NAD S . 20.12 24.21 -12.93
O5B NAD S . 22.44 24.42 -13.51
C5B NAD S . 23.55 24.33 -14.33
C4B NAD S . 24.42 25.52 -14.03
O4B NAD S . 25.61 25.37 -14.70
C3B NAD S . 23.83 26.83 -14.53
O3B NAD S . 23.80 27.80 -13.48
C2B NAD S . 24.70 27.21 -15.71
O2B NAD S . 24.75 28.60 -15.94
C1B NAD S . 26.01 26.60 -15.27
N9A NAD S . 27.04 26.39 -16.29
C8A NAD S . 26.86 25.90 -17.51
N7A NAD S . 28.01 25.74 -18.15
C5A NAD S . 28.94 26.11 -17.30
C6A NAD S . 30.38 26.19 -17.35
N6A NAD S . 31.00 25.84 -18.48
N1A NAD S . 30.97 26.62 -16.26
C2A NAD S . 30.32 26.97 -15.21
N3A NAD S . 29.03 26.93 -15.06
C4A NAD S . 28.30 26.53 -16.08
O3 NAD S . 21.30 22.25 -13.86
PN NAD S . 21.45 21.32 -12.62
O1N NAD S . 20.27 20.54 -12.47
O2N NAD S . 22.02 21.98 -11.50
O5D NAD S . 22.47 20.30 -13.22
C5D NAD S . 23.84 20.45 -13.12
C4D NAD S . 24.60 19.13 -13.23
O4D NAD S . 24.19 18.33 -12.15
C3D NAD S . 24.23 18.29 -14.43
O3D NAD S . 25.38 17.59 -14.81
C2D NAD S . 23.20 17.32 -13.91
O2D NAD S . 23.27 16.11 -14.65
C1D NAD S . 23.72 17.08 -12.53
N1N NAD S . 22.67 16.57 -11.65
C2N NAD S . 22.79 15.42 -11.05
C3N NAD S . 21.79 14.96 -10.24
C7N NAD S . 21.91 13.63 -9.61
O7N NAD S . 20.90 13.15 -9.20
N7N NAD S . 23.11 13.14 -9.55
C4N NAD S . 20.66 15.73 -10.03
C5N NAD S . 20.56 16.95 -10.64
C6N NAD S . 21.59 17.32 -11.44
C1 CBU T . 17.28 13.52 -14.35
C2 CBU T . 17.67 12.50 -13.21
C3 CBU T . 18.52 13.21 -12.03
C4 CBU T . 19.82 13.96 -12.68
C5 CBU T . 19.12 14.93 -13.73
C6 CBU T . 18.52 14.28 -15.00
O1 CBU T . 16.64 12.83 -15.35
O2 CBU T . 16.56 11.99 -12.58
O3 CBU T . 18.96 12.22 -11.15
O4 CBU T . 20.59 13.03 -13.33
O6 CBU T . 18.05 15.28 -15.86
OXT CBU T . 18.45 16.08 -13.41
C1 GOL U . 46.41 25.18 -8.12
O1 GOL U . 45.39 25.98 -7.56
C2 GOL U . 46.98 24.30 -7.05
O2 GOL U . 46.01 23.71 -6.20
C3 GOL U . 47.70 23.23 -7.87
O3 GOL U . 48.08 22.47 -6.78
C1 GOL V . 31.22 3.57 -1.89
O1 GOL V . 32.14 3.83 -0.84
C2 GOL V . 29.83 3.37 -1.24
O2 GOL V . 29.87 2.13 -0.53
C3 GOL V . 28.82 3.31 -2.38
O3 GOL V . 29.25 2.34 -3.29
S SO4 W . 29.60 -1.26 -2.12
O1 SO4 W . 28.58 -0.36 -2.65
O2 SO4 W . 29.08 -1.92 -0.95
O3 SO4 W . 30.71 -0.42 -1.75
O4 SO4 W . 30.09 -2.25 -3.05
#